data_8GZ2
#
_entry.id   8GZ2
#
_cell.length_a   1.00
_cell.length_b   1.00
_cell.length_c   1.00
_cell.angle_alpha   90.00
_cell.angle_beta   90.00
_cell.angle_gamma   90.00
#
_symmetry.space_group_name_H-M   'P 1'
#
loop_
_entity.id
_entity.type
_entity.pdbx_description
1 polymer 'Sodium channel subunit beta-1'
2 polymer 'Sodium channel protein type 8 subunit alpha'
3 polymer 'Sodium channel subunit beta-2'
4 branched beta-D-mannopyranose-(1-4)-2-acetamido-2-deoxy-beta-D-glucopyranose-(1-4)-2-acetamido-2-deoxy-beta-D-glucopyranose
5 non-polymer 2-acetamido-2-deoxy-beta-D-glucopyranose
6 non-polymer '(1R,2S,3S,4R,5R,9S,11S,12S,14R)-7-amino-2,4,12-trihydroxy-2-(hydroxymethyl)-10,13,15-trioxa-6,8-diazapentacyclo[7.4.1.1~3,12~.0~5,11~.0~5,14~]pentadec-7-en-8-ium (non-preferred name)'
#
loop_
_entity_poly.entity_id
_entity_poly.type
_entity_poly.pdbx_seq_one_letter_code
_entity_poly.pdbx_strand_id
1 'polypeptide(L)'
;MGRLLALVVGAALVSSACGGCVEVDSETEAVYGMTFKILCISCKRRSETNAETFTEWTFRQKGTEEFVKILRYENEVLQL
EEDERFEGRVVWNGSRGTKDLQDLSIFITNVTYNHSGDYECHVYRLLFFENYEHNTSVVKKIHIEVVDKANRDMASIVSE
IMMYVLIVVLTIWLVAEMIYCYKKIAAATETAAQENASEYLAITSESKENCTGVQVAE
;
D
2 'polypeptide(L)'
;MAARLLAPPGPDSFKPFTPESLANIERRIAESKLKKPPKADGSHREDDEDSKPKPNSDLEAGKSLPFIYGDIPQGLVAVP
LEDFDPYYLTQKTFVVLNRGKTLFRFSATPALYILSPFNLIRRIAIKILIHSVFSMIIMCTILTNCVFMTFSNPPDWSKN
VEYTFTGIYTFESLVKIIARGFCIDGFTFLRDPWNWLDFSVIMMAYITEFVNLGNVSALRTFRVLRALKTISVIPGLKTI
VGALIQSVKKLSDVMILTVFCLSVFALIGLQLFMGNLRNKCVVWPINFNESYLENGTKGFDWEEYINNKTNFYTVPGMLE
PLLCGNSSDAGQCPEGYQCMKAGRNPNYGYTSFDTFSWAFLALFRLMTQDYWENLYQLTLRAAGKTYMIFFVLVIFVGSF
YLVNLILAVVAMAYEEQNQATLEEAEQKEAEFKAMLEQLKKQQEEAQAAAMATSAGTVSEDAIEEEGEEGGGSPRSSSEI
SKLSSKSAKERRNRRKKRKQKELSEGEEKGDPEKVFKSESEDGMRRKAFRLPDNRIGRKFSIMNQSLLSIPGSPFLSRHN
SKSSIFSFRGPGRFRDPGSENEFADDEHSTVEESEGRRDSLFIPIRARERRSSYSGYSGYSQGSRSSRIFPSLRRSVKRN
STVDCNGVVSLIGGPGSHIGGRLLPEATTEVEIKKKGPGSLLVSMDQLASYGRKDRINSIMSVVTNTLVEELEESQRKCP
PCWYKFANTFLIWECHPYWIKLKEIVNLIVMDPFVDLAITICIVLNTLFMAMEHHPMTPQFEHVLAVGNLVFTGIFTAEM
FLKLIAMDPYYYFQEGWNIFDGFIVSLSLMELSLADVEGLSVLRSFRLLRVFKLAKSWPTLNMLIKIIGNSVGALGNLTL
VLAIIVFIFAVVGMQLFGKSYKECVCKINQDCELPRWHMHDFFHSFLIVFRVLCGEWIETMWDCMEVAGQAMCLIVFMMV
MVIGNLVVLNLFLALLLSSFSADNLAATDDDGEMNNLQISVIRIKKGVAWTKLKVHAFMQAHFKQREADEVKPLDELYEK
KANCIANHTGADIHRNGDFQKNGNGTTSGIGSSVEKYIIDEDHMSFINNPNLTVRVPIAVGESDFENLNTEDVSSESDPE
GSKDKLDDTSSSEGSTIDIKPEVEEVPVEQPEEYLDPDACFTEGCVQRFKCCQVNIEEGLGKSWWILRKTCFLIVEHNWF
ETFIIFMILLSSGALAFEDIYIEQRKTIRTILEYADKVFTYIFILEMLLKWTAYGFVKFFTNAWCWLDFLIVAVSLVSLI
ANALGYSELGAIKSLRTLRALRPLRALSRFEGMRVVVNALVGAIPSIMNVLLVCLIFWLIFSIMGVNLFAGKYHYCFNET
SEIRFEIEDVNNKTECEKLMEGNNTEIRWKNVKINFDNVGAGYLALLQVATFKGWMDIMYAAVDSRKPDEQPKYEDNIYM
YIYFVIFIIFGSFFTLNLFIGVIIDNFNQQKKKFGGQDIFMTEEQKKYYNAMKKLGSKKPQKPIPRPLNKIQGIVFDFVT
QQAFDIVIMMLICLNMVTMMVETDTQSKQMENILYWINLVFVIFFTCECVLKMFALRHYYFTIGWNIFDFVVVILSIVGM
FLADIIEKYFVSPTLFRVIRLARIGRILRLIKGAKGIRTLLFALMMSLPALFNIGLLLFLVMFIFSIFGMSNFAYVKHEA
GIDDMFNFETFGNSMICLFQITTSAGWDGLLLPILNRPPDCSLDKEHPGSGFKGDCGNPSVGIFFFVSYIIISFLIVVNM
YIAIILENFSVATEESADPLSEDDFETFYEIWEKFDPDATQFIEYCKLADFADALEHPLRVPKPNTIELIAMDLPMVSGD
RIHCLDILFAFTKRVLGDSGELDILRQQMEERFVASNPSKVSYEPITTTLRRKQEEVSAVVLQRAYRGHLARRGFICKKT
TSNKLENGGTHREKKESTPSTASLPSYDSVTKPEKEKQQRAEEGRRERAKRQKEVRESKC
;
B
3 'polypeptide(L)'
;MHRDAWLPRPAFSLTGLSLFFSLVPPGRSMEVTVPATLNVLNGSDARLPCTFNSCYTVNHKQFSLNWTYQECNNCSEEMF
LQFRMKIINLKLERFQDRVEFSGNPSKYDVSVMLRNVQPEDEGIYNCYIMNPPDRHRGHGKIHLQVLMEEPPERDSTVAV
IVGASVGGFLAVVILVLMVVKCVRRKKEQKLSTDDLKTEEEGKTDGEGNPDDGAK
;
C
#
# COMPACT_ATOMS: atom_id res chain seq x y z
N GLY A 20 26.79 6.89 -5.89
CA GLY A 20 28.05 6.18 -6.03
C GLY A 20 28.43 5.93 -7.48
N CYS A 21 27.44 5.64 -8.31
CA CYS A 21 27.68 5.35 -9.73
C CYS A 21 27.54 6.60 -10.57
N VAL A 22 28.68 7.25 -10.78
CA VAL A 22 28.87 8.16 -11.90
C VAL A 22 30.22 7.76 -12.50
N GLU A 23 30.20 6.82 -13.43
CA GLU A 23 31.42 6.37 -14.10
C GLU A 23 31.72 7.36 -15.23
N VAL A 24 32.79 8.11 -15.08
CA VAL A 24 33.17 9.15 -16.02
C VAL A 24 34.62 8.93 -16.44
N ASP A 25 34.87 9.02 -17.74
CA ASP A 25 36.23 8.99 -18.24
C ASP A 25 36.98 10.23 -17.79
N SER A 26 38.30 10.14 -17.76
CA SER A 26 39.10 11.32 -17.48
C SER A 26 39.11 12.22 -18.71
N GLU A 27 39.80 13.35 -18.59
CA GLU A 27 39.94 14.24 -19.72
C GLU A 27 41.21 13.90 -20.49
N THR A 28 41.17 14.11 -21.80
CA THR A 28 42.26 13.72 -22.66
C THR A 28 43.17 14.89 -23.04
N GLU A 29 43.06 16.03 -22.35
CA GLU A 29 43.92 17.17 -22.60
C GLU A 29 44.50 17.65 -21.27
N ALA A 30 45.81 17.86 -21.24
CA ALA A 30 46.46 18.46 -20.09
C ALA A 30 47.32 19.61 -20.57
N VAL A 31 47.28 20.73 -19.84
CA VAL A 31 48.01 21.93 -20.21
C VAL A 31 49.27 22.04 -19.37
N TYR A 32 50.39 22.37 -20.00
CA TYR A 32 51.69 22.33 -19.36
C TYR A 32 51.77 23.31 -18.19
N GLY A 33 52.50 22.91 -17.16
CA GLY A 33 52.89 23.77 -16.06
C GLY A 33 51.91 23.82 -14.90
N MET A 34 50.63 23.63 -15.14
CA MET A 34 49.65 23.56 -14.07
C MET A 34 49.18 22.12 -13.88
N THR A 35 48.16 21.95 -13.05
CA THR A 35 47.78 20.64 -12.54
C THR A 35 46.75 19.95 -13.44
N PHE A 36 46.76 18.62 -13.37
CA PHE A 36 45.78 17.80 -14.09
C PHE A 36 45.21 16.74 -13.15
N LYS A 37 44.00 16.31 -13.45
CA LYS A 37 43.23 15.39 -12.59
C LYS A 37 42.96 14.11 -13.38
N ILE A 38 43.79 13.09 -13.18
CA ILE A 38 43.56 11.79 -13.81
C ILE A 38 42.40 11.10 -13.11
N LEU A 39 41.43 10.66 -13.89
CA LEU A 39 40.15 10.21 -13.37
C LEU A 39 39.84 8.78 -13.83
N CYS A 40 39.50 7.92 -12.87
CA CYS A 40 39.07 6.54 -13.18
C CYS A 40 38.06 6.13 -12.11
N ILE A 41 36.83 5.84 -12.45
CA ILE A 41 35.90 5.48 -11.34
C ILE A 41 35.33 4.11 -11.65
N SER A 42 35.76 3.08 -10.92
CA SER A 42 35.20 1.72 -11.09
C SER A 42 34.03 1.66 -10.14
N CYS A 43 32.82 1.41 -10.62
CA CYS A 43 31.66 1.46 -9.70
C CYS A 43 31.13 0.07 -9.43
N LYS A 44 30.97 -0.29 -8.15
CA LYS A 44 30.43 -1.62 -7.74
C LYS A 44 29.03 -1.76 -8.33
N ARG A 45 28.56 -2.98 -8.61
CA ARG A 45 27.24 -3.08 -9.28
C ARG A 45 26.16 -2.91 -8.23
N ARG A 46 26.48 -3.18 -6.97
CA ARG A 46 25.54 -3.05 -5.91
C ARG A 46 26.33 -2.41 -4.88
N SER A 47 25.91 -1.27 -4.38
CA SER A 47 26.71 -0.51 -3.47
C SER A 47 26.83 -0.90 -2.05
N GLU A 48 25.90 -1.64 -1.52
CA GLU A 48 26.02 -2.15 -0.17
C GLU A 48 27.25 -2.97 0.01
N THR A 49 27.54 -3.90 -0.89
CA THR A 49 28.68 -4.79 -0.73
C THR A 49 29.91 -4.02 -0.25
N ASN A 50 30.53 -4.53 0.80
CA ASN A 50 31.74 -3.91 1.32
C ASN A 50 32.96 -4.72 0.89
N ALA A 51 33.92 -4.03 0.26
CA ALA A 51 35.04 -4.69 -0.38
C ALA A 51 36.34 -4.04 0.04
N GLU A 52 37.42 -4.81 -0.04
CA GLU A 52 38.77 -4.32 0.23
C GLU A 52 39.49 -4.21 -1.11
N THR A 53 39.76 -2.98 -1.54
CA THR A 53 40.18 -2.70 -2.90
C THR A 53 41.52 -2.00 -2.92
N PHE A 54 42.33 -2.34 -3.91
CA PHE A 54 43.61 -1.68 -4.14
C PHE A 54 43.83 -1.62 -5.64
N THR A 55 44.76 -0.76 -6.05
CA THR A 55 44.90 -0.42 -7.45
C THR A 55 46.36 -0.34 -7.87
N GLU A 56 46.56 -0.45 -9.19
CA GLU A 56 47.83 -0.17 -9.83
C GLU A 56 47.58 0.67 -11.08
N TRP A 57 48.50 1.59 -11.34
CA TRP A 57 48.42 2.45 -12.52
C TRP A 57 49.57 2.09 -13.44
N THR A 58 49.25 1.72 -14.67
CA THR A 58 50.25 1.38 -15.68
C THR A 58 50.36 2.52 -16.68
N PHE A 59 51.60 2.84 -17.05
CA PHE A 59 51.86 4.04 -17.83
C PHE A 59 52.93 3.76 -18.87
N ARG A 60 52.73 4.31 -20.07
CA ARG A 60 53.74 4.29 -21.13
C ARG A 60 53.64 5.59 -21.91
N GLN A 61 54.80 6.11 -22.30
CA GLN A 61 54.84 7.36 -23.06
C GLN A 61 54.39 7.11 -24.50
N LYS A 62 54.19 8.21 -25.22
CA LYS A 62 53.86 8.13 -26.64
C LYS A 62 55.06 7.60 -27.42
N GLY A 63 54.81 6.64 -28.31
CA GLY A 63 55.88 6.04 -29.10
C GLY A 63 56.95 5.39 -28.24
N THR A 64 56.53 4.59 -27.27
CA THR A 64 57.43 3.99 -26.31
C THR A 64 56.99 2.54 -26.09
N GLU A 65 57.79 1.80 -25.32
CA GLU A 65 57.55 0.37 -25.10
C GLU A 65 56.38 0.19 -24.13
N GLU A 66 56.16 -1.06 -23.69
CA GLU A 66 54.98 -1.41 -22.92
C GLU A 66 54.89 -0.66 -21.60
N PHE A 67 53.75 -0.77 -20.93
CA PHE A 67 53.47 0.05 -19.76
C PHE A 67 54.38 -0.33 -18.60
N VAL A 68 54.55 0.63 -17.68
CA VAL A 68 55.28 0.43 -16.44
C VAL A 68 54.41 0.97 -15.31
N LYS A 69 54.28 0.19 -14.23
CA LYS A 69 53.51 0.65 -13.09
C LYS A 69 54.18 1.87 -12.47
N ILE A 70 53.36 2.79 -11.96
CA ILE A 70 53.86 4.05 -11.41
C ILE A 70 53.43 4.23 -9.96
N LEU A 71 52.16 3.98 -9.65
CA LEU A 71 51.65 4.20 -8.30
C LEU A 71 50.74 3.05 -7.91
N ARG A 72 50.96 2.54 -6.70
CA ARG A 72 50.13 1.49 -6.13
C ARG A 72 49.54 1.97 -4.82
N TYR A 73 48.22 2.15 -4.80
CA TYR A 73 47.49 2.58 -3.62
C TYR A 73 46.75 1.39 -3.05
N GLU A 74 47.19 0.91 -1.88
CA GLU A 74 46.57 -0.26 -1.25
C GLU A 74 46.03 0.12 0.11
N ASN A 75 44.84 0.74 0.12
CA ASN A 75 43.93 0.80 1.24
C ASN A 75 44.39 1.65 2.41
N GLU A 76 45.67 2.04 2.46
CA GLU A 76 46.11 2.93 3.51
C GLU A 76 47.03 4.06 3.06
N VAL A 77 47.81 3.88 2.00
CA VAL A 77 48.90 4.80 1.66
C VAL A 77 49.23 4.63 0.18
N LEU A 78 49.79 5.67 -0.41
CA LEU A 78 50.15 5.68 -1.82
C LEU A 78 51.65 5.47 -1.96
N GLN A 79 52.03 4.29 -2.46
CA GLN A 79 53.42 3.98 -2.77
C GLN A 79 53.61 4.15 -4.27
N LEU A 80 54.51 5.05 -4.66
CA LEU A 80 54.78 5.34 -6.05
C LEU A 80 56.13 4.76 -6.44
N GLU A 81 56.24 4.31 -7.69
CA GLU A 81 57.51 3.79 -8.18
C GLU A 81 58.53 4.92 -8.27
N GLU A 82 59.81 4.54 -8.20
CA GLU A 82 60.90 5.49 -8.05
C GLU A 82 61.29 6.16 -9.38
N ASP A 83 60.43 6.08 -10.39
CA ASP A 83 60.67 6.79 -11.63
C ASP A 83 60.68 8.29 -11.38
N GLU A 84 61.67 8.97 -11.97
CA GLU A 84 61.76 10.41 -11.83
C GLU A 84 60.67 11.14 -12.60
N ARG A 85 59.99 10.46 -13.53
CA ARG A 85 58.95 11.08 -14.33
C ARG A 85 57.72 11.47 -13.51
N PHE A 86 57.60 10.98 -12.27
CA PHE A 86 56.43 11.28 -11.45
C PHE A 86 56.76 11.61 -10.00
N GLU A 87 58.03 11.55 -9.60
CA GLU A 87 58.37 11.74 -8.19
C GLU A 87 58.12 13.18 -7.77
N GLY A 88 57.58 13.34 -6.56
CA GLY A 88 57.38 14.65 -5.97
C GLY A 88 56.38 15.53 -6.71
N ARG A 89 55.64 14.96 -7.65
CA ARG A 89 54.67 15.72 -8.41
C ARG A 89 53.38 14.97 -8.69
N VAL A 90 53.12 13.86 -8.01
CA VAL A 90 51.87 13.11 -8.16
C VAL A 90 51.25 12.93 -6.79
N VAL A 91 49.95 13.19 -6.69
CA VAL A 91 49.20 13.10 -5.45
C VAL A 91 47.90 12.37 -5.74
N TRP A 92 47.38 11.69 -4.73
CA TRP A 92 46.22 10.81 -4.87
C TRP A 92 44.95 11.56 -4.49
N ASN A 93 43.96 11.57 -5.38
CA ASN A 93 42.67 12.18 -5.12
C ASN A 93 41.52 11.20 -5.25
N GLY A 94 41.66 10.01 -4.68
CA GLY A 94 40.58 9.06 -4.59
C GLY A 94 39.82 9.17 -3.28
N SER A 95 39.02 8.14 -3.01
CA SER A 95 38.32 8.09 -1.73
C SER A 95 39.33 8.03 -0.59
N ARG A 96 39.12 8.86 0.41
CA ARG A 96 40.11 9.08 1.47
C ARG A 96 39.87 8.09 2.61
N GLY A 97 40.76 7.10 2.72
CA GLY A 97 40.83 6.26 3.89
C GLY A 97 39.58 5.48 4.25
N THR A 98 38.98 4.79 3.28
CA THR A 98 37.78 4.00 3.52
C THR A 98 37.97 2.52 3.25
N LYS A 99 39.11 2.11 2.67
CA LYS A 99 39.46 0.72 2.37
C LYS A 99 38.58 0.14 1.26
N ASP A 100 37.56 0.86 0.81
CA ASP A 100 36.71 0.47 -0.31
C ASP A 100 36.76 1.63 -1.29
N LEU A 101 37.76 1.60 -2.19
CA LEU A 101 38.15 2.81 -2.90
C LEU A 101 36.99 3.39 -3.69
N GLN A 102 36.54 2.70 -4.75
CA GLN A 102 35.37 3.07 -5.53
C GLN A 102 35.61 4.39 -6.27
N ASP A 103 36.71 5.09 -6.00
CA ASP A 103 37.05 6.36 -6.63
C ASP A 103 38.56 6.34 -6.85
N LEU A 104 38.98 6.17 -8.09
CA LEU A 104 40.38 5.89 -8.40
C LEU A 104 40.90 7.07 -9.23
N SER A 105 41.42 8.10 -8.56
CA SER A 105 41.80 9.32 -9.24
C SER A 105 43.22 9.71 -8.86
N ILE A 106 44.04 9.95 -9.87
CA ILE A 106 45.41 10.43 -9.70
C ILE A 106 45.45 11.93 -10.01
N PHE A 107 46.22 12.67 -9.22
CA PHE A 107 46.40 14.10 -9.43
C PHE A 107 47.85 14.35 -9.79
N ILE A 108 48.08 15.05 -10.90
CA ILE A 108 49.41 15.44 -11.33
C ILE A 108 49.58 16.94 -11.14
N THR A 109 50.63 17.32 -10.42
CA THR A 109 50.99 18.71 -10.24
C THR A 109 52.21 19.03 -11.12
N ASN A 110 52.18 20.19 -11.76
CA ASN A 110 53.25 20.63 -12.66
C ASN A 110 53.43 19.64 -13.81
N VAL A 111 52.36 19.52 -14.61
CA VAL A 111 52.37 18.66 -15.77
C VAL A 111 53.50 19.03 -16.71
N THR A 112 54.25 18.02 -17.16
CA THR A 112 55.31 18.19 -18.14
C THR A 112 54.87 17.62 -19.48
N TYR A 113 55.77 17.68 -20.45
CA TYR A 113 55.50 17.07 -21.75
C TYR A 113 55.65 15.56 -21.71
N ASN A 114 56.39 15.03 -20.73
CA ASN A 114 56.54 13.59 -20.60
C ASN A 114 55.23 12.89 -20.30
N HIS A 115 54.37 13.50 -19.48
CA HIS A 115 53.16 12.84 -19.01
C HIS A 115 52.09 12.80 -20.07
N SER A 116 52.38 12.17 -21.19
CA SER A 116 51.39 11.88 -22.22
C SER A 116 51.43 10.39 -22.51
N GLY A 117 50.66 9.98 -23.51
CA GLY A 117 50.63 8.58 -23.89
C GLY A 117 49.40 7.85 -23.38
N ASP A 118 49.60 6.71 -22.73
CA ASP A 118 48.50 5.85 -22.32
C ASP A 118 48.58 5.58 -20.83
N TYR A 119 47.46 5.81 -20.15
CA TYR A 119 47.28 5.43 -18.76
C TYR A 119 46.24 4.32 -18.68
N GLU A 120 46.46 3.38 -17.77
CA GLU A 120 45.50 2.31 -17.53
C GLU A 120 45.40 2.10 -16.03
N CYS A 121 44.21 2.31 -15.48
CA CYS A 121 43.97 2.11 -14.05
C CYS A 121 43.55 0.66 -13.82
N HIS A 122 44.41 -0.10 -13.16
CA HIS A 122 44.12 -1.47 -12.78
C HIS A 122 43.55 -1.46 -11.39
N VAL A 123 42.31 -1.95 -11.24
CA VAL A 123 41.64 -1.97 -9.95
C VAL A 123 41.32 -3.42 -9.61
N TYR A 124 41.68 -3.83 -8.40
CA TYR A 124 41.50 -5.20 -7.93
C TYR A 124 40.62 -5.17 -6.69
N ARG A 125 39.47 -5.83 -6.77
CA ARG A 125 38.48 -5.80 -5.70
C ARG A 125 38.39 -7.15 -5.03
N LEU A 126 38.19 -7.12 -3.71
CA LEU A 126 37.93 -8.33 -2.93
C LEU A 126 36.60 -8.10 -2.21
N LEU A 127 35.51 -8.42 -2.90
CA LEU A 127 34.19 -8.21 -2.31
C LEU A 127 33.93 -9.23 -1.22
N PHE A 128 33.36 -8.77 -0.11
CA PHE A 128 33.02 -9.62 1.01
C PHE A 128 31.53 -9.89 1.01
N PHE A 129 31.16 -11.16 1.16
CA PHE A 129 29.77 -11.55 1.20
C PHE A 129 29.51 -12.34 2.48
N GLU A 130 28.33 -12.97 2.57
CA GLU A 130 27.93 -13.69 3.77
C GLU A 130 29.02 -14.67 4.20
N ASN A 131 29.35 -15.63 3.33
CA ASN A 131 30.42 -16.58 3.60
C ASN A 131 31.24 -16.85 2.35
N TYR A 132 31.38 -15.86 1.48
CA TYR A 132 31.86 -16.06 0.11
C TYR A 132 32.69 -14.88 -0.36
N GLU A 133 34.01 -15.02 -0.27
CA GLU A 133 34.93 -14.03 -0.82
C GLU A 133 34.93 -14.12 -2.35
N HIS A 134 35.34 -13.01 -2.98
CA HIS A 134 35.46 -12.97 -4.43
C HIS A 134 36.51 -11.94 -4.81
N ASN A 135 37.40 -12.31 -5.73
CA ASN A 135 38.47 -11.44 -6.19
C ASN A 135 38.19 -11.06 -7.64
N THR A 136 38.19 -9.76 -7.92
CA THR A 136 37.78 -9.24 -9.22
C THR A 136 38.82 -8.23 -9.70
N SER A 137 38.88 -8.05 -11.01
CA SER A 137 39.79 -7.10 -11.62
C SER A 137 39.10 -6.39 -12.77
N VAL A 138 39.23 -5.07 -12.81
CA VAL A 138 38.70 -4.24 -13.89
C VAL A 138 39.82 -3.32 -14.35
N VAL A 139 39.96 -3.15 -15.66
CA VAL A 139 41.00 -2.31 -16.25
C VAL A 139 40.35 -1.30 -17.18
N LYS A 140 40.52 -0.02 -16.85
CA LYS A 140 40.02 1.07 -17.68
C LYS A 140 41.20 1.79 -18.32
N LYS A 141 41.09 2.06 -19.61
CA LYS A 141 42.15 2.67 -20.39
C LYS A 141 41.81 4.12 -20.66
N ILE A 142 42.75 5.02 -20.39
CA ILE A 142 42.58 6.44 -20.63
C ILE A 142 43.83 6.97 -21.32
N HIS A 143 43.64 7.67 -22.44
CA HIS A 143 44.73 8.25 -23.20
C HIS A 143 44.68 9.76 -23.11
N ILE A 144 45.76 10.37 -22.63
CA ILE A 144 45.84 11.82 -22.48
C ILE A 144 46.95 12.35 -23.38
N GLU A 145 46.82 13.61 -23.77
CA GLU A 145 47.81 14.30 -24.57
C GLU A 145 48.04 15.68 -23.96
N VAL A 146 49.30 16.07 -23.84
CA VAL A 146 49.69 17.30 -23.17
C VAL A 146 49.88 18.40 -24.20
N VAL A 147 49.23 19.54 -23.98
CA VAL A 147 49.38 20.74 -24.78
C VAL A 147 49.89 21.86 -23.88
N ASP A 148 50.10 23.03 -24.47
CA ASP A 148 50.46 24.23 -23.73
C ASP A 148 49.35 25.27 -23.68
N LYS A 149 48.66 25.46 -24.80
CA LYS A 149 47.44 26.27 -24.82
C LYS A 149 46.25 25.34 -24.66
N ALA A 150 45.32 25.73 -23.79
CA ALA A 150 44.16 24.89 -23.54
C ALA A 150 43.25 24.88 -24.75
N ASN A 151 43.34 23.83 -25.56
CA ASN A 151 42.49 23.71 -26.74
C ASN A 151 41.08 23.42 -26.27
N ARG A 152 40.39 24.50 -25.91
CA ARG A 152 39.02 24.47 -25.43
C ARG A 152 38.07 23.89 -26.48
N ASP A 153 37.15 23.04 -26.03
CA ASP A 153 36.55 22.01 -26.86
C ASP A 153 35.63 22.57 -27.97
N MET A 154 35.23 21.66 -28.86
CA MET A 154 34.43 21.99 -30.03
C MET A 154 32.94 22.08 -29.72
N ALA A 155 32.45 21.23 -28.81
CA ALA A 155 31.03 21.25 -28.49
C ALA A 155 30.62 22.60 -27.93
N SER A 156 31.41 23.14 -27.01
CA SER A 156 31.01 24.39 -26.39
C SER A 156 31.09 25.54 -27.40
N ILE A 157 32.10 25.53 -28.27
CA ILE A 157 32.20 26.60 -29.26
C ILE A 157 31.04 26.53 -30.25
N VAL A 158 30.75 25.34 -30.78
CA VAL A 158 29.65 25.22 -31.72
C VAL A 158 28.33 25.55 -31.04
N SER A 159 28.24 25.30 -29.72
CA SER A 159 27.04 25.69 -28.99
C SER A 159 26.94 27.19 -28.86
N GLU A 160 28.06 27.90 -28.72
CA GLU A 160 28.00 29.36 -28.67
C GLU A 160 27.56 29.94 -30.01
N ILE A 161 28.14 29.45 -31.11
CA ILE A 161 27.67 29.92 -32.42
C ILE A 161 26.20 29.57 -32.62
N MET A 162 25.77 28.40 -32.15
CA MET A 162 24.36 28.03 -32.24
C MET A 162 23.49 29.00 -31.47
N MET A 163 23.88 29.32 -30.24
CA MET A 163 23.21 30.32 -29.41
C MET A 163 23.02 31.62 -30.18
N TYR A 164 24.13 32.18 -30.66
CA TYR A 164 24.08 33.48 -31.30
C TYR A 164 23.24 33.45 -32.58
N VAL A 165 23.42 32.41 -33.40
CA VAL A 165 22.68 32.36 -34.67
C VAL A 165 21.19 32.19 -34.40
N LEU A 166 20.81 31.36 -33.41
CA LEU A 166 19.40 31.20 -33.10
C LEU A 166 18.81 32.50 -32.56
N ILE A 167 19.54 33.19 -31.68
CA ILE A 167 19.01 34.44 -31.13
C ILE A 167 18.80 35.44 -32.26
N VAL A 168 19.79 35.57 -33.14
CA VAL A 168 19.69 36.53 -34.23
C VAL A 168 18.56 36.14 -35.20
N VAL A 169 18.43 34.85 -35.52
CA VAL A 169 17.43 34.45 -36.50
C VAL A 169 16.02 34.61 -35.94
N LEU A 170 15.83 34.32 -34.64
CA LEU A 170 14.51 34.56 -34.05
C LEU A 170 14.20 36.06 -33.99
N THR A 171 15.19 36.89 -33.65
CA THR A 171 14.94 38.34 -33.68
C THR A 171 14.59 38.81 -35.09
N ILE A 172 15.29 38.28 -36.10
CA ILE A 172 15.00 38.66 -37.48
C ILE A 172 13.61 38.22 -37.90
N TRP A 173 13.22 37.00 -37.50
CA TRP A 173 11.87 36.53 -37.78
C TRP A 173 10.84 37.46 -37.15
N LEU A 174 11.06 37.85 -35.90
CA LEU A 174 10.12 38.74 -35.22
C LEU A 174 10.02 40.08 -35.94
N VAL A 175 11.16 40.67 -36.30
CA VAL A 175 11.14 41.97 -36.95
C VAL A 175 10.46 41.88 -38.30
N ALA A 176 10.76 40.83 -39.08
CA ALA A 176 10.13 40.67 -40.38
C ALA A 176 8.62 40.51 -40.25
N GLU A 177 8.18 39.67 -39.32
CA GLU A 177 6.75 39.49 -39.12
C GLU A 177 6.07 40.78 -38.69
N MET A 178 6.70 41.53 -37.79
CA MET A 178 6.03 42.74 -37.30
C MET A 178 6.03 43.85 -38.35
N ILE A 179 7.09 43.97 -39.17
CA ILE A 179 7.04 44.96 -40.24
C ILE A 179 6.00 44.56 -41.29
N TYR A 180 5.91 43.27 -41.60
CA TYR A 180 4.89 42.82 -42.55
C TYR A 180 3.49 43.12 -42.04
N CYS A 181 3.23 42.80 -40.77
CA CYS A 181 1.92 43.07 -40.19
C CYS A 181 1.64 44.57 -40.14
N TYR A 182 2.65 45.37 -39.79
CA TYR A 182 2.49 46.82 -39.76
C TYR A 182 2.11 47.36 -41.12
N LYS A 183 2.84 46.95 -42.16
CA LYS A 183 2.52 47.43 -43.50
C LYS A 183 1.13 46.99 -43.94
N LYS A 184 0.80 45.72 -43.71
CA LYS A 184 -0.50 45.22 -44.11
C LYS A 184 -1.64 45.96 -43.42
N ILE A 185 -1.49 46.22 -42.12
CA ILE A 185 -2.62 46.79 -41.40
C ILE A 185 -2.67 48.30 -41.59
N ALA A 186 -1.54 48.95 -41.88
CA ALA A 186 -1.58 50.35 -42.28
C ALA A 186 -2.27 50.49 -43.63
N ALA A 187 -1.97 49.59 -44.57
CA ALA A 187 -2.68 49.60 -45.85
C ALA A 187 -4.15 49.29 -45.67
N ALA A 188 -4.50 48.48 -44.67
CA ALA A 188 -5.91 48.20 -44.40
C ALA A 188 -6.62 49.41 -43.79
N THR A 189 -5.95 50.12 -42.88
CA THR A 189 -6.57 51.26 -42.22
C THR A 189 -6.61 52.51 -43.10
N GLU A 190 -5.74 52.61 -44.10
CA GLU A 190 -5.84 53.73 -45.02
C GLU A 190 -7.04 53.62 -45.94
N THR A 191 -7.62 52.40 -46.07
CA THR A 191 -8.83 52.25 -46.87
C THR A 191 -10.00 53.02 -46.29
N ALA A 192 -10.16 52.99 -44.97
CA ALA A 192 -11.27 53.70 -44.32
C ALA A 192 -10.74 54.63 -43.23
N PHE B 106 -52.62 -10.42 18.85
CA PHE B 106 -51.38 -11.19 18.86
C PHE B 106 -51.57 -12.61 18.34
N SER B 107 -52.70 -13.23 18.68
CA SER B 107 -52.92 -14.62 18.37
C SER B 107 -52.92 -14.87 16.86
N ALA B 108 -53.94 -14.38 16.17
CA ALA B 108 -54.05 -14.46 14.70
C ALA B 108 -53.61 -15.82 14.18
N THR B 109 -54.34 -16.86 14.59
CA THR B 109 -53.93 -18.25 14.38
C THR B 109 -54.95 -18.99 13.51
N PRO B 110 -54.77 -18.95 12.18
CA PRO B 110 -55.54 -19.85 11.31
C PRO B 110 -54.83 -21.18 11.11
N ALA B 111 -53.86 -21.48 11.98
CA ALA B 111 -53.02 -22.66 11.81
C ALA B 111 -53.84 -23.94 11.76
N LEU B 112 -54.59 -24.22 12.83
CA LEU B 112 -55.44 -25.41 12.93
C LEU B 112 -54.61 -26.69 12.75
N TYR B 113 -53.69 -26.90 13.67
CA TYR B 113 -52.77 -28.03 13.65
C TYR B 113 -53.04 -28.95 14.84
N ILE B 114 -52.30 -30.07 14.88
CA ILE B 114 -52.32 -30.94 16.04
C ILE B 114 -51.94 -30.14 17.28
N LEU B 115 -52.41 -30.61 18.44
CA LEU B 115 -52.32 -29.85 19.69
C LEU B 115 -53.04 -28.51 19.53
N SER B 116 -54.37 -28.65 19.41
CA SER B 116 -55.33 -27.61 19.04
C SER B 116 -55.00 -26.25 19.65
N PRO B 117 -55.09 -25.17 18.86
CA PRO B 117 -54.68 -23.85 19.35
C PRO B 117 -55.52 -23.34 20.52
N PHE B 118 -56.58 -24.06 20.88
CA PHE B 118 -57.41 -23.71 22.02
C PHE B 118 -56.86 -24.25 23.33
N ASN B 119 -55.79 -25.04 23.28
CA ASN B 119 -55.26 -25.68 24.48
C ASN B 119 -54.65 -24.66 25.43
N LEU B 120 -54.66 -25.02 26.71
CA LEU B 120 -54.04 -24.18 27.73
C LEU B 120 -52.54 -24.09 27.53
N ILE B 121 -51.90 -25.22 27.21
CA ILE B 121 -50.45 -25.24 27.03
C ILE B 121 -50.05 -24.41 25.83
N ARG B 122 -50.76 -24.54 24.71
CA ARG B 122 -50.45 -23.75 23.52
C ARG B 122 -50.69 -22.27 23.77
N ARG B 123 -51.78 -21.93 24.45
CA ARG B 123 -52.06 -20.54 24.77
C ARG B 123 -51.01 -19.95 25.69
N ILE B 124 -50.58 -20.71 26.69
CA ILE B 124 -49.52 -20.25 27.58
C ILE B 124 -48.22 -20.04 26.81
N ALA B 125 -47.91 -20.98 25.90
CA ALA B 125 -46.70 -20.86 25.10
C ALA B 125 -46.74 -19.61 24.23
N ILE B 126 -47.88 -19.33 23.60
CA ILE B 126 -48.00 -18.13 22.78
C ILE B 126 -47.90 -16.87 23.64
N LYS B 127 -48.53 -16.89 24.82
CA LYS B 127 -48.52 -15.73 25.70
C LYS B 127 -47.09 -15.40 26.16
N ILE B 128 -46.34 -16.41 26.57
CA ILE B 128 -44.97 -16.17 27.01
C ILE B 128 -44.06 -15.87 25.82
N LEU B 129 -44.39 -16.39 24.64
CA LEU B 129 -43.50 -16.26 23.49
C LEU B 129 -43.43 -14.82 23.01
N ILE B 130 -44.59 -14.21 22.73
CA ILE B 130 -44.63 -12.81 22.31
C ILE B 130 -44.16 -11.87 23.41
N HIS B 131 -44.30 -12.27 24.68
CA HIS B 131 -44.03 -11.39 25.80
C HIS B 131 -42.59 -10.90 25.75
N SER B 132 -42.41 -9.57 25.83
CA SER B 132 -41.12 -8.95 25.55
C SER B 132 -40.05 -9.32 26.55
N VAL B 133 -40.42 -9.75 27.75
CA VAL B 133 -39.40 -10.17 28.73
C VAL B 133 -38.67 -11.40 28.22
N PHE B 134 -39.35 -12.24 27.44
CA PHE B 134 -38.69 -13.38 26.81
C PHE B 134 -37.61 -12.89 25.85
N SER B 135 -37.93 -11.89 25.03
CA SER B 135 -36.93 -11.34 24.12
C SER B 135 -35.77 -10.72 24.90
N MET B 136 -36.06 -10.04 26.01
CA MET B 136 -34.99 -9.42 26.79
C MET B 136 -34.07 -10.47 27.43
N ILE B 137 -34.64 -11.55 27.94
CA ILE B 137 -33.81 -12.58 28.56
C ILE B 137 -33.01 -13.33 27.50
N ILE B 138 -33.57 -13.48 26.29
CA ILE B 138 -32.78 -14.02 25.19
C ILE B 138 -31.65 -13.08 24.81
N MET B 139 -31.90 -11.77 24.87
CA MET B 139 -30.82 -10.81 24.63
C MET B 139 -29.69 -10.98 25.63
N CYS B 140 -30.05 -11.07 26.92
CA CYS B 140 -29.03 -11.26 27.95
C CYS B 140 -28.27 -12.56 27.72
N THR B 141 -29.00 -13.64 27.42
CA THR B 141 -28.36 -14.94 27.19
C THR B 141 -27.38 -14.87 26.03
N ILE B 142 -27.80 -14.29 24.90
CA ILE B 142 -26.93 -14.28 23.72
C ILE B 142 -25.75 -13.34 23.91
N LEU B 143 -25.93 -12.21 24.59
CA LEU B 143 -24.80 -11.33 24.84
C LEU B 143 -23.76 -12.00 25.75
N THR B 144 -24.22 -12.67 26.81
CA THR B 144 -23.26 -13.42 27.63
C THR B 144 -22.61 -14.56 26.85
N ASN B 145 -23.36 -15.18 25.95
CA ASN B 145 -22.78 -16.21 25.10
C ASN B 145 -21.69 -15.64 24.20
N CYS B 146 -21.92 -14.46 23.64
CA CYS B 146 -20.92 -13.82 22.80
C CYS B 146 -19.66 -13.47 23.61
N VAL B 147 -19.85 -12.99 24.83
CA VAL B 147 -18.69 -12.70 25.67
C VAL B 147 -17.91 -13.98 25.95
N PHE B 148 -18.61 -15.07 26.27
CA PHE B 148 -17.92 -16.32 26.56
C PHE B 148 -17.28 -16.91 25.31
N MET B 149 -17.80 -16.58 24.13
CA MET B 149 -17.14 -16.93 22.89
C MET B 149 -15.85 -16.14 22.73
N THR B 150 -15.92 -14.84 23.04
CA THR B 150 -14.72 -14.00 23.08
C THR B 150 -13.65 -14.59 23.97
N PHE B 151 -14.04 -15.21 25.08
CA PHE B 151 -13.06 -15.89 25.92
C PHE B 151 -12.29 -16.92 25.12
N SER B 152 -10.96 -16.91 25.27
CA SER B 152 -10.10 -17.71 24.41
C SER B 152 -10.05 -19.16 24.85
N ASN B 153 -9.57 -19.42 26.06
CA ASN B 153 -9.59 -20.77 26.59
C ASN B 153 -10.60 -20.83 27.73
N PRO B 154 -11.79 -21.37 27.48
CA PRO B 154 -12.85 -21.34 28.49
C PRO B 154 -12.51 -22.26 29.65
N PRO B 155 -12.30 -21.70 30.84
CA PRO B 155 -12.01 -22.54 32.00
C PRO B 155 -13.17 -23.45 32.32
N ASP B 156 -12.84 -24.62 32.87
CA ASP B 156 -13.86 -25.64 33.13
C ASP B 156 -14.91 -25.20 34.13
N TRP B 157 -14.62 -24.19 34.95
CA TRP B 157 -15.64 -23.67 35.85
C TRP B 157 -16.65 -22.78 35.14
N SER B 158 -16.60 -22.73 33.81
CA SER B 158 -17.64 -22.13 32.98
C SER B 158 -18.16 -23.10 31.93
N LYS B 159 -17.67 -24.34 31.95
CA LYS B 159 -18.22 -25.37 31.07
C LYS B 159 -19.69 -25.60 31.39
N ASN B 160 -20.04 -25.59 32.68
CA ASN B 160 -21.44 -25.70 33.08
C ASN B 160 -22.23 -24.45 32.72
N VAL B 161 -21.58 -23.28 32.67
CA VAL B 161 -22.26 -22.08 32.19
C VAL B 161 -22.61 -22.23 30.71
N GLU B 162 -21.71 -22.84 29.96
CA GLU B 162 -22.03 -23.18 28.57
C GLU B 162 -23.23 -24.11 28.48
N TYR B 163 -23.32 -25.09 29.38
CA TYR B 163 -24.49 -25.97 29.43
C TYR B 163 -25.75 -25.19 29.77
N THR B 164 -25.63 -24.22 30.67
CA THR B 164 -26.77 -23.38 31.02
C THR B 164 -27.29 -22.62 29.81
N PHE B 165 -26.38 -22.00 29.07
CA PHE B 165 -26.78 -21.31 27.84
C PHE B 165 -27.45 -22.29 26.87
N THR B 166 -26.83 -23.46 26.70
CA THR B 166 -27.38 -24.50 25.84
C THR B 166 -28.81 -24.83 26.23
N GLY B 167 -29.05 -24.99 27.54
CA GLY B 167 -30.38 -25.32 28.02
C GLY B 167 -31.37 -24.20 27.76
N ILE B 168 -30.91 -22.95 27.85
CA ILE B 168 -31.80 -21.83 27.51
C ILE B 168 -32.21 -21.91 26.04
N TYR B 169 -31.25 -22.22 25.17
CA TYR B 169 -31.58 -22.38 23.75
C TYR B 169 -32.55 -23.55 23.54
N THR B 170 -32.35 -24.64 24.29
CA THR B 170 -33.26 -25.77 24.19
C THR B 170 -34.67 -25.40 24.63
N PHE B 171 -34.79 -24.61 25.70
CA PHE B 171 -36.10 -24.16 26.15
C PHE B 171 -36.78 -23.30 25.09
N GLU B 172 -36.02 -22.40 24.46
CA GLU B 172 -36.60 -21.58 23.40
C GLU B 172 -37.05 -22.45 22.23
N SER B 173 -36.25 -23.45 21.87
CA SER B 173 -36.61 -24.36 20.79
C SER B 173 -37.88 -25.14 21.13
N LEU B 174 -37.98 -25.60 22.39
CA LEU B 174 -39.18 -26.32 22.81
C LEU B 174 -40.41 -25.43 22.69
N VAL B 175 -40.30 -24.17 23.12
CA VAL B 175 -41.42 -23.26 23.03
C VAL B 175 -41.82 -23.03 21.58
N LYS B 176 -40.85 -22.76 20.71
CA LYS B 176 -41.17 -22.52 19.31
C LYS B 176 -41.74 -23.76 18.63
N ILE B 177 -41.32 -24.96 19.03
CA ILE B 177 -41.90 -26.17 18.46
C ILE B 177 -43.33 -26.41 18.94
N ILE B 178 -43.61 -26.21 20.22
CA ILE B 178 -44.98 -26.35 20.73
C ILE B 178 -45.87 -25.19 20.24
N ALA B 179 -45.27 -24.15 19.66
CA ALA B 179 -46.04 -23.09 19.00
C ALA B 179 -45.79 -23.19 17.49
N ARG B 180 -46.60 -24.00 16.82
CA ARG B 180 -46.50 -24.21 15.36
C ARG B 180 -45.12 -24.73 14.96
N GLY B 181 -44.81 -25.95 15.40
CA GLY B 181 -43.50 -26.51 15.16
C GLY B 181 -43.30 -27.26 13.86
N PHE B 182 -44.07 -28.32 13.64
CA PHE B 182 -43.76 -29.25 12.56
C PHE B 182 -43.89 -28.55 11.20
N CYS B 183 -43.03 -28.96 10.26
CA CYS B 183 -42.91 -28.24 9.00
C CYS B 183 -44.15 -28.38 8.13
N ILE B 184 -45.00 -29.39 8.40
CA ILE B 184 -46.13 -29.67 7.53
C ILE B 184 -47.10 -28.49 7.48
N ASP B 185 -47.48 -27.97 8.65
CA ASP B 185 -48.46 -26.91 8.71
C ASP B 185 -47.90 -25.62 8.13
N GLY B 186 -48.79 -24.83 7.50
CA GLY B 186 -48.38 -23.55 6.97
C GLY B 186 -48.03 -22.56 8.08
N PHE B 187 -47.18 -21.60 7.73
CA PHE B 187 -46.72 -20.57 8.66
C PHE B 187 -45.99 -21.16 9.87
N THR B 188 -45.42 -22.36 9.69
CA THR B 188 -44.62 -22.97 10.74
C THR B 188 -43.27 -22.27 10.83
N PHE B 189 -42.42 -22.75 11.76
CA PHE B 189 -41.12 -22.12 11.90
C PHE B 189 -40.10 -22.64 10.91
N LEU B 190 -40.43 -23.70 10.15
CA LEU B 190 -39.54 -24.10 9.07
C LEU B 190 -39.72 -23.23 7.83
N ARG B 191 -40.80 -22.45 7.76
CA ARG B 191 -40.94 -21.50 6.67
C ARG B 191 -40.06 -20.28 6.88
N ASP B 192 -39.73 -19.96 8.13
CA ASP B 192 -38.94 -18.78 8.43
C ASP B 192 -37.46 -19.14 8.47
N PRO B 193 -36.62 -18.58 7.61
CA PRO B 193 -35.27 -19.12 7.42
C PRO B 193 -34.41 -19.11 8.67
N TRP B 194 -34.50 -18.10 9.54
CA TRP B 194 -33.57 -18.03 10.66
C TRP B 194 -33.81 -19.13 11.67
N ASN B 195 -35.01 -19.70 11.69
CA ASN B 195 -35.24 -20.85 12.57
C ASN B 195 -34.57 -22.11 12.02
N TRP B 196 -34.27 -22.16 10.72
CA TRP B 196 -33.34 -23.18 10.24
C TRP B 196 -32.00 -23.04 10.96
N LEU B 197 -31.53 -21.80 11.12
CA LEU B 197 -30.28 -21.56 11.85
C LEU B 197 -30.43 -21.98 13.30
N ASP B 198 -31.59 -21.70 13.90
CA ASP B 198 -31.86 -22.12 15.28
C ASP B 198 -31.72 -23.64 15.41
N PHE B 199 -32.43 -24.39 14.56
CA PHE B 199 -32.40 -25.84 14.63
C PHE B 199 -31.00 -26.36 14.35
N SER B 200 -30.31 -25.77 13.36
CA SER B 200 -28.96 -26.21 13.03
C SER B 200 -28.03 -26.06 14.22
N VAL B 201 -28.05 -24.90 14.88
CA VAL B 201 -27.09 -24.67 15.96
C VAL B 201 -27.42 -25.56 17.16
N ILE B 202 -28.70 -25.74 17.48
CA ILE B 202 -29.02 -26.56 18.64
C ILE B 202 -28.70 -28.03 18.38
N MET B 203 -28.99 -28.50 17.17
CA MET B 203 -28.68 -29.89 16.83
C MET B 203 -27.18 -30.12 16.80
N MET B 204 -26.41 -29.14 16.31
CA MET B 204 -24.96 -29.30 16.30
C MET B 204 -24.37 -29.21 17.70
N ALA B 205 -25.00 -28.46 18.61
CA ALA B 205 -24.58 -28.53 20.01
C ALA B 205 -24.81 -29.93 20.58
N TYR B 206 -25.98 -30.50 20.29
CA TYR B 206 -26.24 -31.88 20.74
C TYR B 206 -25.32 -32.89 20.08
N ILE B 207 -24.81 -32.58 18.88
CA ILE B 207 -23.75 -33.40 18.30
C ILE B 207 -22.45 -33.21 19.05
N THR B 208 -22.17 -31.96 19.45
CA THR B 208 -20.84 -31.61 19.95
C THR B 208 -20.59 -32.16 21.35
N GLU B 209 -21.57 -32.08 22.25
CA GLU B 209 -21.25 -32.39 23.65
C GLU B 209 -20.91 -33.87 23.84
N PHE B 210 -21.15 -34.72 22.85
CA PHE B 210 -20.79 -36.12 22.88
C PHE B 210 -19.83 -36.42 21.73
N VAL B 211 -19.58 -37.72 21.52
CA VAL B 211 -18.64 -38.15 20.48
C VAL B 211 -19.01 -37.53 19.15
N ASN B 212 -17.99 -37.23 18.34
CA ASN B 212 -18.18 -36.46 17.12
C ASN B 212 -17.02 -36.76 16.18
N LEU B 213 -16.93 -35.99 15.11
CA LEU B 213 -15.82 -36.10 14.17
C LEU B 213 -14.56 -35.49 14.78
N GLY B 214 -13.41 -35.88 14.24
CA GLY B 214 -12.13 -35.45 14.78
C GLY B 214 -11.76 -34.01 14.51
N ASN B 215 -12.49 -33.32 13.65
CA ASN B 215 -12.22 -31.90 13.37
C ASN B 215 -12.81 -31.07 14.50
N VAL B 216 -12.04 -30.98 15.59
CA VAL B 216 -12.51 -30.27 16.78
C VAL B 216 -12.62 -28.77 16.49
N SER B 217 -11.70 -28.23 15.70
CA SER B 217 -11.72 -26.80 15.42
C SER B 217 -12.97 -26.40 14.64
N ALA B 218 -13.37 -27.21 13.66
CA ALA B 218 -14.55 -26.87 12.87
C ALA B 218 -15.82 -26.92 13.70
N LEU B 219 -15.97 -27.95 14.53
CA LEU B 219 -17.17 -28.06 15.36
C LEU B 219 -17.19 -26.98 16.44
N ARG B 220 -16.01 -26.59 16.95
CA ARG B 220 -15.96 -25.45 17.85
C ARG B 220 -16.35 -24.16 17.15
N THR B 221 -15.89 -23.97 15.91
CA THR B 221 -16.21 -22.78 15.14
C THR B 221 -17.70 -22.69 14.85
N PHE B 222 -18.34 -23.83 14.56
CA PHE B 222 -19.74 -23.81 14.18
C PHE B 222 -20.66 -23.29 15.27
N ARG B 223 -20.14 -22.92 16.43
CA ARG B 223 -20.90 -22.21 17.46
C ARG B 223 -21.17 -20.76 17.11
N VAL B 224 -20.57 -20.21 16.05
CA VAL B 224 -20.74 -18.80 15.70
C VAL B 224 -22.17 -18.50 15.25
N LEU B 225 -22.95 -19.53 14.91
CA LEU B 225 -24.36 -19.34 14.64
C LEU B 225 -25.09 -18.74 15.85
N ARG B 226 -24.64 -19.06 17.06
CA ARG B 226 -25.24 -18.47 18.26
C ARG B 226 -25.08 -16.96 18.26
N ALA B 227 -23.89 -16.47 17.94
CA ALA B 227 -23.69 -15.02 17.81
C ALA B 227 -24.47 -14.47 16.63
N LEU B 228 -24.60 -15.26 15.56
CA LEU B 228 -25.35 -14.82 14.39
C LEU B 228 -26.83 -14.65 14.72
N LYS B 229 -27.30 -15.30 15.79
CA LYS B 229 -28.71 -15.22 16.15
C LYS B 229 -29.17 -13.79 16.40
N THR B 230 -28.26 -12.90 16.83
CA THR B 230 -28.63 -11.51 17.07
C THR B 230 -29.20 -10.86 15.82
N ILE B 231 -28.67 -11.19 14.65
CA ILE B 231 -29.19 -10.66 13.40
C ILE B 231 -30.67 -11.01 13.25
N SER B 232 -31.04 -12.24 13.64
CA SER B 232 -32.44 -12.64 13.56
C SER B 232 -33.29 -11.94 14.60
N VAL B 233 -32.83 -11.88 15.84
CA VAL B 233 -33.74 -11.62 16.95
C VAL B 233 -33.81 -10.14 17.29
N ILE B 234 -32.71 -9.39 17.20
CA ILE B 234 -32.79 -7.95 17.49
C ILE B 234 -33.63 -7.27 16.42
N PRO B 235 -34.62 -6.45 16.77
CA PRO B 235 -35.55 -5.94 15.77
C PRO B 235 -34.87 -5.06 14.73
N GLY B 236 -35.29 -5.20 13.48
CA GLY B 236 -34.87 -4.35 12.39
C GLY B 236 -33.68 -4.86 11.60
N LEU B 237 -32.90 -5.78 12.18
CA LEU B 237 -31.67 -6.21 11.51
C LEU B 237 -31.95 -7.02 10.25
N LYS B 238 -33.07 -7.75 10.23
CA LYS B 238 -33.42 -8.53 9.05
C LYS B 238 -33.59 -7.64 7.83
N THR B 239 -34.16 -6.45 8.00
CA THR B 239 -34.32 -5.53 6.88
C THR B 239 -32.96 -5.02 6.40
N ILE B 240 -32.03 -4.80 7.33
CA ILE B 240 -30.69 -4.35 6.95
C ILE B 240 -29.99 -5.41 6.11
N VAL B 241 -30.06 -6.66 6.57
CA VAL B 241 -29.47 -7.76 5.81
C VAL B 241 -30.13 -7.88 4.45
N GLY B 242 -31.46 -7.72 4.39
CA GLY B 242 -32.13 -7.75 3.11
C GLY B 242 -31.62 -6.69 2.15
N ALA B 243 -31.47 -5.46 2.64
CA ALA B 243 -31.00 -4.36 1.80
C ALA B 243 -29.59 -4.64 1.27
N LEU B 244 -28.71 -5.16 2.14
CA LEU B 244 -27.41 -5.62 1.68
C LEU B 244 -27.57 -6.63 0.55
N ILE B 245 -28.54 -7.54 0.69
CA ILE B 245 -28.76 -8.55 -0.34
C ILE B 245 -29.16 -7.92 -1.68
N GLN B 246 -30.07 -6.94 -1.66
CA GLN B 246 -30.42 -6.34 -2.95
C GLN B 246 -29.25 -5.60 -3.58
N SER B 247 -28.43 -4.91 -2.76
CA SER B 247 -27.29 -4.20 -3.34
C SER B 247 -26.33 -5.19 -4.01
N VAL B 248 -26.04 -6.31 -3.32
CA VAL B 248 -25.19 -7.34 -3.92
C VAL B 248 -25.81 -7.87 -5.19
N LYS B 249 -27.12 -8.15 -5.17
CA LYS B 249 -27.79 -8.65 -6.35
C LYS B 249 -27.69 -7.66 -7.51
N LYS B 250 -27.63 -6.36 -7.20
CA LYS B 250 -27.52 -5.36 -8.25
C LYS B 250 -26.12 -5.30 -8.86
N LEU B 251 -25.09 -5.58 -8.08
CA LEU B 251 -23.72 -5.43 -8.61
C LEU B 251 -23.21 -6.64 -9.43
N SER B 252 -24.11 -7.45 -9.98
CA SER B 252 -23.75 -8.70 -10.65
C SER B 252 -22.92 -8.46 -11.92
N ASP B 253 -23.39 -7.56 -12.79
CA ASP B 253 -22.71 -7.34 -14.05
C ASP B 253 -21.31 -6.80 -13.82
N VAL B 254 -21.15 -5.93 -12.84
CA VAL B 254 -19.83 -5.41 -12.53
C VAL B 254 -18.94 -6.51 -11.98
N MET B 255 -19.50 -7.45 -11.22
CA MET B 255 -18.71 -8.61 -10.81
C MET B 255 -18.23 -9.41 -12.04
N ILE B 256 -19.13 -9.60 -13.01
CA ILE B 256 -18.76 -10.38 -14.20
C ILE B 256 -17.64 -9.68 -14.96
N LEU B 257 -17.78 -8.37 -15.16
CA LEU B 257 -16.76 -7.63 -15.91
C LEU B 257 -15.44 -7.59 -15.14
N THR B 258 -15.51 -7.45 -13.80
CA THR B 258 -14.31 -7.49 -13.00
C THR B 258 -13.60 -8.83 -13.13
N VAL B 259 -14.35 -9.93 -13.10
CA VAL B 259 -13.75 -11.25 -13.21
C VAL B 259 -13.06 -11.41 -14.56
N PHE B 260 -13.75 -11.02 -15.64
CA PHE B 260 -13.15 -11.21 -16.96
C PHE B 260 -11.98 -10.26 -17.20
N CYS B 261 -12.02 -9.06 -16.61
CA CYS B 261 -10.91 -8.13 -16.77
C CYS B 261 -9.69 -8.58 -16.00
N LEU B 262 -9.89 -9.04 -14.74
CA LEU B 262 -8.78 -9.62 -14.00
C LEU B 262 -8.25 -10.87 -14.68
N SER B 263 -9.11 -11.63 -15.37
CA SER B 263 -8.63 -12.79 -16.10
C SER B 263 -7.74 -12.38 -17.27
N VAL B 264 -8.19 -11.41 -18.06
CA VAL B 264 -7.39 -10.94 -19.19
C VAL B 264 -6.06 -10.40 -18.72
N PHE B 265 -6.08 -9.52 -17.72
CA PHE B 265 -4.84 -8.94 -17.23
C PHE B 265 -3.96 -9.98 -16.54
N ALA B 266 -4.56 -11.00 -15.92
CA ALA B 266 -3.78 -12.05 -15.29
C ALA B 266 -3.09 -12.91 -16.33
N LEU B 267 -3.75 -13.18 -17.46
CA LEU B 267 -3.07 -13.85 -18.55
C LEU B 267 -1.92 -13.01 -19.09
N ILE B 268 -2.13 -11.70 -19.22
CA ILE B 268 -1.04 -10.82 -19.66
C ILE B 268 0.14 -10.92 -18.70
N GLY B 269 -0.12 -10.82 -17.40
CA GLY B 269 0.95 -10.88 -16.42
C GLY B 269 1.61 -12.23 -16.37
N LEU B 270 0.83 -13.30 -16.54
CA LEU B 270 1.38 -14.65 -16.56
C LEU B 270 2.34 -14.83 -17.73
N GLN B 271 1.93 -14.41 -18.93
CA GLN B 271 2.78 -14.59 -20.09
C GLN B 271 4.00 -13.68 -20.04
N LEU B 272 3.89 -12.49 -19.45
CA LEU B 272 5.03 -11.59 -19.38
C LEU B 272 6.00 -11.99 -18.28
N PHE B 273 5.54 -12.07 -17.05
CA PHE B 273 6.39 -12.28 -15.89
C PHE B 273 6.46 -13.74 -15.46
N MET B 274 6.25 -14.67 -16.39
CA MET B 274 6.33 -16.10 -16.09
C MET B 274 7.68 -16.43 -15.47
N GLY B 275 7.70 -16.77 -14.20
CA GLY B 275 8.91 -17.22 -13.54
C GLY B 275 9.89 -16.12 -13.17
N ASN B 276 9.66 -14.90 -13.65
CA ASN B 276 10.61 -13.82 -13.39
C ASN B 276 10.73 -13.52 -11.90
N LEU B 277 9.65 -13.70 -11.14
CA LEU B 277 9.70 -13.45 -9.71
C LEU B 277 10.68 -14.39 -9.00
N ARG B 278 11.03 -15.52 -9.63
CA ARG B 278 11.99 -16.44 -9.04
C ARG B 278 13.43 -16.02 -9.28
N ASN B 279 13.68 -15.12 -10.22
CA ASN B 279 15.04 -14.69 -10.54
C ASN B 279 15.78 -14.26 -9.29
N LYS B 280 16.83 -15.00 -8.95
CA LYS B 280 17.60 -14.71 -7.76
C LYS B 280 19.08 -14.69 -8.12
N CYS B 281 19.84 -13.92 -7.35
CA CYS B 281 21.28 -13.82 -7.54
C CYS B 281 21.93 -15.08 -6.99
N VAL B 282 22.22 -16.02 -7.89
CA VAL B 282 22.81 -17.31 -7.56
C VAL B 282 24.31 -17.22 -7.78
N VAL B 283 25.08 -17.83 -6.88
CA VAL B 283 26.53 -17.81 -6.98
C VAL B 283 26.94 -18.54 -8.25
N TRP B 284 27.43 -17.78 -9.24
CA TRP B 284 27.68 -18.35 -10.56
C TRP B 284 28.99 -19.11 -10.74
N PRO B 285 30.14 -18.61 -10.29
CA PRO B 285 31.39 -19.32 -10.60
C PRO B 285 31.44 -20.65 -9.88
N ILE B 286 30.75 -21.64 -10.48
CA ILE B 286 30.41 -22.90 -9.82
C ILE B 286 31.68 -23.50 -9.23
N ASN B 287 31.70 -23.65 -7.91
CA ASN B 287 32.89 -24.09 -7.21
C ASN B 287 32.83 -25.61 -7.10
N PHE B 288 33.24 -26.27 -8.19
CA PHE B 288 33.04 -27.71 -8.31
C PHE B 288 33.84 -28.49 -7.28
N ASN B 289 35.09 -28.09 -7.02
CA ASN B 289 35.95 -28.89 -6.15
C ASN B 289 35.39 -29.04 -4.74
N GLU B 290 34.60 -28.09 -4.26
CA GLU B 290 33.96 -28.23 -2.96
C GLU B 290 32.46 -28.04 -3.06
N SER B 291 31.85 -28.71 -4.04
CA SER B 291 30.39 -28.73 -4.18
C SER B 291 29.89 -30.06 -3.62
N TYR B 292 29.72 -30.11 -2.31
CA TYR B 292 29.23 -31.30 -1.65
C TYR B 292 27.79 -31.58 -2.07
N LEU B 293 27.39 -32.85 -2.02
CA LEU B 293 26.00 -33.22 -2.24
C LEU B 293 25.30 -33.34 -0.89
N GLU B 294 23.96 -33.36 -0.94
CA GLU B 294 23.18 -33.32 0.29
C GLU B 294 23.42 -34.56 1.14
N ASN B 295 23.63 -35.71 0.50
CA ASN B 295 23.92 -36.94 1.23
C ASN B 295 25.42 -37.21 1.36
N GLY B 296 26.25 -36.18 1.31
CA GLY B 296 27.69 -36.35 1.46
C GLY B 296 28.37 -37.12 0.35
N THR B 297 28.08 -36.79 -0.92
CA THR B 297 28.63 -37.53 -2.03
C THR B 297 29.88 -36.88 -2.60
N LYS B 298 30.08 -35.58 -2.36
CA LYS B 298 31.14 -34.76 -2.93
C LYS B 298 30.82 -34.46 -4.40
N GLY B 299 29.74 -35.05 -4.92
CA GLY B 299 29.32 -34.76 -6.27
C GLY B 299 28.46 -33.52 -6.35
N PHE B 300 28.23 -33.08 -7.59
CA PHE B 300 27.49 -31.85 -7.87
C PHE B 300 26.24 -32.18 -8.68
N ASP B 301 25.08 -31.80 -8.17
CA ASP B 301 23.82 -31.94 -8.86
C ASP B 301 23.19 -30.57 -9.03
N TRP B 302 22.72 -30.28 -10.25
CA TRP B 302 22.20 -28.94 -10.55
C TRP B 302 21.00 -28.60 -9.68
N GLU B 303 20.02 -29.51 -9.62
CA GLU B 303 18.79 -29.23 -8.89
C GLU B 303 18.99 -29.07 -7.40
N GLU B 304 20.12 -29.53 -6.85
CA GLU B 304 20.44 -29.26 -5.46
C GLU B 304 21.22 -27.97 -5.29
N TYR B 305 22.13 -27.65 -6.21
CA TYR B 305 22.84 -26.39 -6.14
C TYR B 305 21.90 -25.21 -6.32
N ILE B 306 20.98 -25.30 -7.29
CA ILE B 306 20.13 -24.18 -7.63
C ILE B 306 19.13 -23.82 -6.54
N ASN B 307 18.75 -24.78 -5.70
CA ASN B 307 17.77 -24.55 -4.65
C ASN B 307 18.37 -24.48 -3.26
N ASN B 308 19.69 -24.59 -3.14
CA ASN B 308 20.35 -24.50 -1.84
C ASN B 308 20.26 -23.05 -1.39
N LYS B 309 19.65 -22.82 -0.23
CA LYS B 309 19.22 -21.46 0.14
C LYS B 309 20.39 -20.54 0.40
N THR B 310 21.56 -21.06 0.77
CA THR B 310 22.70 -20.20 1.04
C THR B 310 23.57 -19.99 -0.20
N ASN B 311 22.99 -20.05 -1.38
CA ASN B 311 23.66 -19.70 -2.63
C ASN B 311 23.01 -18.48 -3.25
N PHE B 312 22.21 -17.76 -2.48
CA PHE B 312 21.50 -16.57 -2.91
C PHE B 312 22.09 -15.36 -2.20
N TYR B 313 21.59 -14.17 -2.53
CA TYR B 313 22.25 -12.97 -2.02
C TYR B 313 21.65 -12.52 -0.69
N THR B 314 20.36 -12.22 -0.65
CA THR B 314 19.69 -11.81 0.59
C THR B 314 20.37 -10.58 1.20
N VAL B 315 20.14 -9.45 0.51
CA VAL B 315 20.68 -8.14 0.88
C VAL B 315 20.69 -7.96 2.39
N PRO B 316 21.83 -7.61 2.99
CA PRO B 316 21.98 -7.73 4.45
C PRO B 316 20.99 -6.85 5.19
N GLY B 317 20.08 -7.50 5.92
CA GLY B 317 19.03 -6.81 6.64
C GLY B 317 17.66 -7.26 6.19
N MET B 318 17.51 -7.47 4.89
CA MET B 318 16.26 -7.96 4.34
C MET B 318 16.08 -9.44 4.64
N LEU B 319 14.89 -9.96 4.33
CA LEU B 319 14.56 -11.35 4.60
C LEU B 319 14.56 -12.19 3.34
N GLU B 320 13.77 -11.80 2.34
CA GLU B 320 13.75 -12.55 1.09
C GLU B 320 15.08 -12.37 0.35
N PRO B 321 15.56 -13.41 -0.32
CA PRO B 321 16.73 -13.24 -1.19
C PRO B 321 16.40 -12.28 -2.32
N LEU B 322 17.40 -11.49 -2.70
CA LEU B 322 17.18 -10.38 -3.63
C LEU B 322 16.80 -10.90 -5.01
N LEU B 323 15.84 -10.23 -5.64
CA LEU B 323 15.52 -10.49 -7.03
C LEU B 323 16.52 -9.78 -7.93
N CYS B 324 16.79 -10.39 -9.08
CA CYS B 324 17.85 -9.92 -9.94
C CYS B 324 17.32 -9.98 -11.38
N GLY B 325 18.18 -9.68 -12.35
CA GLY B 325 17.70 -9.62 -13.72
C GLY B 325 18.76 -9.45 -14.77
N ASN B 326 18.56 -10.08 -15.92
CA ASN B 326 19.53 -10.00 -17.01
C ASN B 326 19.31 -8.81 -17.93
N SER B 327 18.14 -8.17 -17.85
CA SER B 327 17.85 -7.04 -18.70
C SER B 327 18.78 -5.87 -18.38
N SER B 328 18.83 -4.92 -19.31
CA SER B 328 19.74 -3.78 -19.16
C SER B 328 19.31 -2.87 -18.02
N ASP B 329 18.01 -2.79 -17.74
CA ASP B 329 17.49 -1.88 -16.74
C ASP B 329 16.99 -2.57 -15.48
N ALA B 330 16.95 -3.90 -15.46
CA ALA B 330 16.49 -4.64 -14.29
C ALA B 330 17.51 -4.55 -13.16
N GLY B 331 17.23 -5.23 -12.06
CA GLY B 331 18.16 -5.22 -10.94
C GLY B 331 19.53 -5.74 -11.33
N GLN B 332 20.51 -5.44 -10.49
CA GLN B 332 21.91 -5.71 -10.79
C GLN B 332 22.47 -6.70 -9.78
N CYS B 333 22.94 -7.82 -10.27
CA CYS B 333 23.63 -8.79 -9.45
C CYS B 333 24.98 -8.23 -8.99
N PRO B 334 25.40 -8.53 -7.77
CA PRO B 334 26.75 -8.11 -7.35
C PRO B 334 27.82 -8.88 -8.10
N GLU B 335 29.08 -8.61 -7.80
CA GLU B 335 30.18 -9.22 -8.55
C GLU B 335 30.41 -10.63 -8.01
N GLY B 336 30.12 -11.63 -8.84
CA GLY B 336 30.28 -13.01 -8.46
C GLY B 336 28.97 -13.77 -8.40
N TYR B 337 27.92 -13.19 -8.97
CA TYR B 337 26.59 -13.80 -9.00
C TYR B 337 26.01 -13.67 -10.40
N GLN B 338 25.08 -14.57 -10.73
CA GLN B 338 24.36 -14.52 -11.99
C GLN B 338 22.86 -14.41 -11.69
N CYS B 339 22.06 -14.31 -12.74
CA CYS B 339 20.64 -14.02 -12.57
C CYS B 339 19.75 -15.16 -13.07
N MET B 340 20.09 -16.39 -12.72
CA MET B 340 19.28 -17.55 -13.04
C MET B 340 18.15 -17.69 -12.04
N LYS B 341 16.98 -18.10 -12.53
CA LYS B 341 15.84 -18.33 -11.65
C LYS B 341 16.12 -19.54 -10.78
N ALA B 342 16.11 -19.35 -9.46
CA ALA B 342 16.68 -20.32 -8.53
C ALA B 342 15.89 -20.29 -7.22
N GLY B 343 14.99 -21.24 -7.06
CA GLY B 343 14.36 -21.47 -5.77
C GLY B 343 12.92 -20.99 -5.69
N ARG B 344 12.45 -20.86 -4.46
CA ARG B 344 11.06 -20.56 -4.17
C ARG B 344 10.77 -19.08 -4.39
N ASN B 345 9.53 -18.79 -4.78
CA ASN B 345 9.08 -17.43 -5.02
C ASN B 345 9.16 -16.62 -3.73
N PRO B 346 9.02 -15.30 -3.81
CA PRO B 346 9.10 -14.49 -2.59
C PRO B 346 7.76 -14.40 -1.87
N ASN B 347 7.82 -13.97 -0.61
CA ASN B 347 6.67 -13.92 0.28
C ASN B 347 6.04 -15.32 0.43
N TYR B 348 6.88 -16.24 0.90
CA TYR B 348 6.55 -17.64 1.18
C TYR B 348 6.13 -18.42 -0.05
N GLY B 349 6.16 -17.81 -1.24
CA GLY B 349 5.78 -18.50 -2.45
C GLY B 349 4.46 -18.10 -3.05
N TYR B 350 3.75 -17.13 -2.45
CA TYR B 350 2.43 -16.74 -2.95
C TYR B 350 2.47 -15.54 -3.88
N THR B 351 3.54 -14.76 -3.86
CA THR B 351 3.70 -13.67 -4.83
C THR B 351 4.39 -14.25 -6.06
N SER B 352 3.62 -14.57 -7.08
CA SER B 352 4.19 -15.15 -8.28
C SER B 352 3.24 -14.94 -9.45
N PHE B 353 3.81 -14.85 -10.65
CA PHE B 353 3.05 -14.88 -11.88
C PHE B 353 3.20 -16.21 -12.61
N ASP B 354 3.74 -17.23 -11.92
CA ASP B 354 4.18 -18.43 -12.62
C ASP B 354 3.01 -19.38 -12.90
N THR B 355 1.82 -19.05 -12.41
CA THR B 355 0.62 -19.81 -12.75
C THR B 355 -0.58 -18.89 -12.66
N PHE B 356 -1.67 -19.30 -13.34
CA PHE B 356 -2.83 -18.43 -13.43
C PHE B 356 -3.47 -18.18 -12.09
N SER B 357 -3.37 -19.14 -11.16
CA SER B 357 -3.92 -18.93 -9.83
C SER B 357 -3.18 -17.82 -9.09
N TRP B 358 -1.86 -17.90 -9.04
CA TRP B 358 -1.10 -16.86 -8.36
C TRP B 358 -1.10 -15.56 -9.13
N ALA B 359 -1.18 -15.60 -10.46
CA ALA B 359 -1.33 -14.38 -11.23
C ALA B 359 -2.66 -13.70 -10.90
N PHE B 360 -3.72 -14.48 -10.77
CA PHE B 360 -5.01 -13.92 -10.39
C PHE B 360 -4.96 -13.34 -8.99
N LEU B 361 -4.27 -14.02 -8.06
CA LEU B 361 -4.13 -13.46 -6.72
C LEU B 361 -3.37 -12.14 -6.75
N ALA B 362 -2.28 -12.09 -7.52
CA ALA B 362 -1.46 -10.89 -7.57
C ALA B 362 -2.21 -9.73 -8.22
N LEU B 363 -3.04 -10.02 -9.22
CA LEU B 363 -3.75 -8.93 -9.85
C LEU B 363 -5.02 -8.53 -9.10
N PHE B 364 -5.58 -9.43 -8.29
CA PHE B 364 -6.59 -8.99 -7.33
C PHE B 364 -5.95 -8.12 -6.25
N ARG B 365 -4.70 -8.41 -5.91
CA ARG B 365 -3.95 -7.54 -5.01
C ARG B 365 -3.72 -6.17 -5.63
N LEU B 366 -3.38 -6.14 -6.91
CA LEU B 366 -3.22 -4.87 -7.61
C LEU B 366 -4.55 -4.12 -7.70
N MET B 367 -5.65 -4.84 -7.90
CA MET B 367 -6.95 -4.21 -7.99
C MET B 367 -7.28 -3.40 -6.74
N THR B 368 -7.08 -3.99 -5.57
CA THR B 368 -7.33 -3.29 -4.32
C THR B 368 -6.14 -2.47 -3.85
N GLN B 369 -5.03 -2.51 -4.58
CA GLN B 369 -3.83 -1.74 -4.25
C GLN B 369 -3.30 -2.08 -2.85
N ASP B 370 -3.60 -3.28 -2.37
CA ASP B 370 -3.14 -3.69 -1.06
C ASP B 370 -1.68 -4.09 -1.16
N TYR B 371 -0.79 -3.26 -0.62
CA TYR B 371 0.64 -3.54 -0.61
C TYR B 371 1.16 -3.84 -2.01
N TRP B 372 0.58 -3.16 -3.00
CA TRP B 372 0.97 -3.40 -4.38
C TRP B 372 2.31 -2.77 -4.73
N GLU B 373 2.86 -1.91 -3.88
CA GLU B 373 4.16 -1.35 -4.19
C GLU B 373 5.25 -2.39 -4.07
N ASN B 374 5.04 -3.44 -3.27
CA ASN B 374 6.04 -4.49 -3.18
C ASN B 374 6.03 -5.36 -4.42
N LEU B 375 4.84 -5.68 -4.94
CA LEU B 375 4.77 -6.38 -6.22
C LEU B 375 5.38 -5.51 -7.32
N TYR B 376 5.08 -4.21 -7.29
CA TYR B 376 5.66 -3.26 -8.22
C TYR B 376 7.18 -3.33 -8.20
N GLN B 377 7.76 -3.22 -7.00
CA GLN B 377 9.22 -3.20 -6.88
C GLN B 377 9.84 -4.53 -7.28
N LEU B 378 9.27 -5.65 -6.82
CA LEU B 378 9.84 -6.95 -7.12
C LEU B 378 9.79 -7.23 -8.62
N THR B 379 8.64 -7.02 -9.25
CA THR B 379 8.52 -7.35 -10.67
C THR B 379 9.33 -6.39 -11.54
N LEU B 380 9.45 -5.11 -11.14
CA LEU B 380 10.27 -4.21 -11.93
C LEU B 380 11.75 -4.48 -11.73
N ARG B 381 12.13 -4.99 -10.55
CA ARG B 381 13.52 -5.34 -10.34
C ARG B 381 13.89 -6.64 -11.03
N ALA B 382 12.92 -7.54 -11.22
CA ALA B 382 13.22 -8.80 -11.88
C ALA B 382 13.15 -8.67 -13.40
N ALA B 383 12.08 -8.07 -13.91
CA ALA B 383 11.81 -8.04 -15.34
C ALA B 383 12.22 -6.74 -16.02
N GLY B 384 12.81 -5.81 -15.29
CA GLY B 384 13.21 -4.54 -15.89
C GLY B 384 12.24 -3.41 -15.67
N LYS B 385 12.76 -2.20 -15.49
CA LYS B 385 11.92 -1.04 -15.21
C LYS B 385 11.01 -0.68 -16.36
N THR B 386 11.29 -1.16 -17.58
CA THR B 386 10.48 -0.75 -18.72
C THR B 386 9.10 -1.38 -18.67
N TYR B 387 8.86 -2.31 -17.76
CA TYR B 387 7.55 -2.94 -17.62
C TYR B 387 6.60 -2.13 -16.75
N MET B 388 7.02 -0.96 -16.28
CA MET B 388 6.12 -0.09 -15.53
C MET B 388 4.90 0.29 -16.36
N ILE B 389 4.98 0.15 -17.68
CA ILE B 389 3.81 0.43 -18.53
C ILE B 389 2.66 -0.50 -18.16
N PHE B 390 2.97 -1.77 -17.90
CA PHE B 390 1.93 -2.71 -17.50
C PHE B 390 1.29 -2.29 -16.18
N PHE B 391 2.09 -1.85 -15.22
CA PHE B 391 1.52 -1.45 -13.94
C PHE B 391 0.68 -0.19 -14.06
N VAL B 392 1.12 0.77 -14.87
CA VAL B 392 0.28 1.93 -15.12
C VAL B 392 -1.03 1.50 -15.75
N LEU B 393 -0.97 0.59 -16.72
CA LEU B 393 -2.17 0.10 -17.39
C LEU B 393 -3.13 -0.59 -16.44
N VAL B 394 -2.62 -1.37 -15.49
CA VAL B 394 -3.47 -2.12 -14.58
C VAL B 394 -3.96 -1.24 -13.43
N ILE B 395 -3.23 -0.17 -13.09
CA ILE B 395 -3.69 0.71 -12.02
C ILE B 395 -4.74 1.68 -12.54
N PHE B 396 -4.58 2.17 -13.77
CA PHE B 396 -5.58 3.05 -14.35
C PHE B 396 -6.76 2.32 -14.98
N VAL B 397 -6.79 0.99 -14.93
CA VAL B 397 -7.92 0.24 -15.48
C VAL B 397 -8.52 -0.68 -14.44
N GLY B 398 -7.71 -1.52 -13.84
CA GLY B 398 -8.20 -2.49 -12.87
C GLY B 398 -8.37 -1.94 -11.47
N SER B 399 -7.59 -0.92 -11.10
CA SER B 399 -7.66 -0.37 -9.75
C SER B 399 -8.59 0.83 -9.66
N PHE B 400 -8.29 1.91 -10.38
CA PHE B 400 -9.17 3.08 -10.33
C PHE B 400 -10.51 2.78 -10.96
N TYR B 401 -10.52 2.25 -12.19
CA TYR B 401 -11.78 2.14 -12.93
C TYR B 401 -12.68 1.07 -12.34
N LEU B 402 -12.15 -0.12 -12.04
CA LEU B 402 -13.01 -1.20 -11.58
C LEU B 402 -13.57 -0.91 -10.19
N VAL B 403 -12.74 -0.40 -9.29
CA VAL B 403 -13.22 -0.02 -7.97
C VAL B 403 -14.24 1.10 -8.07
N ASN B 404 -13.97 2.09 -8.93
CA ASN B 404 -14.94 3.16 -9.15
C ASN B 404 -16.26 2.61 -9.65
N LEU B 405 -16.21 1.63 -10.55
CA LEU B 405 -17.43 1.08 -11.11
C LEU B 405 -18.22 0.31 -10.07
N ILE B 406 -17.52 -0.48 -9.23
CA ILE B 406 -18.20 -1.19 -8.14
C ILE B 406 -18.87 -0.19 -7.21
N LEU B 407 -18.13 0.85 -6.80
CA LEU B 407 -18.67 1.83 -5.88
C LEU B 407 -19.84 2.57 -6.49
N ALA B 408 -19.76 2.91 -7.78
CA ALA B 408 -20.84 3.61 -8.44
C ALA B 408 -22.10 2.76 -8.53
N VAL B 409 -21.94 1.46 -8.82
CA VAL B 409 -23.11 0.61 -8.92
C VAL B 409 -23.76 0.38 -7.55
N VAL B 410 -22.94 0.16 -6.53
CA VAL B 410 -23.49 0.04 -5.18
C VAL B 410 -24.18 1.33 -4.76
N ALA B 411 -23.60 2.47 -5.11
CA ALA B 411 -24.21 3.75 -4.78
C ALA B 411 -25.55 3.93 -5.49
N MET B 412 -25.60 3.56 -6.77
CA MET B 412 -26.85 3.66 -7.52
C MET B 412 -27.93 2.78 -6.89
N ALA B 413 -27.57 1.54 -6.55
CA ALA B 413 -28.54 0.64 -5.94
C ALA B 413 -29.01 1.15 -4.59
N TYR B 414 -28.08 1.65 -3.77
CA TYR B 414 -28.46 2.14 -2.45
C TYR B 414 -29.34 3.37 -2.56
N GLU B 415 -29.00 4.28 -3.47
CA GLU B 415 -29.85 5.46 -3.68
C GLU B 415 -31.24 5.07 -4.15
N GLU B 416 -31.32 4.11 -5.08
CA GLU B 416 -32.62 3.67 -5.56
C GLU B 416 -33.45 3.08 -4.43
N GLN B 417 -32.86 2.20 -3.62
CA GLN B 417 -33.60 1.61 -2.52
C GLN B 417 -33.99 2.65 -1.48
N ASN B 418 -33.09 3.57 -1.15
CA ASN B 418 -33.39 4.59 -0.15
C ASN B 418 -34.52 5.50 -0.61
N GLN B 419 -34.48 5.94 -1.88
CA GLN B 419 -35.56 6.80 -2.36
C GLN B 419 -36.88 6.03 -2.46
N ALA B 420 -36.83 4.75 -2.83
CA ALA B 420 -38.07 3.96 -2.89
C ALA B 420 -38.67 3.80 -1.50
N THR B 421 -37.85 3.50 -0.49
CA THR B 421 -38.38 3.30 0.84
C THR B 421 -38.74 4.60 1.55
N LEU B 422 -38.20 5.73 1.12
CA LEU B 422 -38.69 7.01 1.61
C LEU B 422 -39.99 7.42 0.92
N GLU B 423 -40.13 7.08 -0.36
CA GLU B 423 -41.33 7.41 -1.11
C GLU B 423 -42.53 6.55 -0.71
N GLU B 424 -42.31 5.27 -0.39
CA GLU B 424 -43.44 4.39 -0.09
C GLU B 424 -44.22 4.85 1.14
N ALA B 425 -43.55 5.51 2.09
CA ALA B 425 -44.23 5.97 3.29
C ALA B 425 -45.31 7.00 2.99
N GLU B 426 -45.18 7.75 1.90
CA GLU B 426 -46.15 8.78 1.56
C GLU B 426 -47.01 8.37 0.37
N PRO B 721 -45.35 12.18 37.64
CA PRO B 721 -46.03 12.96 38.67
C PRO B 721 -45.46 12.72 40.07
N CYS B 722 -45.22 11.45 40.42
CA CYS B 722 -44.60 11.14 41.71
C CYS B 722 -43.21 11.72 41.80
N TRP B 723 -42.41 11.58 40.74
CA TRP B 723 -41.10 12.20 40.70
C TRP B 723 -41.17 13.70 40.41
N TYR B 724 -42.31 14.18 39.90
CA TYR B 724 -42.48 15.61 39.69
C TYR B 724 -42.48 16.37 41.01
N LYS B 725 -43.18 15.86 42.01
CA LYS B 725 -43.28 16.56 43.28
C LYS B 725 -41.93 16.62 44.00
N PHE B 726 -41.12 15.57 43.91
CA PHE B 726 -39.76 15.64 44.42
C PHE B 726 -38.93 16.63 43.62
N ALA B 727 -39.14 16.67 42.30
CA ALA B 727 -38.40 17.61 41.47
C ALA B 727 -38.74 19.05 41.83
N ASN B 728 -40.00 19.35 42.09
CA ASN B 728 -40.41 20.72 42.36
C ASN B 728 -39.88 21.24 43.69
N THR B 729 -39.33 20.36 44.53
CA THR B 729 -38.79 20.76 45.83
C THR B 729 -37.27 20.87 45.84
N PHE B 730 -36.57 19.97 45.14
CA PHE B 730 -35.12 19.95 45.15
C PHE B 730 -34.50 20.51 43.88
N LEU B 731 -35.07 20.22 42.71
CA LEU B 731 -34.57 20.78 41.46
C LEU B 731 -34.87 22.26 41.31
N ILE B 732 -35.72 22.81 42.18
CA ILE B 732 -36.08 24.22 42.18
C ILE B 732 -35.43 24.86 43.40
N TRP B 733 -34.60 25.88 43.17
CA TRP B 733 -33.74 26.43 44.21
C TRP B 733 -34.24 27.76 44.76
N GLU B 734 -35.48 28.16 44.49
CA GLU B 734 -36.05 29.35 45.12
C GLU B 734 -36.62 28.99 46.48
N CYS B 735 -35.82 29.21 47.52
CA CYS B 735 -36.24 29.02 48.91
C CYS B 735 -36.01 30.23 49.79
N HIS B 736 -35.29 31.25 49.32
CA HIS B 736 -35.03 32.48 50.07
C HIS B 736 -35.21 33.69 49.17
N PRO B 737 -35.82 34.77 49.67
CA PRO B 737 -36.00 35.96 48.82
C PRO B 737 -34.70 36.54 48.30
N TYR B 738 -33.68 36.64 49.15
CA TYR B 738 -32.38 37.12 48.69
C TYR B 738 -31.75 36.15 47.70
N TRP B 739 -31.98 34.85 47.89
CA TRP B 739 -31.48 33.86 46.93
C TRP B 739 -32.13 34.06 45.56
N ILE B 740 -33.43 34.35 45.54
CA ILE B 740 -34.12 34.62 44.28
C ILE B 740 -33.62 35.92 43.66
N LYS B 741 -33.36 36.93 44.49
CA LYS B 741 -32.78 38.17 43.99
C LYS B 741 -31.43 37.90 43.33
N LEU B 742 -30.59 37.08 43.98
CA LEU B 742 -29.30 36.71 43.42
C LEU B 742 -29.47 35.95 42.11
N LYS B 743 -30.46 35.05 42.04
CA LYS B 743 -30.70 34.32 40.80
C LYS B 743 -31.03 35.27 39.66
N GLU B 744 -31.96 36.21 39.90
CA GLU B 744 -32.30 37.19 38.88
C GLU B 744 -31.08 38.01 38.49
N ILE B 745 -30.30 38.44 39.48
CA ILE B 745 -29.14 39.27 39.21
C ILE B 745 -28.14 38.53 38.33
N VAL B 746 -27.79 37.29 38.69
CA VAL B 746 -26.79 36.56 37.93
C VAL B 746 -27.31 36.18 36.55
N ASN B 747 -28.62 35.92 36.45
CA ASN B 747 -29.21 35.66 35.13
C ASN B 747 -29.04 36.88 34.23
N LEU B 748 -29.23 38.08 34.79
CA LEU B 748 -28.94 39.28 34.01
C LEU B 748 -27.44 39.44 33.75
N ILE B 749 -26.61 38.99 34.69
CA ILE B 749 -25.16 39.14 34.55
C ILE B 749 -24.59 38.10 33.59
N VAL B 750 -25.42 37.18 33.08
CA VAL B 750 -24.97 36.32 32.01
C VAL B 750 -24.58 37.15 30.78
N MET B 751 -25.39 38.16 30.45
CA MET B 751 -25.24 38.93 29.21
C MET B 751 -25.15 38.00 28.00
N ASP B 752 -26.28 37.37 27.73
CA ASP B 752 -26.38 36.43 26.61
C ASP B 752 -25.70 36.92 25.33
N PRO B 753 -25.86 38.17 24.88
CA PRO B 753 -25.09 38.63 23.72
C PRO B 753 -23.59 38.60 23.94
N PHE B 754 -23.12 38.85 25.17
CA PHE B 754 -21.69 38.94 25.44
C PHE B 754 -21.18 37.83 26.34
N VAL B 755 -21.92 36.74 26.46
CA VAL B 755 -21.42 35.54 27.15
C VAL B 755 -20.88 34.54 26.14
N ASP B 756 -21.55 34.40 25.01
CA ASP B 756 -21.13 33.44 23.99
C ASP B 756 -19.73 33.76 23.48
N LEU B 757 -19.48 35.04 23.18
CA LEU B 757 -18.16 35.41 22.66
C LEU B 757 -17.08 35.14 23.69
N ALA B 758 -17.33 35.47 24.96
CA ALA B 758 -16.33 35.23 25.99
C ALA B 758 -16.04 33.75 26.17
N ILE B 759 -17.10 32.92 26.24
CA ILE B 759 -16.88 31.50 26.48
C ILE B 759 -16.19 30.86 25.27
N THR B 760 -16.58 31.23 24.05
CA THR B 760 -15.93 30.62 22.89
C THR B 760 -14.49 31.10 22.73
N ILE B 761 -14.21 32.35 23.10
CA ILE B 761 -12.82 32.81 23.11
C ILE B 761 -12.01 32.01 24.11
N CYS B 762 -12.58 31.76 25.29
CA CYS B 762 -11.89 30.93 26.27
C CYS B 762 -11.68 29.51 25.75
N ILE B 763 -12.65 28.96 25.02
CA ILE B 763 -12.50 27.61 24.48
C ILE B 763 -11.37 27.56 23.46
N VAL B 764 -11.33 28.54 22.55
CA VAL B 764 -10.30 28.56 21.52
C VAL B 764 -8.92 28.74 22.16
N LEU B 765 -8.82 29.64 23.13
CA LEU B 765 -7.54 29.83 23.81
C LEU B 765 -7.14 28.58 24.59
N ASN B 766 -8.13 27.85 25.14
CA ASN B 766 -7.83 26.62 25.84
C ASN B 766 -7.29 25.56 24.89
N THR B 767 -7.89 25.43 23.72
CA THR B 767 -7.41 24.42 22.78
C THR B 767 -6.05 24.79 22.22
N LEU B 768 -5.77 26.09 22.07
CA LEU B 768 -4.45 26.50 21.61
C LEU B 768 -3.42 26.51 22.73
N PHE B 769 -3.83 26.40 23.98
CA PHE B 769 -2.89 26.08 25.05
C PHE B 769 -2.62 24.59 25.16
N MET B 770 -3.66 23.77 25.00
CA MET B 770 -3.45 22.33 25.02
C MET B 770 -2.64 21.88 23.80
N ALA B 771 -2.67 22.64 22.71
CA ALA B 771 -1.83 22.31 21.57
C ALA B 771 -0.35 22.35 21.92
N MET B 772 0.07 23.38 22.66
CA MET B 772 1.48 23.54 22.96
C MET B 772 1.94 22.50 23.97
N GLU B 773 2.38 21.34 23.48
CA GLU B 773 2.84 20.26 24.33
C GLU B 773 4.09 19.66 23.71
N HIS B 774 4.97 19.13 24.56
CA HIS B 774 6.20 18.52 24.10
C HIS B 774 6.56 17.36 25.03
N HIS B 775 7.48 16.51 24.55
CA HIS B 775 8.26 15.71 25.50
C HIS B 775 9.36 16.56 26.13
N PRO B 776 10.26 17.21 25.37
CA PRO B 776 11.25 18.06 26.02
C PRO B 776 10.62 19.39 26.40
N MET B 777 10.33 19.57 27.67
CA MET B 777 9.63 20.74 28.17
C MET B 777 10.49 21.41 29.24
N THR B 778 10.72 22.70 29.08
CA THR B 778 11.36 23.41 30.17
C THR B 778 10.41 23.53 31.34
N PRO B 779 10.91 23.48 32.57
CA PRO B 779 10.01 23.52 33.74
C PRO B 779 9.17 24.78 33.79
N GLN B 780 9.72 25.90 33.32
CA GLN B 780 8.92 27.12 33.21
C GLN B 780 7.74 26.90 32.26
N PHE B 781 7.97 26.19 31.15
CA PHE B 781 6.92 26.04 30.15
C PHE B 781 5.83 25.09 30.65
N GLU B 782 6.21 24.01 31.33
CA GLU B 782 5.20 23.12 31.89
C GLU B 782 4.46 23.80 33.03
N HIS B 783 5.13 24.67 33.78
CA HIS B 783 4.44 25.47 34.79
C HIS B 783 3.41 26.40 34.15
N VAL B 784 3.78 27.02 33.03
CA VAL B 784 2.83 27.87 32.31
C VAL B 784 1.64 27.05 31.83
N LEU B 785 1.90 25.85 31.30
CA LEU B 785 0.82 24.99 30.86
C LEU B 785 -0.10 24.62 32.02
N ALA B 786 0.47 24.30 33.17
CA ALA B 786 -0.33 23.92 34.33
C ALA B 786 -1.19 25.09 34.82
N VAL B 787 -0.59 26.28 34.92
CA VAL B 787 -1.35 27.41 35.44
C VAL B 787 -2.44 27.82 34.44
N GLY B 788 -2.16 27.74 33.14
CA GLY B 788 -3.21 27.98 32.16
C GLY B 788 -4.33 26.95 32.24
N ASN B 789 -3.96 25.70 32.49
CA ASN B 789 -4.97 24.65 32.68
C ASN B 789 -5.88 24.97 33.86
N LEU B 790 -5.28 25.36 34.99
CA LEU B 790 -6.07 25.74 36.16
C LEU B 790 -6.96 26.95 35.87
N VAL B 791 -6.41 27.95 35.17
CA VAL B 791 -7.19 29.14 34.85
C VAL B 791 -8.40 28.78 34.00
N PHE B 792 -8.19 27.94 32.98
CA PHE B 792 -9.28 27.61 32.07
C PHE B 792 -10.34 26.75 32.75
N THR B 793 -9.91 25.76 33.54
CA THR B 793 -10.90 24.95 34.25
C THR B 793 -11.65 25.78 35.28
N GLY B 794 -10.97 26.74 35.93
CA GLY B 794 -11.68 27.65 36.82
C GLY B 794 -12.70 28.49 36.11
N ILE B 795 -12.36 28.97 34.91
CA ILE B 795 -13.30 29.77 34.12
C ILE B 795 -14.54 28.93 33.78
N PHE B 796 -14.33 27.68 33.37
CA PHE B 796 -15.47 26.85 33.01
C PHE B 796 -16.30 26.47 34.24
N THR B 797 -15.65 26.26 35.39
CA THR B 797 -16.41 26.04 36.62
C THR B 797 -17.24 27.27 36.99
N ALA B 798 -16.66 28.46 36.81
CA ALA B 798 -17.39 29.68 37.10
C ALA B 798 -18.61 29.79 36.20
N GLU B 799 -18.44 29.49 34.91
CA GLU B 799 -19.59 29.52 34.00
C GLU B 799 -20.64 28.50 34.42
N MET B 800 -20.21 27.28 34.79
CA MET B 800 -21.17 26.25 35.17
C MET B 800 -21.95 26.65 36.42
N PHE B 801 -21.25 27.11 37.45
CA PHE B 801 -21.93 27.53 38.68
C PHE B 801 -22.84 28.73 38.44
N LEU B 802 -22.37 29.69 37.64
CA LEU B 802 -23.18 30.87 37.35
C LEU B 802 -24.47 30.49 36.64
N LYS B 803 -24.38 29.61 35.63
CA LYS B 803 -25.59 29.17 34.94
C LYS B 803 -26.48 28.35 35.86
N LEU B 804 -25.87 27.52 36.73
CA LEU B 804 -26.65 26.71 37.65
C LEU B 804 -27.45 27.57 38.62
N ILE B 805 -26.85 28.66 39.11
CA ILE B 805 -27.59 29.52 40.01
C ILE B 805 -28.54 30.46 39.26
N ALA B 806 -28.22 30.81 38.01
CA ALA B 806 -29.07 31.70 37.24
C ALA B 806 -30.34 31.03 36.75
N MET B 807 -30.27 29.75 36.36
CA MET B 807 -31.45 29.02 35.93
C MET B 807 -31.58 27.77 36.76
N ASP B 808 -32.82 27.39 37.06
CA ASP B 808 -33.06 26.28 37.97
C ASP B 808 -32.48 24.99 37.40
N PRO B 809 -31.87 24.15 38.23
CA PRO B 809 -31.21 22.94 37.70
C PRO B 809 -32.13 22.06 36.87
N TYR B 810 -33.44 22.07 37.14
CA TYR B 810 -34.38 21.34 36.31
C TYR B 810 -34.26 21.76 34.85
N TYR B 811 -34.55 23.03 34.55
CA TYR B 811 -34.41 23.56 33.20
C TYR B 811 -32.97 23.56 32.71
N TYR B 812 -32.00 23.56 33.64
CA TYR B 812 -30.59 23.58 33.25
C TYR B 812 -30.18 22.25 32.65
N PHE B 813 -30.33 21.16 33.41
CA PHE B 813 -30.11 19.82 32.88
C PHE B 813 -31.11 19.44 31.80
N GLN B 814 -32.21 20.20 31.66
CA GLN B 814 -33.16 19.91 30.59
C GLN B 814 -32.56 20.14 29.20
N GLU B 815 -31.42 20.83 29.11
CA GLU B 815 -30.73 21.04 27.85
C GLU B 815 -29.61 20.01 27.70
N GLY B 816 -29.57 19.34 26.54
CA GLY B 816 -28.51 18.38 26.29
C GLY B 816 -27.14 19.01 26.26
N TRP B 817 -27.03 20.22 25.68
CA TRP B 817 -25.76 20.92 25.70
C TRP B 817 -25.29 21.13 27.13
N ASN B 818 -26.22 21.42 28.04
CA ASN B 818 -25.84 21.63 29.44
C ASN B 818 -25.43 20.33 30.12
N ILE B 819 -26.06 19.21 29.76
CA ILE B 819 -25.61 17.96 30.37
C ILE B 819 -24.21 17.60 29.86
N PHE B 820 -23.92 17.89 28.58
CA PHE B 820 -22.57 17.68 28.09
C PHE B 820 -21.58 18.57 28.83
N ASP B 821 -21.95 19.84 29.03
CA ASP B 821 -21.08 20.76 29.77
C ASP B 821 -20.86 20.29 31.20
N GLY B 822 -21.90 19.75 31.83
CA GLY B 822 -21.75 19.22 33.17
C GLY B 822 -20.84 18.01 33.22
N PHE B 823 -20.96 17.11 32.24
CA PHE B 823 -20.05 15.98 32.14
C PHE B 823 -18.61 16.47 32.04
N ILE B 824 -18.37 17.45 31.16
CA ILE B 824 -17.03 17.96 30.97
C ILE B 824 -16.50 18.60 32.25
N VAL B 825 -17.32 19.41 32.92
CA VAL B 825 -16.82 20.10 34.11
C VAL B 825 -16.57 19.12 35.25
N SER B 826 -17.42 18.10 35.41
CA SER B 826 -17.16 17.08 36.41
C SER B 826 -15.86 16.35 36.12
N LEU B 827 -15.67 15.95 34.86
CA LEU B 827 -14.42 15.28 34.47
C LEU B 827 -13.22 16.20 34.73
N SER B 828 -13.40 17.51 34.57
CA SER B 828 -12.31 18.44 34.81
C SER B 828 -11.98 18.55 36.30
N LEU B 829 -13.01 18.62 37.15
CA LEU B 829 -12.76 18.72 38.58
C LEU B 829 -12.13 17.45 39.14
N MET B 830 -12.55 16.28 38.65
CA MET B 830 -11.97 15.07 39.22
C MET B 830 -10.48 14.92 38.90
N GLU B 831 -9.95 15.74 37.98
CA GLU B 831 -8.52 15.72 37.70
C GLU B 831 -7.70 16.22 38.88
N LEU B 832 -7.94 17.46 39.30
CA LEU B 832 -7.05 18.11 40.25
C LEU B 832 -7.03 17.38 41.60
N SER B 833 -8.19 16.91 42.05
CA SER B 833 -8.23 16.15 43.29
C SER B 833 -7.42 14.87 43.17
N LEU B 834 -7.52 14.19 42.03
CA LEU B 834 -6.78 12.97 41.76
C LEU B 834 -5.48 13.27 41.01
N ALA B 835 -4.62 14.09 41.61
CA ALA B 835 -3.40 14.54 40.96
C ALA B 835 -2.23 13.57 41.11
N ASP B 836 -2.41 12.46 41.81
CA ASP B 836 -1.33 11.50 42.03
C ASP B 836 -1.73 10.07 41.65
N VAL B 837 -2.71 9.92 40.76
CA VAL B 837 -3.13 8.59 40.31
C VAL B 837 -2.03 7.99 39.43
N GLU B 838 -1.69 6.74 39.71
CA GLU B 838 -0.70 6.04 38.90
C GLU B 838 -1.24 5.86 37.48
N GLY B 839 -0.37 6.12 36.49
CA GLY B 839 -0.79 6.04 35.10
C GLY B 839 -2.00 6.90 34.83
N LEU B 840 -2.94 6.36 34.08
CA LEU B 840 -4.23 6.99 33.80
C LEU B 840 -4.06 8.38 33.19
N SER B 841 -3.22 8.43 32.16
CA SER B 841 -3.01 9.67 31.42
C SER B 841 -4.11 9.94 30.40
N VAL B 842 -5.02 9.00 30.19
CA VAL B 842 -6.13 9.20 29.28
C VAL B 842 -7.15 10.21 29.80
N LEU B 843 -7.29 10.33 31.13
CA LEU B 843 -8.36 11.12 31.72
C LEU B 843 -8.24 12.60 31.35
N ARG B 844 -7.01 13.13 31.33
CA ARG B 844 -6.80 14.54 31.00
C ARG B 844 -7.17 14.88 29.57
N SER B 845 -7.36 13.88 28.72
CA SER B 845 -7.68 14.10 27.31
C SER B 845 -9.13 14.49 27.06
N PHE B 846 -10.02 14.29 28.04
CA PHE B 846 -11.42 14.59 27.82
C PHE B 846 -11.70 16.08 27.71
N ARG B 847 -10.78 16.93 28.13
CA ARG B 847 -10.97 18.38 28.03
C ARG B 847 -11.08 18.85 26.59
N LEU B 848 -10.55 18.08 25.64
CA LEU B 848 -10.61 18.48 24.24
C LEU B 848 -12.04 18.62 23.75
N LEU B 849 -12.99 17.95 24.40
CA LEU B 849 -14.37 18.00 23.96
C LEU B 849 -14.98 19.39 24.13
N ARG B 850 -14.36 20.26 24.93
CA ARG B 850 -14.84 21.63 25.05
C ARG B 850 -14.90 22.31 23.70
N VAL B 851 -13.96 21.97 22.81
CA VAL B 851 -13.92 22.56 21.47
C VAL B 851 -15.24 22.35 20.76
N PHE B 852 -15.90 21.22 20.99
CA PHE B 852 -17.16 20.93 20.31
C PHE B 852 -18.27 21.89 20.74
N LYS B 853 -18.07 22.67 21.80
CA LYS B 853 -19.05 23.70 22.14
C LYS B 853 -19.14 24.75 21.05
N LEU B 854 -18.14 24.81 20.16
CA LEU B 854 -18.22 25.65 18.97
C LEU B 854 -19.23 25.12 17.97
N ALA B 855 -19.84 23.96 18.22
CA ALA B 855 -20.86 23.46 17.30
C ALA B 855 -22.01 24.43 17.16
N LYS B 856 -22.44 25.05 18.26
CA LYS B 856 -23.47 26.08 18.17
C LYS B 856 -23.04 27.21 17.25
N SER B 857 -21.74 27.44 17.12
CA SER B 857 -21.25 28.50 16.24
C SER B 857 -21.17 28.03 14.79
N TRP B 858 -20.37 27.00 14.53
CA TRP B 858 -20.17 26.56 13.15
C TRP B 858 -21.41 25.81 12.65
N PRO B 859 -21.78 25.98 11.38
CA PRO B 859 -22.79 25.09 10.79
C PRO B 859 -22.17 23.78 10.34
N THR B 860 -20.90 23.84 9.95
CA THR B 860 -20.21 22.67 9.41
C THR B 860 -19.68 21.75 10.51
N LEU B 861 -19.26 22.30 11.65
CA LEU B 861 -19.00 21.43 12.79
C LEU B 861 -20.29 20.80 13.29
N ASN B 862 -21.41 21.52 13.15
CA ASN B 862 -22.71 20.91 13.39
C ASN B 862 -22.99 19.80 12.39
N MET B 863 -22.53 19.96 11.15
CA MET B 863 -22.69 18.88 10.19
C MET B 863 -21.87 17.66 10.59
N LEU B 864 -20.67 17.88 11.10
CA LEU B 864 -19.86 16.77 11.61
C LEU B 864 -20.55 16.07 12.78
N ILE B 865 -21.06 16.84 13.73
CA ILE B 865 -21.81 16.25 14.84
C ILE B 865 -23.05 15.53 14.35
N LYS B 866 -23.69 16.06 13.30
CA LYS B 866 -24.86 15.40 12.73
C LYS B 866 -24.48 14.05 12.14
N ILE B 867 -23.34 13.99 11.46
CA ILE B 867 -22.86 12.71 10.91
C ILE B 867 -22.59 11.71 12.04
N ILE B 868 -21.84 12.14 13.06
CA ILE B 868 -21.53 11.23 14.16
C ILE B 868 -22.79 10.77 14.85
N GLY B 869 -23.77 11.66 15.01
CA GLY B 869 -25.03 11.27 15.63
C GLY B 869 -25.81 10.29 14.79
N ASN B 870 -25.89 10.54 13.47
CA ASN B 870 -26.58 9.63 12.57
C ASN B 870 -25.90 8.27 12.52
N SER B 871 -24.61 8.20 12.86
CA SER B 871 -23.95 6.91 12.97
C SER B 871 -24.62 6.05 14.04
N VAL B 872 -24.89 6.63 15.21
CA VAL B 872 -25.52 5.92 16.31
C VAL B 872 -26.97 6.35 16.51
N GLY B 873 -27.57 7.03 15.53
CA GLY B 873 -28.94 7.48 15.64
C GLY B 873 -29.87 6.74 14.71
N ALA B 874 -30.21 7.36 13.58
CA ALA B 874 -31.04 6.69 12.58
C ALA B 874 -30.40 5.41 12.07
N LEU B 875 -29.07 5.36 12.01
CA LEU B 875 -28.35 4.20 11.50
C LEU B 875 -27.64 3.44 12.61
N GLY B 876 -28.13 3.54 13.84
CA GLY B 876 -27.57 2.74 14.92
C GLY B 876 -27.73 1.26 14.68
N ASN B 877 -28.85 0.88 14.04
CA ASN B 877 -29.06 -0.54 13.75
C ASN B 877 -28.08 -1.03 12.69
N LEU B 878 -27.75 -0.20 11.71
CA LEU B 878 -26.83 -0.65 10.68
C LEU B 878 -25.39 -0.69 11.21
N THR B 879 -25.01 0.29 12.03
CA THR B 879 -23.70 0.18 12.66
C THR B 879 -23.66 -0.97 13.66
N LEU B 880 -24.82 -1.38 14.19
CA LEU B 880 -24.87 -2.56 15.04
C LEU B 880 -24.67 -3.83 14.21
N VAL B 881 -25.22 -3.85 13.00
CA VAL B 881 -24.97 -4.95 12.08
C VAL B 881 -23.48 -5.04 11.78
N LEU B 882 -22.85 -3.89 11.53
CA LEU B 882 -21.41 -3.87 11.28
C LEU B 882 -20.64 -4.39 12.48
N ALA B 883 -21.01 -3.95 13.69
CA ALA B 883 -20.32 -4.42 14.89
C ALA B 883 -20.48 -5.92 15.06
N ILE B 884 -21.67 -6.44 14.82
CA ILE B 884 -21.92 -7.87 14.95
C ILE B 884 -21.08 -8.66 13.94
N ILE B 885 -20.95 -8.13 12.72
CA ILE B 885 -20.18 -8.84 11.69
C ILE B 885 -18.69 -8.80 12.03
N VAL B 886 -18.19 -7.66 12.50
CA VAL B 886 -16.79 -7.54 12.87
C VAL B 886 -16.52 -8.38 14.12
N PHE B 887 -17.59 -8.73 14.83
CA PHE B 887 -17.44 -9.65 15.97
C PHE B 887 -17.40 -11.10 15.51
N ILE B 888 -18.32 -11.48 14.63
CA ILE B 888 -18.41 -12.88 14.21
C ILE B 888 -17.17 -13.27 13.41
N PHE B 889 -16.68 -12.38 12.55
CA PHE B 889 -15.44 -12.68 11.84
C PHE B 889 -14.26 -12.74 12.78
N ALA B 890 -14.23 -11.84 13.77
CA ALA B 890 -13.15 -11.85 14.75
C ALA B 890 -13.11 -13.15 15.54
N VAL B 891 -14.27 -13.73 15.83
CA VAL B 891 -14.31 -14.93 16.65
C VAL B 891 -14.14 -16.18 15.78
N VAL B 892 -14.60 -16.13 14.53
CA VAL B 892 -14.34 -17.23 13.59
C VAL B 892 -12.85 -17.37 13.36
N GLY B 893 -12.17 -16.26 13.14
CA GLY B 893 -10.72 -16.33 12.99
C GLY B 893 -10.05 -16.92 14.20
N MET B 894 -10.47 -16.48 15.39
CA MET B 894 -9.84 -16.96 16.62
C MET B 894 -10.09 -18.43 16.87
N GLN B 895 -11.25 -18.96 16.46
CA GLN B 895 -11.53 -20.37 16.64
C GLN B 895 -10.93 -21.24 15.54
N LEU B 896 -10.75 -20.69 14.34
CA LEU B 896 -10.20 -21.49 13.24
C LEU B 896 -8.68 -21.53 13.30
N PHE B 897 -8.02 -20.36 13.27
CA PHE B 897 -6.58 -20.28 13.16
C PHE B 897 -5.87 -19.92 14.45
N GLY B 898 -6.61 -19.78 15.55
CA GLY B 898 -6.03 -19.33 16.81
C GLY B 898 -4.98 -20.27 17.36
N LYS B 899 -5.28 -21.57 17.39
CA LYS B 899 -4.31 -22.54 17.88
C LYS B 899 -3.18 -22.75 16.87
N SER B 900 -3.50 -22.67 15.59
CA SER B 900 -2.48 -22.82 14.56
C SER B 900 -1.42 -21.74 14.66
N TYR B 901 -1.83 -20.50 14.91
CA TYR B 901 -0.87 -19.41 15.05
C TYR B 901 0.10 -19.63 16.19
N LYS B 902 -0.23 -20.51 17.13
CA LYS B 902 0.67 -20.84 18.22
C LYS B 902 1.44 -22.13 17.99
N GLU B 903 0.88 -23.07 17.24
CA GLU B 903 1.64 -24.27 16.90
C GLU B 903 2.74 -23.96 15.89
N CYS B 904 2.42 -23.19 14.85
CA CYS B 904 3.33 -22.90 13.75
C CYS B 904 4.06 -21.57 13.90
N VAL B 905 4.45 -21.18 15.12
CA VAL B 905 5.03 -19.85 15.31
C VAL B 905 6.32 -19.69 14.51
N CYS B 906 7.16 -20.73 14.48
CA CYS B 906 8.46 -20.60 13.85
C CYS B 906 8.39 -20.62 12.32
N LYS B 907 7.19 -20.79 11.75
CA LYS B 907 7.09 -20.81 10.30
C LYS B 907 6.86 -19.43 9.73
N ILE B 908 6.40 -18.48 10.54
CA ILE B 908 6.11 -17.13 10.05
C ILE B 908 7.02 -16.10 10.70
N ASN B 909 7.49 -16.36 11.91
CA ASN B 909 8.36 -15.42 12.62
C ASN B 909 9.66 -16.13 12.97
N GLN B 910 10.79 -15.59 12.48
CA GLN B 910 12.07 -16.27 12.61
C GLN B 910 12.55 -16.41 14.04
N ASP B 911 11.96 -15.68 14.99
CA ASP B 911 12.35 -15.75 16.38
C ASP B 911 11.48 -16.69 17.20
N CYS B 912 10.57 -17.42 16.54
CA CYS B 912 9.63 -18.32 17.21
C CYS B 912 8.77 -17.59 18.22
N GLU B 913 8.44 -16.34 17.91
CA GLU B 913 7.48 -15.55 18.67
C GLU B 913 6.23 -15.33 17.82
N LEU B 914 5.12 -15.05 18.49
CA LEU B 914 3.92 -14.70 17.77
C LEU B 914 4.17 -13.46 16.92
N PRO B 915 3.73 -13.43 15.67
CA PRO B 915 3.84 -12.22 14.87
C PRO B 915 3.10 -11.07 15.52
N ARG B 916 3.34 -9.87 15.03
CA ARG B 916 2.72 -8.70 15.62
C ARG B 916 1.20 -8.75 15.49
N TRP B 917 0.70 -9.16 14.33
CA TRP B 917 -0.74 -9.16 14.08
C TRP B 917 -1.18 -10.59 13.80
N HIS B 918 -1.53 -11.31 14.85
CA HIS B 918 -1.94 -12.71 14.79
C HIS B 918 -3.40 -12.85 15.18
N MET B 919 -3.89 -14.09 15.15
CA MET B 919 -5.28 -14.40 15.45
C MET B 919 -5.41 -15.27 16.70
N HIS B 920 -4.48 -15.17 17.64
CA HIS B 920 -4.51 -16.05 18.80
C HIS B 920 -5.51 -15.56 19.84
N ASP B 921 -5.32 -14.35 20.37
CA ASP B 921 -6.26 -13.78 21.30
C ASP B 921 -7.48 -13.26 20.54
N PHE B 922 -8.44 -12.68 21.28
CA PHE B 922 -9.57 -12.07 20.59
C PHE B 922 -9.26 -10.65 20.18
N PHE B 923 -8.52 -9.91 21.00
CA PHE B 923 -8.17 -8.54 20.64
C PHE B 923 -7.39 -8.51 19.34
N HIS B 924 -6.39 -9.39 19.21
CA HIS B 924 -5.59 -9.41 18.00
C HIS B 924 -6.39 -9.88 16.79
N SER B 925 -7.31 -10.82 16.97
CA SER B 925 -8.19 -11.21 15.88
C SER B 925 -9.06 -10.06 15.42
N PHE B 926 -9.59 -9.29 16.38
CA PHE B 926 -10.35 -8.09 16.04
C PHE B 926 -9.48 -7.09 15.31
N LEU B 927 -8.23 -6.95 15.74
CA LEU B 927 -7.32 -6.03 15.05
C LEU B 927 -7.10 -6.48 13.62
N ILE B 928 -6.95 -7.78 13.39
CA ILE B 928 -6.74 -8.28 12.04
C ILE B 928 -7.96 -8.03 11.17
N VAL B 929 -9.16 -8.29 11.70
CA VAL B 929 -10.34 -8.06 10.87
C VAL B 929 -10.52 -6.57 10.61
N PHE B 930 -10.19 -5.71 11.59
CA PHE B 930 -10.23 -4.27 11.36
C PHE B 930 -9.26 -3.86 10.27
N ARG B 931 -8.05 -4.41 10.31
CA ARG B 931 -7.06 -4.15 9.28
C ARG B 931 -7.56 -4.56 7.90
N VAL B 932 -8.21 -5.72 7.81
CA VAL B 932 -8.79 -6.14 6.55
C VAL B 932 -9.86 -5.16 6.11
N LEU B 933 -10.59 -4.58 7.06
CA LEU B 933 -11.54 -3.52 6.73
C LEU B 933 -10.82 -2.26 6.27
N CYS B 934 -9.72 -1.89 6.94
CA CYS B 934 -8.91 -0.78 6.46
C CYS B 934 -8.38 -1.04 5.06
N GLY B 935 -7.89 -2.25 4.80
CA GLY B 935 -7.47 -2.60 3.46
C GLY B 935 -6.23 -3.48 3.36
N GLU B 936 -5.54 -3.72 4.47
CA GLU B 936 -4.26 -4.44 4.44
C GLU B 936 -4.47 -5.93 4.78
N TRP B 937 -5.10 -6.64 3.85
CA TRP B 937 -5.39 -8.05 4.07
C TRP B 937 -4.23 -8.97 3.71
N ILE B 938 -3.49 -8.67 2.65
CA ILE B 938 -2.55 -9.63 2.08
C ILE B 938 -1.41 -9.94 3.06
N GLU B 939 -0.93 -8.92 3.77
CA GLU B 939 0.25 -9.08 4.61
C GLU B 939 0.00 -10.00 5.79
N THR B 940 -1.27 -10.27 6.12
CA THR B 940 -1.62 -11.23 7.15
C THR B 940 -2.20 -12.51 6.57
N MET B 941 -2.82 -12.43 5.39
CA MET B 941 -3.25 -13.64 4.71
C MET B 941 -2.06 -14.53 4.41
N TRP B 942 -0.91 -13.94 4.05
CA TRP B 942 0.28 -14.76 3.84
C TRP B 942 0.62 -15.54 5.09
N ASP B 943 0.64 -14.87 6.24
CA ASP B 943 1.02 -15.54 7.48
C ASP B 943 0.04 -16.66 7.83
N CYS B 944 -1.26 -16.39 7.70
CA CYS B 944 -2.16 -17.43 8.16
C CYS B 944 -2.21 -18.58 7.17
N MET B 945 -1.96 -18.31 5.89
CA MET B 945 -1.80 -19.39 4.92
C MET B 945 -0.57 -20.22 5.24
N GLU B 946 0.49 -19.57 5.73
CA GLU B 946 1.70 -20.31 6.06
C GLU B 946 1.53 -21.14 7.32
N VAL B 947 0.60 -20.78 8.20
CA VAL B 947 0.45 -21.57 9.43
C VAL B 947 -0.70 -22.57 9.34
N ALA B 948 -1.83 -22.19 8.74
CA ALA B 948 -3.07 -22.96 8.87
C ALA B 948 -3.74 -23.17 7.52
N GLY B 949 -2.98 -23.58 6.52
CA GLY B 949 -3.58 -24.01 5.27
C GLY B 949 -4.03 -22.89 4.36
N GLN B 950 -3.84 -23.07 3.06
CA GLN B 950 -4.16 -22.00 2.11
C GLN B 950 -5.66 -21.84 1.91
N ALA B 951 -6.40 -22.94 1.82
CA ALA B 951 -7.82 -22.86 1.45
C ALA B 951 -8.63 -22.13 2.52
N MET B 952 -8.38 -22.47 3.79
CA MET B 952 -9.14 -21.85 4.87
C MET B 952 -8.91 -20.34 4.91
N CYS B 953 -7.66 -19.91 4.80
CA CYS B 953 -7.38 -18.47 4.82
C CYS B 953 -7.94 -17.77 3.60
N LEU B 954 -7.83 -18.38 2.42
CA LEU B 954 -8.39 -17.75 1.24
C LEU B 954 -9.88 -17.53 1.42
N ILE B 955 -10.61 -18.57 1.83
CA ILE B 955 -12.06 -18.43 1.98
C ILE B 955 -12.39 -17.41 3.06
N VAL B 956 -11.72 -17.51 4.22
CA VAL B 956 -12.02 -16.62 5.33
C VAL B 956 -11.77 -15.17 4.96
N PHE B 957 -10.59 -14.88 4.39
CA PHE B 957 -10.24 -13.49 4.10
C PHE B 957 -10.99 -12.92 2.92
N MET B 958 -11.32 -13.72 1.90
CA MET B 958 -12.21 -13.21 0.86
C MET B 958 -13.59 -12.90 1.43
N MET B 959 -14.08 -13.75 2.34
CA MET B 959 -15.36 -13.45 2.98
C MET B 959 -15.28 -12.18 3.80
N VAL B 960 -14.21 -12.03 4.57
CA VAL B 960 -14.04 -10.82 5.38
C VAL B 960 -14.01 -9.60 4.49
N MET B 961 -13.19 -9.62 3.45
CA MET B 961 -13.11 -8.47 2.56
C MET B 961 -14.46 -8.15 1.96
N VAL B 962 -15.10 -9.12 1.32
CA VAL B 962 -16.34 -8.82 0.59
C VAL B 962 -17.42 -8.34 1.56
N ILE B 963 -17.67 -9.09 2.63
CA ILE B 963 -18.78 -8.76 3.51
C ILE B 963 -18.49 -7.49 4.29
N GLY B 964 -17.32 -7.40 4.92
CA GLY B 964 -16.99 -6.23 5.71
C GLY B 964 -16.93 -4.97 4.88
N ASN B 965 -16.34 -5.04 3.69
CA ASN B 965 -16.28 -3.85 2.84
C ASN B 965 -17.66 -3.49 2.31
N LEU B 966 -18.52 -4.48 2.05
CA LEU B 966 -19.89 -4.17 1.69
C LEU B 966 -20.60 -3.42 2.80
N VAL B 967 -20.42 -3.88 4.05
CA VAL B 967 -21.13 -3.24 5.15
C VAL B 967 -20.57 -1.86 5.45
N VAL B 968 -19.24 -1.70 5.39
CA VAL B 968 -18.65 -0.39 5.64
C VAL B 968 -19.02 0.59 4.53
N LEU B 969 -19.03 0.13 3.29
CA LEU B 969 -19.48 0.96 2.19
C LEU B 969 -20.94 1.37 2.36
N ASN B 970 -21.79 0.42 2.76
CA ASN B 970 -23.19 0.73 2.94
C ASN B 970 -23.39 1.71 4.09
N LEU B 971 -22.62 1.57 5.16
CA LEU B 971 -22.71 2.52 6.28
C LEU B 971 -22.24 3.90 5.84
N PHE B 972 -21.16 3.96 5.08
CA PHE B 972 -20.64 5.23 4.59
C PHE B 972 -21.68 5.95 3.74
N LEU B 973 -22.29 5.23 2.78
CA LEU B 973 -23.30 5.84 1.94
C LEU B 973 -24.58 6.15 2.72
N ALA B 974 -24.91 5.36 3.73
CA ALA B 974 -26.05 5.68 4.57
C ALA B 974 -25.86 7.01 5.26
N LEU B 975 -24.69 7.19 5.90
CA LEU B 975 -24.37 8.47 6.53
C LEU B 975 -24.38 9.60 5.50
N LEU B 976 -23.81 9.36 4.33
CA LEU B 976 -23.70 10.43 3.34
C LEU B 976 -25.06 10.86 2.83
N LEU B 977 -25.96 9.91 2.57
CA LEU B 977 -27.31 10.25 2.12
C LEU B 977 -28.17 10.82 3.23
N SER B 978 -27.91 10.44 4.49
CA SER B 978 -28.57 11.15 5.59
C SER B 978 -28.14 12.60 5.65
N SER B 979 -26.84 12.86 5.45
CA SER B 979 -26.34 14.24 5.46
C SER B 979 -26.89 15.04 4.29
N PHE B 980 -26.95 14.42 3.10
CA PHE B 980 -27.30 15.17 1.89
C PHE B 980 -28.67 15.80 2.00
N SER B 981 -29.66 15.05 2.48
CA SER B 981 -31.01 15.56 2.66
C SER B 981 -31.84 14.60 3.50
N GLY B 1181 2.25 60.99 -35.80
CA GLY B 1181 1.65 60.30 -34.68
C GLY B 1181 0.88 59.05 -35.10
N LYS B 1182 0.06 58.54 -34.18
CA LYS B 1182 -0.74 57.33 -34.40
C LYS B 1182 0.12 56.16 -34.86
N SER B 1183 1.02 55.75 -33.95
CA SER B 1183 1.83 54.56 -34.15
C SER B 1183 1.80 53.60 -32.98
N TRP B 1184 1.57 54.10 -31.76
CA TRP B 1184 1.45 53.22 -30.60
C TRP B 1184 0.27 52.29 -30.74
N TRP B 1185 -0.88 52.81 -31.19
CA TRP B 1185 -2.08 52.00 -31.33
C TRP B 1185 -1.91 50.94 -32.42
N ILE B 1186 -1.28 51.31 -33.53
CA ILE B 1186 -1.01 50.34 -34.58
C ILE B 1186 -0.04 49.27 -34.10
N LEU B 1187 1.00 49.67 -33.36
CA LEU B 1187 1.94 48.70 -32.84
C LEU B 1187 1.26 47.73 -31.87
N ARG B 1188 0.40 48.25 -30.99
CA ARG B 1188 -0.33 47.40 -30.06
C ARG B 1188 -1.20 46.40 -30.81
N LYS B 1189 -1.94 46.86 -31.82
CA LYS B 1189 -2.83 45.92 -32.49
C LYS B 1189 -2.06 44.91 -33.34
N THR B 1190 -0.91 45.32 -33.90
CA THR B 1190 -0.08 44.36 -34.64
C THR B 1190 0.46 43.28 -33.70
N CYS B 1191 0.94 43.67 -32.53
CA CYS B 1191 1.39 42.69 -31.55
C CYS B 1191 0.24 41.81 -31.07
N PHE B 1192 -0.96 42.38 -30.90
CA PHE B 1192 -2.13 41.58 -30.58
C PHE B 1192 -2.37 40.52 -31.65
N LEU B 1193 -2.30 40.92 -32.92
CA LEU B 1193 -2.52 39.99 -34.02
C LEU B 1193 -1.47 38.88 -34.02
N ILE B 1194 -0.20 39.23 -33.76
CA ILE B 1194 0.84 38.21 -33.80
C ILE B 1194 0.71 37.27 -32.61
N VAL B 1195 0.20 37.77 -31.48
CA VAL B 1195 -0.05 36.89 -30.34
C VAL B 1195 -1.19 35.92 -30.65
N GLU B 1196 -2.29 36.42 -31.19
CA GLU B 1196 -3.48 35.59 -31.38
C GLU B 1196 -3.33 34.58 -32.52
N HIS B 1197 -2.15 34.44 -33.10
CA HIS B 1197 -1.96 33.52 -34.21
C HIS B 1197 -1.78 32.08 -33.71
N ASN B 1198 -2.54 31.16 -34.30
CA ASN B 1198 -2.53 29.77 -33.86
C ASN B 1198 -1.14 29.15 -34.00
N TRP B 1199 -0.50 29.36 -35.15
CA TRP B 1199 0.82 28.78 -35.39
C TRP B 1199 1.82 29.27 -34.36
N PHE B 1200 1.73 30.54 -33.98
CA PHE B 1200 2.63 31.08 -32.98
C PHE B 1200 2.40 30.44 -31.62
N GLU B 1201 1.14 30.17 -31.28
CA GLU B 1201 0.83 29.47 -30.04
C GLU B 1201 1.40 28.06 -30.06
N THR B 1202 1.28 27.37 -31.18
CA THR B 1202 1.90 26.05 -31.30
C THR B 1202 3.41 26.13 -31.12
N PHE B 1203 4.02 27.17 -31.70
CA PHE B 1203 5.46 27.33 -31.58
C PHE B 1203 5.87 27.56 -30.13
N ILE B 1204 5.15 28.42 -29.42
CA ILE B 1204 5.50 28.65 -28.01
C ILE B 1204 5.22 27.41 -27.18
N ILE B 1205 4.23 26.61 -27.55
CA ILE B 1205 3.99 25.35 -26.85
C ILE B 1205 5.18 24.40 -27.03
N PHE B 1206 5.69 24.31 -28.26
CA PHE B 1206 6.86 23.48 -28.50
C PHE B 1206 8.07 24.01 -27.72
N MET B 1207 8.20 25.33 -27.65
CA MET B 1207 9.32 25.93 -26.93
C MET B 1207 9.25 25.61 -25.44
N ILE B 1208 8.05 25.74 -24.85
CA ILE B 1208 7.94 25.45 -23.43
C ILE B 1208 8.16 23.97 -23.17
N LEU B 1209 7.71 23.10 -24.09
CA LEU B 1209 7.94 21.67 -23.93
C LEU B 1209 9.43 21.36 -23.95
N LEU B 1210 10.17 21.94 -24.91
CA LEU B 1210 11.60 21.69 -24.99
C LEU B 1210 12.33 22.23 -23.75
N SER B 1211 12.01 23.46 -23.35
CA SER B 1211 12.68 24.05 -22.20
C SER B 1211 12.39 23.27 -20.93
N SER B 1212 11.17 22.73 -20.80
CA SER B 1212 10.83 21.95 -19.63
C SER B 1212 11.53 20.59 -19.65
N GLY B 1213 11.53 19.93 -20.81
CA GLY B 1213 12.20 18.65 -20.93
C GLY B 1213 13.70 18.73 -20.76
N ALA B 1214 14.29 19.90 -21.01
CA ALA B 1214 15.73 20.06 -20.80
C ALA B 1214 16.11 19.90 -19.34
N LEU B 1215 15.15 19.97 -18.42
CA LEU B 1215 15.44 19.75 -17.01
C LEU B 1215 15.66 18.28 -16.68
N ALA B 1216 15.06 17.38 -17.47
CA ALA B 1216 15.16 15.96 -17.17
C ALA B 1216 16.59 15.47 -17.22
N PHE B 1217 17.39 16.00 -18.12
CA PHE B 1217 18.79 15.58 -18.27
C PHE B 1217 19.66 16.00 -17.11
N GLU B 1218 19.18 16.73 -16.11
CA GLU B 1218 20.02 17.26 -15.04
C GLU B 1218 19.86 16.33 -13.84
N ASP B 1219 20.69 15.31 -13.77
CA ASP B 1219 20.62 14.27 -12.74
C ASP B 1219 22.03 13.92 -12.32
N ILE B 1220 22.19 12.80 -11.62
CA ILE B 1220 23.52 12.40 -11.17
C ILE B 1220 24.39 11.89 -12.33
N TYR B 1221 23.79 11.38 -13.41
CA TYR B 1221 24.55 11.01 -14.59
C TYR B 1221 24.75 12.23 -15.50
N ILE B 1222 25.30 13.29 -14.90
CA ILE B 1222 25.58 14.51 -15.64
C ILE B 1222 27.06 14.81 -15.76
N GLU B 1223 27.92 14.21 -14.95
CA GLU B 1223 29.34 14.28 -15.23
C GLU B 1223 29.71 13.43 -16.44
N GLN B 1224 28.85 12.49 -16.82
CA GLN B 1224 28.91 11.91 -18.14
C GLN B 1224 28.15 12.83 -19.10
N ARG B 1225 28.14 12.45 -20.39
CA ARG B 1225 27.50 13.21 -21.46
C ARG B 1225 27.68 14.71 -21.28
N LYS B 1226 28.94 15.12 -21.04
CA LYS B 1226 29.25 16.53 -20.86
C LYS B 1226 28.85 17.36 -22.07
N THR B 1227 28.88 16.76 -23.26
CA THR B 1227 28.39 17.47 -24.44
C THR B 1227 26.91 17.81 -24.30
N ILE B 1228 26.12 16.89 -23.76
CA ILE B 1228 24.70 17.16 -23.55
C ILE B 1228 24.52 18.29 -22.53
N ARG B 1229 25.27 18.26 -21.43
CA ARG B 1229 25.12 19.32 -20.43
C ARG B 1229 25.52 20.66 -21.01
N THR B 1230 26.57 20.69 -21.84
CA THR B 1230 27.02 21.97 -22.39
C THR B 1230 26.02 22.52 -23.40
N ILE B 1231 25.51 21.65 -24.29
CA ILE B 1231 24.56 22.12 -25.30
C ILE B 1231 23.26 22.56 -24.63
N LEU B 1232 22.83 21.85 -23.58
CA LEU B 1232 21.60 22.25 -22.90
C LEU B 1232 21.81 23.53 -22.09
N GLU B 1233 22.98 23.70 -21.49
CA GLU B 1233 23.26 24.93 -20.77
C GLU B 1233 23.28 26.13 -21.72
N TYR B 1234 23.85 25.95 -22.91
CA TYR B 1234 23.90 27.06 -23.86
C TYR B 1234 22.59 27.23 -24.62
N ALA B 1235 21.70 26.25 -24.58
CA ALA B 1235 20.33 26.46 -25.06
C ALA B 1235 19.44 27.06 -23.98
N ASP B 1236 19.85 26.95 -22.71
CA ASP B 1236 19.10 27.61 -21.64
C ASP B 1236 19.08 29.13 -21.85
N LYS B 1237 20.19 29.68 -22.34
CA LYS B 1237 20.23 31.12 -22.59
C LYS B 1237 19.24 31.52 -23.68
N VAL B 1238 19.15 30.74 -24.76
CA VAL B 1238 18.22 31.09 -25.82
C VAL B 1238 16.79 30.89 -25.36
N PHE B 1239 16.54 29.91 -24.48
CA PHE B 1239 15.21 29.78 -23.89
C PHE B 1239 14.86 31.01 -23.07
N THR B 1240 15.79 31.47 -22.24
CA THR B 1240 15.55 32.69 -21.46
C THR B 1240 15.29 33.87 -22.38
N TYR B 1241 16.07 33.98 -23.47
CA TYR B 1241 15.89 35.08 -24.41
C TYR B 1241 14.50 35.05 -25.04
N ILE B 1242 14.09 33.88 -25.54
CA ILE B 1242 12.80 33.81 -26.22
C ILE B 1242 11.66 34.06 -25.23
N PHE B 1243 11.81 33.66 -23.97
CA PHE B 1243 10.73 33.90 -23.02
C PHE B 1243 10.67 35.36 -22.57
N ILE B 1244 11.83 36.01 -22.41
CA ILE B 1244 11.82 37.45 -22.17
C ILE B 1244 11.18 38.18 -23.35
N LEU B 1245 11.51 37.74 -24.56
CA LEU B 1245 10.92 38.34 -25.75
C LEU B 1245 9.41 38.16 -25.75
N GLU B 1246 8.92 36.99 -25.34
CA GLU B 1246 7.49 36.77 -25.26
C GLU B 1246 6.85 37.67 -24.22
N MET B 1247 7.51 37.83 -23.07
CA MET B 1247 6.99 38.73 -22.04
C MET B 1247 6.86 40.15 -22.58
N LEU B 1248 7.92 40.65 -23.23
CA LEU B 1248 7.89 42.01 -23.76
C LEU B 1248 6.82 42.18 -24.83
N LEU B 1249 6.72 41.22 -25.75
CA LEU B 1249 5.77 41.36 -26.85
C LEU B 1249 4.34 41.24 -26.35
N LYS B 1250 4.09 40.37 -25.37
CA LYS B 1250 2.77 40.31 -24.75
C LYS B 1250 2.44 41.62 -24.04
N TRP B 1251 3.41 42.20 -23.35
CA TRP B 1251 3.21 43.51 -22.74
C TRP B 1251 2.76 44.52 -23.79
N THR B 1252 3.50 44.62 -24.90
CA THR B 1252 3.16 45.59 -25.93
C THR B 1252 1.78 45.30 -26.52
N ALA B 1253 1.45 44.02 -26.72
CA ALA B 1253 0.17 43.66 -27.33
C ALA B 1253 -1.00 44.00 -26.43
N TYR B 1254 -0.86 43.78 -25.12
CA TYR B 1254 -2.02 43.82 -24.22
C TYR B 1254 -2.10 45.12 -23.43
N GLY B 1255 -1.01 45.56 -22.81
CA GLY B 1255 -1.07 46.66 -21.88
C GLY B 1255 -0.71 46.21 -20.49
N PHE B 1256 -0.06 47.08 -19.72
CA PHE B 1256 0.39 46.68 -18.38
C PHE B 1256 -0.78 46.30 -17.49
N VAL B 1257 -1.86 47.09 -17.53
CA VAL B 1257 -3.01 46.80 -16.66
C VAL B 1257 -3.71 45.53 -17.10
N LYS B 1258 -3.87 45.33 -18.42
CA LYS B 1258 -4.52 44.12 -18.90
C LYS B 1258 -3.69 42.88 -18.58
N PHE B 1259 -2.37 43.00 -18.65
CA PHE B 1259 -1.49 41.87 -18.42
C PHE B 1259 -1.38 41.53 -16.94
N PHE B 1260 -1.34 42.56 -16.09
CA PHE B 1260 -1.11 42.31 -14.66
C PHE B 1260 -2.40 42.07 -13.88
N THR B 1261 -3.56 42.05 -14.53
CA THR B 1261 -4.80 41.64 -13.90
C THR B 1261 -5.13 40.18 -14.17
N ASN B 1262 -4.21 39.42 -14.76
CA ASN B 1262 -4.39 38.01 -15.06
C ASN B 1262 -3.41 37.20 -14.23
N ALA B 1263 -3.92 36.17 -13.55
CA ALA B 1263 -3.08 35.34 -12.70
C ALA B 1263 -2.04 34.59 -13.52
N TRP B 1264 -2.44 34.05 -14.67
CA TRP B 1264 -1.50 33.28 -15.50
C TRP B 1264 -0.36 34.17 -15.98
N CYS B 1265 -0.64 35.42 -16.30
CA CYS B 1265 0.40 36.33 -16.73
C CYS B 1265 1.35 36.64 -15.58
N TRP B 1266 0.84 36.75 -14.36
CA TRP B 1266 1.72 36.85 -13.19
C TRP B 1266 2.60 35.62 -13.05
N LEU B 1267 2.04 34.44 -13.27
CA LEU B 1267 2.84 33.21 -13.19
C LEU B 1267 3.98 33.23 -14.20
N ASP B 1268 3.65 33.53 -15.46
CA ASP B 1268 4.67 33.58 -16.50
C ASP B 1268 5.72 34.64 -16.20
N PHE B 1269 5.29 35.82 -15.75
CA PHE B 1269 6.22 36.88 -15.43
C PHE B 1269 7.15 36.48 -14.30
N LEU B 1270 6.61 35.82 -13.27
CA LEU B 1270 7.43 35.39 -12.15
C LEU B 1270 8.48 34.38 -12.60
N ILE B 1271 8.07 33.41 -13.42
CA ILE B 1271 9.03 32.41 -13.87
C ILE B 1271 10.12 33.05 -14.72
N VAL B 1272 9.73 33.92 -15.65
CA VAL B 1272 10.72 34.58 -16.51
C VAL B 1272 11.65 35.45 -15.68
N ALA B 1273 11.10 36.17 -14.70
CA ALA B 1273 11.91 37.05 -13.87
C ALA B 1273 12.91 36.27 -13.03
N VAL B 1274 12.50 35.16 -12.43
CA VAL B 1274 13.44 34.40 -11.61
C VAL B 1274 14.50 33.76 -12.49
N SER B 1275 14.11 33.28 -13.67
CA SER B 1275 15.09 32.72 -14.59
C SER B 1275 16.10 33.78 -15.01
N LEU B 1276 15.63 34.99 -15.31
CA LEU B 1276 16.53 36.06 -15.74
C LEU B 1276 17.42 36.53 -14.59
N VAL B 1277 16.91 36.52 -13.36
CA VAL B 1277 17.74 36.86 -12.22
C VAL B 1277 18.86 35.85 -12.05
N SER B 1278 18.54 34.56 -12.16
CA SER B 1278 19.59 33.54 -12.13
C SER B 1278 20.56 33.74 -13.29
N LEU B 1279 20.04 34.09 -14.46
CA LEU B 1279 20.89 34.34 -15.62
C LEU B 1279 21.90 35.44 -15.36
N ILE B 1280 21.44 36.59 -14.85
CA ILE B 1280 22.35 37.71 -14.62
C ILE B 1280 23.31 37.38 -13.49
N ALA B 1281 22.85 36.60 -12.50
CA ALA B 1281 23.75 36.19 -11.42
C ALA B 1281 24.89 35.34 -11.93
N ASN B 1282 24.58 34.35 -12.78
CA ASN B 1282 25.64 33.52 -13.32
C ASN B 1282 26.50 34.27 -14.34
N ALA B 1283 25.92 35.21 -15.08
CA ALA B 1283 26.70 36.02 -16.01
C ALA B 1283 27.71 36.88 -15.27
N LEU B 1284 27.31 37.44 -14.13
CA LEU B 1284 28.25 38.16 -13.30
C LEU B 1284 29.08 37.19 -12.47
N GLY B 1285 30.06 37.73 -11.75
CA GLY B 1285 30.91 36.92 -10.91
C GLY B 1285 30.18 36.21 -9.79
N TYR B 1286 29.04 36.74 -9.36
CA TYR B 1286 28.23 36.14 -8.30
C TYR B 1286 27.40 34.98 -8.84
N SER B 1287 28.10 33.97 -9.36
CA SER B 1287 27.45 32.80 -9.92
C SER B 1287 27.22 31.70 -8.89
N GLU B 1288 27.56 31.94 -7.63
CA GLU B 1288 27.46 30.94 -6.58
C GLU B 1288 27.61 31.69 -5.25
N LEU B 1289 27.71 30.94 -4.15
CA LEU B 1289 27.95 31.49 -2.81
C LEU B 1289 26.84 32.46 -2.41
N GLY B 1290 25.67 31.89 -2.24
CA GLY B 1290 24.52 32.63 -1.76
C GLY B 1290 23.25 31.81 -1.92
N ALA B 1291 22.12 32.52 -1.88
CA ALA B 1291 20.84 31.89 -2.14
C ALA B 1291 20.62 31.64 -3.62
N ILE B 1292 21.61 31.97 -4.46
CA ILE B 1292 21.47 31.79 -5.91
C ILE B 1292 21.35 30.31 -6.25
N LYS B 1293 22.17 29.48 -5.58
CA LYS B 1293 22.10 28.04 -5.83
C LYS B 1293 20.75 27.46 -5.40
N SER B 1294 20.19 27.95 -4.29
CA SER B 1294 18.88 27.48 -3.85
C SER B 1294 17.79 28.02 -4.76
N LEU B 1295 18.04 29.15 -5.41
CA LEU B 1295 17.13 29.65 -6.43
C LEU B 1295 17.23 28.83 -7.71
N ARG B 1296 18.38 28.21 -7.94
CA ARG B 1296 18.59 27.39 -9.14
C ARG B 1296 17.60 26.25 -9.21
N THR B 1297 17.33 25.59 -8.08
CA THR B 1297 16.40 24.47 -8.07
C THR B 1297 14.96 24.91 -8.30
N LEU B 1298 14.68 26.21 -8.20
CA LEU B 1298 13.34 26.71 -8.48
C LEU B 1298 13.01 26.68 -9.97
N ARG B 1299 14.00 26.38 -10.82
CA ARG B 1299 13.74 26.24 -12.25
C ARG B 1299 12.75 25.12 -12.54
N ALA B 1300 12.53 24.23 -11.57
CA ALA B 1300 11.59 23.13 -11.77
C ALA B 1300 10.17 23.63 -12.02
N LEU B 1301 9.88 24.89 -11.72
CA LEU B 1301 8.56 25.45 -11.92
C LEU B 1301 8.29 25.84 -13.37
N ARG B 1302 9.27 25.70 -14.25
CA ARG B 1302 9.08 26.07 -15.65
C ARG B 1302 7.90 25.41 -16.33
N PRO B 1303 7.59 24.12 -16.13
CA PRO B 1303 6.44 23.53 -16.82
C PRO B 1303 5.10 24.19 -16.50
N LEU B 1304 5.04 25.08 -15.51
CA LEU B 1304 3.75 25.72 -15.19
C LEU B 1304 3.22 26.53 -16.36
N ARG B 1305 4.08 27.00 -17.26
CA ARG B 1305 3.60 27.69 -18.46
C ARG B 1305 2.67 26.79 -19.27
N ALA B 1306 2.88 25.47 -19.22
CA ALA B 1306 1.97 24.57 -19.91
C ALA B 1306 0.57 24.60 -19.30
N LEU B 1307 0.47 24.96 -18.02
CA LEU B 1307 -0.84 25.15 -17.40
C LEU B 1307 -1.60 26.27 -18.09
N SER B 1308 -0.94 27.40 -18.31
CA SER B 1308 -1.57 28.50 -19.03
C SER B 1308 -1.85 28.13 -20.48
N ARG B 1309 -0.93 27.43 -21.14
CA ARG B 1309 -1.05 27.19 -22.57
C ARG B 1309 -2.05 26.09 -22.89
N PHE B 1310 -1.85 24.90 -22.31
CA PHE B 1310 -2.74 23.78 -22.62
C PHE B 1310 -4.14 24.01 -22.05
N GLU B 1311 -5.14 23.84 -22.90
CA GLU B 1311 -6.50 24.18 -22.50
C GLU B 1311 -7.04 23.23 -21.45
N GLY B 1312 -6.76 21.93 -21.59
CA GLY B 1312 -7.33 20.95 -20.66
C GLY B 1312 -6.83 21.16 -19.24
N MET B 1313 -5.53 21.32 -19.07
CA MET B 1313 -4.98 21.56 -17.75
C MET B 1313 -5.51 22.87 -17.17
N ARG B 1314 -5.67 23.89 -18.02
CA ARG B 1314 -6.22 25.16 -17.54
C ARG B 1314 -7.64 24.99 -17.04
N VAL B 1315 -8.47 24.25 -17.78
CA VAL B 1315 -9.85 24.02 -17.36
C VAL B 1315 -9.89 23.25 -16.04
N VAL B 1316 -9.05 22.22 -15.91
CA VAL B 1316 -9.07 21.42 -14.69
C VAL B 1316 -8.61 22.26 -13.49
N VAL B 1317 -7.54 23.05 -13.66
CA VAL B 1317 -7.10 23.89 -12.57
C VAL B 1317 -8.14 24.94 -12.23
N ASN B 1318 -8.85 25.45 -13.25
CA ASN B 1318 -9.94 26.37 -13.00
C ASN B 1318 -11.01 25.72 -12.12
N ALA B 1319 -11.39 24.49 -12.44
CA ALA B 1319 -12.40 23.80 -11.66
C ALA B 1319 -11.94 23.59 -10.22
N LEU B 1320 -10.71 23.12 -10.03
CA LEU B 1320 -10.21 22.90 -8.67
C LEU B 1320 -10.17 24.20 -7.88
N VAL B 1321 -9.65 25.27 -8.47
CA VAL B 1321 -9.56 26.54 -7.75
C VAL B 1321 -10.95 27.06 -7.42
N GLY B 1322 -11.89 26.96 -8.37
CA GLY B 1322 -13.25 27.36 -8.09
C GLY B 1322 -13.89 26.56 -6.97
N ALA B 1323 -13.50 25.30 -6.82
CA ALA B 1323 -14.07 24.48 -5.77
C ALA B 1323 -13.33 24.59 -4.43
N ILE B 1324 -12.16 25.24 -4.41
CA ILE B 1324 -11.44 25.43 -3.13
C ILE B 1324 -12.29 26.13 -2.07
N PRO B 1325 -13.01 27.24 -2.36
CA PRO B 1325 -13.69 27.95 -1.28
C PRO B 1325 -14.67 27.10 -0.48
N SER B 1326 -15.41 26.19 -1.13
CA SER B 1326 -16.27 25.28 -0.38
C SER B 1326 -15.46 24.22 0.35
N ILE B 1327 -14.17 24.11 0.07
CA ILE B 1327 -13.32 23.12 0.73
C ILE B 1327 -12.56 23.73 1.90
N MET B 1328 -12.41 25.06 1.94
CA MET B 1328 -11.64 25.67 3.01
C MET B 1328 -12.26 25.43 4.38
N ASN B 1329 -13.59 25.58 4.49
CA ASN B 1329 -14.25 25.36 5.78
C ASN B 1329 -14.16 23.90 6.21
N VAL B 1330 -14.34 22.97 5.27
CA VAL B 1330 -14.26 21.56 5.60
C VAL B 1330 -12.84 21.20 6.02
N LEU B 1331 -11.84 21.76 5.35
CA LEU B 1331 -10.46 21.54 5.77
C LEU B 1331 -10.22 22.13 7.15
N LEU B 1332 -10.86 23.26 7.46
CA LEU B 1332 -10.74 23.80 8.81
C LEU B 1332 -11.33 22.86 9.84
N VAL B 1333 -12.48 22.25 9.53
CA VAL B 1333 -13.07 21.27 10.43
C VAL B 1333 -12.14 20.08 10.61
N CYS B 1334 -11.59 19.58 9.49
CA CYS B 1334 -10.72 18.41 9.57
C CYS B 1334 -9.46 18.72 10.36
N LEU B 1335 -8.90 19.93 10.18
CA LEU B 1335 -7.73 20.31 10.95
C LEU B 1335 -8.06 20.45 12.44
N ILE B 1336 -9.22 21.02 12.78
CA ILE B 1336 -9.59 21.14 14.18
C ILE B 1336 -9.78 19.76 14.80
N PHE B 1337 -10.43 18.85 14.08
CA PHE B 1337 -10.77 17.55 14.64
C PHE B 1337 -9.53 16.66 14.73
N TRP B 1338 -8.70 16.67 13.69
CA TRP B 1338 -7.39 16.05 13.77
C TRP B 1338 -6.49 16.73 14.79
N LEU B 1339 -6.74 18.00 15.11
CA LEU B 1339 -5.99 18.65 16.17
C LEU B 1339 -6.40 18.12 17.53
N ILE B 1340 -7.70 17.87 17.71
CA ILE B 1340 -8.16 17.19 18.91
C ILE B 1340 -7.48 15.83 19.04
N PHE B 1341 -7.51 15.05 17.96
CA PHE B 1341 -6.85 13.74 17.99
C PHE B 1341 -5.35 13.85 18.20
N SER B 1342 -4.71 14.87 17.63
CA SER B 1342 -3.27 15.01 17.77
C SER B 1342 -2.88 15.42 19.19
N ILE B 1343 -3.68 16.28 19.83
CA ILE B 1343 -3.40 16.64 21.21
C ILE B 1343 -3.61 15.44 22.12
N MET B 1344 -4.66 14.65 21.86
CA MET B 1344 -4.84 13.44 22.66
C MET B 1344 -3.68 12.47 22.44
N GLY B 1345 -3.23 12.33 21.19
CA GLY B 1345 -2.08 11.48 20.92
C GLY B 1345 -0.83 11.96 21.62
N VAL B 1346 -0.61 13.28 21.64
CA VAL B 1346 0.53 13.83 22.37
C VAL B 1346 0.43 13.52 23.84
N ASN B 1347 -0.76 13.70 24.43
CA ASN B 1347 -0.92 13.41 25.85
C ASN B 1347 -0.66 11.93 26.13
N LEU B 1348 -1.06 11.06 25.20
CA LEU B 1348 -0.89 9.63 25.43
C LEU B 1348 0.55 9.17 25.20
N PHE B 1349 1.25 9.74 24.22
CA PHE B 1349 2.49 9.17 23.71
C PHE B 1349 3.71 10.07 23.79
N ALA B 1350 3.56 11.37 24.01
CA ALA B 1350 4.68 12.30 23.86
C ALA B 1350 5.91 11.83 24.60
N GLY B 1351 6.96 11.53 23.85
CA GLY B 1351 8.22 11.10 24.41
C GLY B 1351 8.37 9.62 24.60
N LYS B 1352 7.33 8.83 24.34
CA LYS B 1352 7.37 7.39 24.57
C LYS B 1352 7.72 6.62 23.30
N TYR B 1353 8.59 7.19 22.48
CA TYR B 1353 8.93 6.67 21.15
C TYR B 1353 10.44 6.61 20.98
N HIS B 1354 11.16 6.29 22.04
CA HIS B 1354 12.61 6.27 21.98
C HIS B 1354 13.10 4.82 22.07
N TYR B 1355 14.29 4.59 21.53
CA TYR B 1355 14.86 3.26 21.41
C TYR B 1355 16.14 3.19 22.22
N CYS B 1356 16.83 2.05 22.12
CA CYS B 1356 18.28 1.97 22.31
C CYS B 1356 18.73 0.85 21.38
N PHE B 1357 19.04 1.21 20.13
CA PHE B 1357 19.70 0.24 19.26
C PHE B 1357 21.13 0.00 19.68
N ASN B 1358 21.53 -1.26 19.61
CA ASN B 1358 22.93 -1.66 19.52
C ASN B 1358 23.03 -2.12 18.07
N GLU B 1359 23.25 -1.15 17.17
CA GLU B 1359 23.04 -1.39 15.74
C GLU B 1359 24.01 -2.41 15.18
N THR B 1360 25.13 -2.66 15.86
CA THR B 1360 25.99 -3.77 15.48
C THR B 1360 25.20 -5.08 15.48
N SER B 1361 24.29 -5.22 16.45
CA SER B 1361 23.32 -6.31 16.43
C SER B 1361 21.94 -5.84 16.01
N GLU B 1362 21.72 -4.52 15.99
CA GLU B 1362 20.42 -3.89 15.67
C GLU B 1362 19.25 -4.64 16.28
N ILE B 1363 19.29 -4.79 17.60
CA ILE B 1363 18.16 -5.32 18.37
C ILE B 1363 17.75 -4.24 19.36
N ARG B 1364 16.45 -3.92 19.38
CA ARG B 1364 15.92 -2.99 20.35
C ARG B 1364 16.01 -3.64 21.73
N PHE B 1365 16.94 -3.16 22.56
CA PHE B 1365 17.23 -3.77 23.85
C PHE B 1365 15.95 -4.14 24.60
N GLU B 1366 15.86 -5.39 25.01
CA GLU B 1366 14.76 -5.83 25.86
C GLU B 1366 14.80 -5.07 27.17
N ILE B 1367 13.63 -4.74 27.72
CA ILE B 1367 13.65 -3.86 28.88
C ILE B 1367 13.81 -4.70 30.14
N GLU B 1368 15.02 -5.22 30.33
CA GLU B 1368 15.58 -5.54 31.64
C GLU B 1368 17.04 -5.22 31.75
N ASP B 1369 17.74 -5.02 30.63
CA ASP B 1369 19.13 -4.55 30.62
C ASP B 1369 19.17 -3.03 30.70
N VAL B 1370 18.23 -2.37 30.02
CA VAL B 1370 18.10 -0.92 30.06
C VAL B 1370 16.61 -0.56 30.10
N ASN B 1371 16.13 -0.15 31.27
CA ASN B 1371 14.78 0.40 31.40
C ASN B 1371 14.75 1.89 31.12
N ASN B 1372 15.47 2.67 31.93
CA ASN B 1372 15.49 4.12 31.84
C ASN B 1372 16.33 4.58 30.66
N LYS B 1373 16.12 5.85 30.28
CA LYS B 1373 17.07 6.52 29.41
C LYS B 1373 18.42 6.69 30.10
N THR B 1374 18.40 6.91 31.42
CA THR B 1374 19.63 7.23 32.14
C THR B 1374 20.64 6.10 32.05
N GLU B 1375 20.20 4.85 32.21
CA GLU B 1375 21.16 3.76 32.08
C GLU B 1375 21.53 3.48 30.64
N CYS B 1376 20.71 3.90 29.67
CA CYS B 1376 21.15 3.83 28.28
C CYS B 1376 22.29 4.84 28.06
N GLU B 1377 22.20 6.01 28.70
CA GLU B 1377 23.33 6.93 28.73
C GLU B 1377 24.54 6.32 29.43
N LYS B 1378 24.31 5.57 30.51
CA LYS B 1378 25.41 4.88 31.18
C LYS B 1378 26.11 3.92 30.21
N LEU B 1379 25.33 3.15 29.47
CA LEU B 1379 25.90 2.25 28.47
C LEU B 1379 26.66 3.03 27.41
N MET B 1380 26.15 4.18 27.00
CA MET B 1380 26.88 5.03 26.05
C MET B 1380 28.23 5.46 26.63
N GLU B 1381 28.21 6.06 27.82
CA GLU B 1381 29.44 6.64 28.36
C GLU B 1381 30.48 5.57 28.62
N GLY B 1382 30.04 4.35 28.96
CA GLY B 1382 30.98 3.24 29.00
C GLY B 1382 31.49 2.87 27.61
N ASN B 1383 30.59 2.80 26.64
CA ASN B 1383 30.89 2.30 25.31
C ASN B 1383 31.20 3.45 24.34
N ASN B 1384 31.18 3.17 23.05
CA ASN B 1384 31.34 4.15 21.97
C ASN B 1384 29.96 4.26 21.31
N THR B 1385 29.85 5.09 20.27
CA THR B 1385 28.56 5.44 19.67
C THR B 1385 27.79 4.25 19.13
N GLU B 1386 28.37 3.05 19.13
CA GLU B 1386 27.68 1.90 18.56
C GLU B 1386 26.43 1.52 19.34
N ILE B 1387 26.00 2.33 20.33
CA ILE B 1387 24.68 2.15 21.03
C ILE B 1387 24.02 3.54 21.10
N ARG B 1388 22.80 3.72 20.58
CA ARG B 1388 22.24 5.08 20.48
C ARG B 1388 20.87 5.13 21.09
N TRP B 1389 20.22 6.30 21.10
CA TRP B 1389 18.88 6.50 21.70
C TRP B 1389 18.01 7.09 20.62
N LYS B 1390 17.57 6.26 19.70
CA LYS B 1390 16.89 6.79 18.52
C LYS B 1390 15.49 7.20 18.86
N ASN B 1391 14.77 7.78 17.91
CA ASN B 1391 13.34 8.13 18.12
C ASN B 1391 12.61 7.66 16.88
N VAL B 1392 11.43 7.10 17.01
CA VAL B 1392 10.71 6.74 15.78
C VAL B 1392 10.61 8.05 15.06
N LYS B 1393 10.83 8.07 13.77
CA LYS B 1393 10.93 9.36 13.08
C LYS B 1393 9.56 9.97 12.87
N ILE B 1394 8.50 9.20 12.76
CA ILE B 1394 7.17 9.83 12.65
C ILE B 1394 6.52 9.75 14.03
N ASN B 1395 7.08 10.45 15.02
CA ASN B 1395 6.63 10.34 16.42
C ASN B 1395 5.44 11.23 16.69
N PHE B 1396 4.92 11.23 17.92
CA PHE B 1396 3.83 12.12 18.36
C PHE B 1396 4.52 12.84 19.49
N ASP B 1397 5.17 13.99 19.25
CA ASP B 1397 5.99 14.69 20.28
C ASP B 1397 5.64 16.17 20.24
N ASN B 1398 4.79 16.61 19.35
CA ASN B 1398 4.23 17.96 19.24
C ASN B 1398 3.24 17.91 18.09
N VAL B 1399 2.28 18.84 18.11
CA VAL B 1399 1.16 18.77 17.18
C VAL B 1399 1.61 18.75 15.72
N GLY B 1400 2.82 19.21 15.42
CA GLY B 1400 3.33 19.08 14.07
C GLY B 1400 3.64 17.64 13.71
N ALA B 1401 4.54 17.03 14.48
CA ALA B 1401 4.80 15.61 14.32
C ALA B 1401 3.52 14.81 14.51
N GLY B 1402 2.62 15.29 15.36
CA GLY B 1402 1.33 14.63 15.50
C GLY B 1402 0.54 14.62 14.21
N TYR B 1403 0.46 15.77 13.54
CA TYR B 1403 -0.24 15.84 12.27
C TYR B 1403 0.42 14.94 11.24
N LEU B 1404 1.74 14.88 11.24
CA LEU B 1404 2.43 14.03 10.26
C LEU B 1404 2.12 12.56 10.50
N ALA B 1405 2.41 12.07 11.71
CA ALA B 1405 2.17 10.66 12.03
C ALA B 1405 0.70 10.31 11.89
N LEU B 1406 -0.19 11.27 12.10
CA LEU B 1406 -1.61 11.02 12.04
C LEU B 1406 -2.16 11.07 10.63
N LEU B 1407 -1.52 11.84 9.74
CA LEU B 1407 -1.82 11.72 8.32
C LEU B 1407 -1.34 10.38 7.79
N GLN B 1408 -0.22 9.88 8.30
CA GLN B 1408 0.21 8.54 7.92
C GLN B 1408 -0.79 7.49 8.39
N VAL B 1409 -1.23 7.58 9.65
CA VAL B 1409 -2.22 6.66 10.16
C VAL B 1409 -3.54 6.76 9.41
N ALA B 1410 -3.90 7.94 8.93
CA ALA B 1410 -5.18 8.11 8.25
C ALA B 1410 -5.14 7.74 6.78
N THR B 1411 -3.96 7.74 6.16
CA THR B 1411 -3.83 7.28 4.78
C THR B 1411 -3.59 5.78 4.68
N PHE B 1412 -3.46 5.09 5.80
CA PHE B 1412 -3.18 3.66 5.86
C PHE B 1412 -1.85 3.30 5.19
N LYS B 1413 -0.88 4.21 5.22
CA LYS B 1413 0.47 3.92 4.76
C LYS B 1413 1.47 4.44 5.78
N GLY B 1414 2.26 3.55 6.36
CA GLY B 1414 3.24 3.96 7.34
C GLY B 1414 2.76 3.93 8.77
N TRP B 1415 1.50 3.57 8.99
CA TRP B 1415 0.88 3.53 10.31
C TRP B 1415 1.28 2.32 11.13
N MET B 1416 1.87 1.31 10.50
CA MET B 1416 2.16 0.08 11.21
C MET B 1416 3.30 0.27 12.20
N ASP B 1417 4.33 1.00 11.79
CA ASP B 1417 5.44 1.30 12.69
C ASP B 1417 5.00 2.22 13.81
N ILE B 1418 4.12 3.18 13.51
CA ILE B 1418 3.62 4.07 14.55
C ILE B 1418 2.86 3.28 15.60
N MET B 1419 1.95 2.40 15.17
CA MET B 1419 1.19 1.61 16.14
C MET B 1419 2.09 0.65 16.90
N TYR B 1420 3.09 0.07 16.25
CA TYR B 1420 4.02 -0.77 16.99
C TYR B 1420 4.72 0.01 18.10
N ALA B 1421 5.25 1.19 17.77
CA ALA B 1421 5.98 1.96 18.78
C ALA B 1421 5.05 2.60 19.79
N ALA B 1422 3.74 2.65 19.50
CA ALA B 1422 2.78 3.13 20.49
C ALA B 1422 2.41 2.03 21.47
N VAL B 1423 2.00 0.87 20.95
CA VAL B 1423 1.62 -0.23 21.82
C VAL B 1423 2.81 -0.78 22.58
N ASP B 1424 4.03 -0.53 22.12
CA ASP B 1424 5.19 -0.87 22.92
C ASP B 1424 5.54 0.22 23.93
N SER B 1425 4.90 1.38 23.86
CA SER B 1425 5.27 2.50 24.69
C SER B 1425 4.73 2.33 26.10
N ARG B 1426 5.59 2.55 27.09
CA ARG B 1426 5.18 2.42 28.49
C ARG B 1426 5.32 3.72 29.27
N LYS B 1427 6.48 4.37 29.25
CA LYS B 1427 6.68 5.58 30.03
C LYS B 1427 7.57 6.53 29.25
N PRO B 1428 7.50 7.84 29.54
CA PRO B 1428 8.19 8.82 28.67
C PRO B 1428 9.69 8.61 28.52
N ASP B 1429 10.40 8.29 29.60
CA ASP B 1429 11.83 8.04 29.50
C ASP B 1429 12.18 6.59 29.82
N GLU B 1430 11.35 5.66 29.37
CA GLU B 1430 11.55 4.25 29.60
C GLU B 1430 11.63 3.51 28.27
N GLN B 1431 12.48 2.50 28.25
CA GLN B 1431 12.61 1.67 27.05
C GLN B 1431 11.28 0.97 26.76
N PRO B 1432 10.84 0.95 25.51
CA PRO B 1432 9.59 0.26 25.19
C PRO B 1432 9.72 -1.24 25.36
N LYS B 1433 8.60 -1.86 25.72
CA LYS B 1433 8.50 -3.30 25.89
C LYS B 1433 7.48 -3.84 24.90
N TYR B 1434 7.75 -5.04 24.39
CA TYR B 1434 6.93 -5.62 23.33
C TYR B 1434 5.48 -5.78 23.78
N GLU B 1435 4.60 -4.97 23.20
CA GLU B 1435 3.15 -5.01 23.47
C GLU B 1435 2.86 -4.98 24.97
N ASP B 1436 3.48 -4.02 25.65
CA ASP B 1436 3.16 -3.78 27.06
C ASP B 1436 1.99 -2.82 27.22
N ASN B 1437 1.49 -2.24 26.15
CA ASN B 1437 0.39 -1.29 26.22
C ASN B 1437 -0.60 -1.57 25.08
N ILE B 1438 -0.93 -2.85 24.90
CA ILE B 1438 -1.69 -3.31 23.73
C ILE B 1438 -2.94 -2.47 23.51
N TYR B 1439 -3.55 -1.99 24.59
CA TYR B 1439 -4.84 -1.34 24.43
C TYR B 1439 -4.74 0.07 23.89
N MET B 1440 -3.53 0.58 23.64
CA MET B 1440 -3.41 1.81 22.86
C MET B 1440 -3.78 1.60 21.40
N TYR B 1441 -3.91 0.35 20.96
CA TYR B 1441 -4.41 0.08 19.62
C TYR B 1441 -5.76 0.73 19.40
N ILE B 1442 -6.59 0.77 20.45
CA ILE B 1442 -7.94 1.30 20.30
C ILE B 1442 -7.90 2.80 20.05
N TYR B 1443 -6.83 3.48 20.44
CA TYR B 1443 -6.71 4.89 20.11
C TYR B 1443 -6.65 5.08 18.60
N PHE B 1444 -5.87 4.24 17.92
CA PHE B 1444 -5.79 4.34 16.47
C PHE B 1444 -7.05 3.81 15.82
N VAL B 1445 -7.71 2.83 16.44
CA VAL B 1445 -9.01 2.39 15.92
C VAL B 1445 -10.03 3.52 15.99
N ILE B 1446 -10.06 4.23 17.12
CA ILE B 1446 -10.98 5.36 17.29
C ILE B 1446 -10.64 6.45 16.30
N PHE B 1447 -9.35 6.74 16.11
CA PHE B 1447 -8.97 7.77 15.17
C PHE B 1447 -9.37 7.40 13.75
N ILE B 1448 -9.15 6.15 13.35
CA ILE B 1448 -9.52 5.76 12.00
C ILE B 1448 -11.03 5.79 11.82
N ILE B 1449 -11.78 5.46 12.87
CA ILE B 1449 -13.23 5.51 12.79
C ILE B 1449 -13.72 6.95 12.65
N PHE B 1450 -13.17 7.87 13.44
CA PHE B 1450 -13.70 9.23 13.52
C PHE B 1450 -13.00 10.19 12.56
N GLY B 1451 -11.71 10.40 12.74
CA GLY B 1451 -10.97 11.37 11.98
C GLY B 1451 -10.43 10.90 10.65
N SER B 1452 -10.78 9.70 10.20
CA SER B 1452 -10.35 9.23 8.88
C SER B 1452 -11.54 8.70 8.10
N PHE B 1453 -12.57 8.24 8.81
CA PHE B 1453 -13.79 7.73 8.19
C PHE B 1453 -14.89 8.77 8.19
N PHE B 1454 -15.20 9.35 9.36
CA PHE B 1454 -16.26 10.35 9.42
C PHE B 1454 -15.83 11.67 8.78
N THR B 1455 -14.58 12.08 8.98
CA THR B 1455 -14.11 13.29 8.32
C THR B 1455 -14.05 13.11 6.81
N LEU B 1456 -13.61 11.94 6.35
CA LEU B 1456 -13.65 11.67 4.92
C LEU B 1456 -15.08 11.67 4.41
N ASN B 1457 -16.02 11.15 5.19
CA ASN B 1457 -17.43 11.19 4.80
C ASN B 1457 -17.92 12.61 4.64
N LEU B 1458 -17.59 13.46 5.62
CA LEU B 1458 -17.99 14.86 5.55
C LEU B 1458 -17.39 15.55 4.34
N PHE B 1459 -16.09 15.35 4.11
CA PHE B 1459 -15.38 15.97 3.01
C PHE B 1459 -15.96 15.53 1.67
N ILE B 1460 -16.25 14.24 1.55
CA ILE B 1460 -16.81 13.71 0.30
C ILE B 1460 -18.22 14.24 0.08
N GLY B 1461 -19.03 14.31 1.15
CA GLY B 1461 -20.36 14.87 1.00
C GLY B 1461 -20.33 16.31 0.54
N VAL B 1462 -19.44 17.12 1.13
CA VAL B 1462 -19.33 18.51 0.73
C VAL B 1462 -18.84 18.63 -0.71
N ILE B 1463 -17.88 17.78 -1.11
CA ILE B 1463 -17.40 17.82 -2.49
C ILE B 1463 -18.53 17.48 -3.46
N ILE B 1464 -19.31 16.44 -3.14
CA ILE B 1464 -20.40 16.07 -4.03
C ILE B 1464 -21.44 17.19 -4.12
N ASP B 1465 -21.75 17.82 -2.99
CA ASP B 1465 -22.68 18.94 -3.02
C ASP B 1465 -22.14 20.09 -3.86
N ASN B 1466 -20.85 20.39 -3.71
CA ASN B 1466 -20.24 21.48 -4.47
C ASN B 1466 -20.27 21.18 -5.97
N PHE B 1467 -19.94 19.94 -6.35
CA PHE B 1467 -19.92 19.60 -7.76
C PHE B 1467 -21.33 19.54 -8.34
N ASN B 1468 -22.32 19.13 -7.55
CA ASN B 1468 -23.70 19.22 -7.98
C ASN B 1468 -24.09 20.66 -8.26
N GLN B 1469 -23.72 21.57 -7.35
CA GLN B 1469 -23.98 22.99 -7.57
C GLN B 1469 -23.31 23.48 -8.84
N GLN B 1470 -22.02 23.21 -8.99
CA GLN B 1470 -21.27 23.71 -10.14
C GLN B 1470 -21.81 23.15 -11.45
N LYS B 1471 -22.20 21.87 -11.46
CA LYS B 1471 -22.85 21.32 -12.64
C LYS B 1471 -24.16 22.02 -12.93
N LYS B 1472 -24.95 22.30 -11.89
CA LYS B 1472 -26.22 22.99 -12.11
C LYS B 1472 -26.04 24.42 -12.58
N LYS B 1473 -24.90 25.06 -12.30
CA LYS B 1473 -24.71 26.43 -12.76
C LYS B 1473 -24.72 26.52 -14.28
N PHE B 1474 -23.88 25.73 -14.95
CA PHE B 1474 -23.77 25.79 -16.41
C PHE B 1474 -24.63 24.73 -17.10
N GLY B 1475 -25.91 24.69 -16.74
CA GLY B 1475 -26.86 23.83 -17.45
C GLY B 1475 -26.54 22.35 -17.41
N GLY B 1476 -25.85 21.89 -16.38
CA GLY B 1476 -25.55 20.47 -16.27
C GLY B 1476 -24.40 19.98 -17.12
N GLN B 1477 -23.61 20.89 -17.69
CA GLN B 1477 -22.48 20.48 -18.52
C GLN B 1477 -21.31 20.06 -17.66
N ASP B 1478 -20.38 19.34 -18.28
CA ASP B 1478 -19.22 18.82 -17.57
C ASP B 1478 -18.21 19.95 -17.32
N ILE B 1479 -17.45 19.81 -16.24
CA ILE B 1479 -16.51 20.85 -15.82
C ILE B 1479 -15.08 20.34 -15.96
N PHE B 1480 -14.87 19.37 -16.85
CA PHE B 1480 -13.54 18.85 -17.12
C PHE B 1480 -13.28 18.64 -18.61
N MET B 1481 -13.96 19.38 -19.48
CA MET B 1481 -13.85 19.19 -20.92
C MET B 1481 -13.70 20.54 -21.60
N THR B 1482 -12.90 20.58 -22.67
CA THR B 1482 -12.86 21.74 -23.54
C THR B 1482 -14.09 21.75 -24.44
N GLU B 1483 -14.30 22.86 -25.14
CA GLU B 1483 -15.47 22.98 -26.00
C GLU B 1483 -15.45 21.95 -27.12
N GLU B 1484 -14.29 21.76 -27.74
CA GLU B 1484 -14.16 20.68 -28.72
C GLU B 1484 -14.32 19.32 -28.07
N GLN B 1485 -13.84 19.16 -26.83
CA GLN B 1485 -14.11 17.94 -26.09
C GLN B 1485 -15.61 17.79 -25.81
N LYS B 1486 -16.32 18.89 -25.61
CA LYS B 1486 -17.77 18.82 -25.47
C LYS B 1486 -18.43 18.36 -26.76
N LYS B 1487 -17.95 18.84 -27.91
CA LYS B 1487 -18.46 18.37 -29.19
C LYS B 1487 -18.20 16.87 -29.36
N TYR B 1488 -17.00 16.43 -28.98
CA TYR B 1488 -16.65 15.01 -28.99
C TYR B 1488 -17.62 14.20 -28.13
N TYR B 1489 -17.88 14.71 -26.92
CA TYR B 1489 -18.84 14.10 -26.00
C TYR B 1489 -20.22 13.96 -26.62
N ASN B 1490 -20.73 15.06 -27.20
CA ASN B 1490 -22.06 15.03 -27.81
C ASN B 1490 -22.08 14.12 -29.03
N ALA B 1491 -20.97 14.04 -29.76
CA ALA B 1491 -20.90 13.12 -30.89
C ALA B 1491 -21.08 11.68 -30.44
N MET B 1492 -20.37 11.27 -29.38
CA MET B 1492 -20.62 9.93 -28.86
C MET B 1492 -22.02 9.79 -28.28
N LYS B 1493 -22.55 10.85 -27.67
CA LYS B 1493 -23.90 10.78 -27.12
C LYS B 1493 -24.93 10.50 -28.20
N LYS B 1494 -24.75 11.11 -29.38
CA LYS B 1494 -25.67 10.85 -30.48
C LYS B 1494 -25.39 9.51 -31.14
N LEU B 1495 -24.12 9.12 -31.25
CA LEU B 1495 -23.75 7.91 -32.00
C LEU B 1495 -23.84 6.64 -31.18
N GLY B 1496 -24.12 6.72 -29.88
CA GLY B 1496 -24.22 5.55 -29.04
C GLY B 1496 -25.57 4.85 -29.05
N SER B 1497 -26.50 5.30 -29.87
CA SER B 1497 -27.86 4.77 -29.87
C SER B 1497 -27.93 3.46 -30.65
N LYS B 1498 -29.14 2.99 -30.92
CA LYS B 1498 -29.37 1.75 -31.66
C LYS B 1498 -29.39 2.05 -33.15
N LYS B 1499 -28.47 1.42 -33.89
CA LYS B 1499 -28.30 1.71 -35.31
C LYS B 1499 -29.00 0.64 -36.13
N PRO B 1500 -29.95 1.01 -37.01
CA PRO B 1500 -30.54 0.01 -37.91
C PRO B 1500 -29.56 -0.41 -38.99
N GLN B 1501 -28.59 -1.25 -38.62
CA GLN B 1501 -27.53 -1.63 -39.54
C GLN B 1501 -28.07 -2.53 -40.65
N LYS B 1502 -27.37 -2.51 -41.79
CA LYS B 1502 -27.76 -3.34 -42.92
C LYS B 1502 -27.46 -4.81 -42.62
N PRO B 1503 -28.42 -5.71 -42.76
CA PRO B 1503 -28.20 -7.12 -42.44
C PRO B 1503 -27.49 -7.93 -43.52
N ILE B 1504 -26.86 -7.27 -44.49
CA ILE B 1504 -26.06 -7.94 -45.52
C ILE B 1504 -26.91 -8.95 -46.28
N PRO B 1505 -27.82 -8.50 -47.16
CA PRO B 1505 -28.69 -9.44 -47.89
C PRO B 1505 -27.95 -10.57 -48.59
N ARG B 1506 -28.64 -11.70 -48.77
CA ARG B 1506 -28.01 -12.90 -49.29
C ARG B 1506 -27.56 -12.72 -50.73
N PRO B 1507 -26.39 -13.24 -51.09
CA PRO B 1507 -25.96 -13.25 -52.50
C PRO B 1507 -26.73 -14.31 -53.28
N LEU B 1508 -26.69 -14.14 -54.60
CA LEU B 1508 -27.47 -14.96 -55.53
C LEU B 1508 -26.75 -16.24 -55.95
N ASN B 1509 -26.28 -17.01 -54.96
CA ASN B 1509 -25.67 -18.31 -55.22
C ASN B 1509 -26.10 -19.29 -54.14
N LYS B 1510 -26.43 -20.51 -54.56
CA LYS B 1510 -26.88 -21.54 -53.62
C LYS B 1510 -25.78 -21.91 -52.63
N ILE B 1511 -24.55 -22.09 -53.12
CA ILE B 1511 -23.43 -22.36 -52.22
C ILE B 1511 -23.18 -21.14 -51.34
N GLN B 1512 -23.25 -19.94 -51.91
CA GLN B 1512 -23.17 -18.74 -51.08
C GLN B 1512 -24.35 -18.62 -50.15
N GLY B 1513 -25.55 -19.00 -50.59
CA GLY B 1513 -26.69 -19.00 -49.70
C GLY B 1513 -26.49 -19.87 -48.48
N ILE B 1514 -25.97 -21.09 -48.69
CA ILE B 1514 -25.76 -21.99 -47.56
C ILE B 1514 -24.59 -21.53 -46.69
N VAL B 1515 -23.55 -20.95 -47.29
CA VAL B 1515 -22.43 -20.52 -46.46
C VAL B 1515 -22.82 -19.31 -45.62
N PHE B 1516 -23.70 -18.43 -46.13
CA PHE B 1516 -24.19 -17.35 -45.30
C PHE B 1516 -25.25 -17.82 -44.30
N ASP B 1517 -25.96 -18.92 -44.60
CA ASP B 1517 -26.76 -19.55 -43.55
C ASP B 1517 -25.86 -20.05 -42.44
N PHE B 1518 -24.67 -20.55 -42.80
CA PHE B 1518 -23.70 -20.98 -41.78
C PHE B 1518 -23.17 -19.78 -40.98
N VAL B 1519 -22.80 -18.70 -41.66
CA VAL B 1519 -22.08 -17.63 -40.98
C VAL B 1519 -23.04 -16.68 -40.27
N THR B 1520 -24.33 -16.69 -40.63
CA THR B 1520 -25.30 -15.83 -39.97
C THR B 1520 -26.07 -16.53 -38.86
N GLN B 1521 -26.04 -17.85 -38.82
CA GLN B 1521 -26.76 -18.59 -37.79
C GLN B 1521 -26.15 -18.31 -36.42
N GLN B 1522 -27.02 -18.21 -35.41
CA GLN B 1522 -26.55 -17.97 -34.05
C GLN B 1522 -25.69 -19.14 -33.57
N ALA B 1523 -25.88 -20.34 -34.12
CA ALA B 1523 -25.09 -21.48 -33.73
C ALA B 1523 -23.61 -21.28 -34.03
N PHE B 1524 -23.30 -20.61 -35.13
CA PHE B 1524 -21.89 -20.40 -35.48
C PHE B 1524 -21.25 -19.41 -34.52
N ASP B 1525 -21.99 -18.41 -34.08
CA ASP B 1525 -21.43 -17.45 -33.12
C ASP B 1525 -21.13 -18.12 -31.79
N ILE B 1526 -22.08 -18.90 -31.27
CA ILE B 1526 -21.93 -19.46 -29.93
C ILE B 1526 -20.79 -20.48 -29.89
N VAL B 1527 -20.62 -21.26 -30.95
CA VAL B 1527 -19.50 -22.19 -30.98
C VAL B 1527 -18.18 -21.42 -31.03
N ILE B 1528 -18.15 -20.29 -31.76
CA ILE B 1528 -16.96 -19.46 -31.77
C ILE B 1528 -16.65 -18.99 -30.36
N MET B 1529 -17.66 -18.54 -29.62
CA MET B 1529 -17.44 -18.09 -28.24
C MET B 1529 -16.92 -19.23 -27.37
N MET B 1530 -17.48 -20.43 -27.54
CA MET B 1530 -17.04 -21.56 -26.74
C MET B 1530 -15.60 -21.96 -27.03
N LEU B 1531 -15.20 -21.96 -28.30
CA LEU B 1531 -13.79 -22.22 -28.61
C LEU B 1531 -12.88 -21.10 -28.12
N ILE B 1532 -13.36 -19.86 -28.11
CA ILE B 1532 -12.57 -18.81 -27.48
C ILE B 1532 -12.38 -19.10 -25.99
N CYS B 1533 -13.44 -19.58 -25.33
CA CYS B 1533 -13.31 -19.94 -23.91
C CYS B 1533 -12.32 -21.08 -23.73
N LEU B 1534 -12.35 -22.07 -24.62
CA LEU B 1534 -11.40 -23.17 -24.55
C LEU B 1534 -9.97 -22.69 -24.76
N ASN B 1535 -9.77 -21.77 -25.69
CA ASN B 1535 -8.45 -21.20 -25.89
C ASN B 1535 -8.01 -20.43 -24.66
N MET B 1536 -8.96 -19.73 -24.02
CA MET B 1536 -8.65 -19.01 -22.79
C MET B 1536 -8.21 -19.95 -21.67
N VAL B 1537 -8.88 -21.09 -21.51
CA VAL B 1537 -8.49 -22.01 -20.45
C VAL B 1537 -7.16 -22.68 -20.78
N THR B 1538 -6.92 -23.01 -22.05
CA THR B 1538 -5.62 -23.57 -22.39
C THR B 1538 -4.50 -22.53 -22.34
N MET B 1539 -4.84 -21.24 -22.38
CA MET B 1539 -3.84 -20.23 -22.06
C MET B 1539 -3.57 -20.19 -20.56
N MET B 1540 -4.62 -20.23 -19.74
CA MET B 1540 -4.39 -20.08 -18.30
C MET B 1540 -3.74 -21.32 -17.71
N VAL B 1541 -3.81 -22.46 -18.39
CA VAL B 1541 -3.19 -23.67 -17.86
C VAL B 1541 -1.68 -23.68 -18.04
N GLU B 1542 -1.14 -22.75 -18.83
CA GLU B 1542 0.30 -22.69 -19.01
C GLU B 1542 0.98 -22.16 -17.73
N THR B 1543 1.91 -22.94 -17.19
CA THR B 1543 2.53 -22.62 -15.91
C THR B 1543 4.04 -22.78 -16.03
N ASP B 1544 4.75 -22.16 -15.09
CA ASP B 1544 6.19 -22.33 -15.01
C ASP B 1544 6.52 -23.72 -14.49
N THR B 1545 7.74 -24.17 -14.79
CA THR B 1545 8.24 -25.49 -14.41
C THR B 1545 7.36 -26.62 -14.96
N GLN B 1546 6.57 -26.34 -15.99
CA GLN B 1546 5.72 -27.35 -16.57
C GLN B 1546 6.54 -28.35 -17.38
N SER B 1547 6.11 -29.60 -17.38
CA SER B 1547 6.84 -30.65 -18.07
C SER B 1547 6.85 -30.40 -19.57
N LYS B 1548 7.95 -30.79 -20.22
CA LYS B 1548 8.11 -30.53 -21.65
C LYS B 1548 7.00 -31.14 -22.47
N GLN B 1549 6.48 -32.30 -22.05
CA GLN B 1549 5.34 -32.89 -22.74
C GLN B 1549 4.14 -31.97 -22.71
N MET B 1550 3.89 -31.33 -21.56
CA MET B 1550 2.80 -30.36 -21.48
C MET B 1550 3.05 -29.18 -22.41
N GLU B 1551 4.31 -28.74 -22.50
CA GLU B 1551 4.63 -27.64 -23.40
C GLU B 1551 4.31 -28.01 -24.85
N ASN B 1552 4.69 -29.22 -25.27
CA ASN B 1552 4.38 -29.65 -26.63
C ASN B 1552 2.89 -29.77 -26.85
N ILE B 1553 2.16 -30.32 -25.89
CA ILE B 1553 0.71 -30.46 -26.04
C ILE B 1553 0.06 -29.10 -26.18
N LEU B 1554 0.48 -28.14 -25.35
CA LEU B 1554 -0.06 -26.79 -25.46
C LEU B 1554 0.32 -26.14 -26.78
N TYR B 1555 1.53 -26.40 -27.27
CA TYR B 1555 1.96 -25.86 -28.56
C TYR B 1555 1.05 -26.34 -29.67
N TRP B 1556 0.81 -27.66 -29.73
CA TRP B 1556 -0.03 -28.21 -30.79
C TRP B 1556 -1.49 -27.79 -30.64
N ILE B 1557 -2.00 -27.67 -29.41
CA ILE B 1557 -3.39 -27.24 -29.28
C ILE B 1557 -3.53 -25.77 -29.68
N ASN B 1558 -2.51 -24.95 -29.39
CA ASN B 1558 -2.50 -23.59 -29.89
C ASN B 1558 -2.47 -23.55 -31.41
N LEU B 1559 -1.66 -24.43 -32.01
CA LEU B 1559 -1.66 -24.55 -33.46
C LEU B 1559 -3.04 -24.87 -33.99
N VAL B 1560 -3.72 -25.84 -33.38
CA VAL B 1560 -5.05 -26.23 -33.84
C VAL B 1560 -6.01 -25.06 -33.73
N PHE B 1561 -5.98 -24.36 -32.61
CA PHE B 1561 -6.92 -23.25 -32.42
C PHE B 1561 -6.65 -22.11 -33.40
N VAL B 1562 -5.39 -21.76 -33.61
CA VAL B 1562 -5.09 -20.66 -34.53
C VAL B 1562 -5.46 -21.06 -35.96
N ILE B 1563 -5.26 -22.32 -36.32
CA ILE B 1563 -5.71 -22.79 -37.62
C ILE B 1563 -7.22 -22.67 -37.75
N PHE B 1564 -7.96 -23.05 -36.70
CA PHE B 1564 -9.42 -22.94 -36.75
C PHE B 1564 -9.86 -21.49 -36.93
N PHE B 1565 -9.27 -20.58 -36.17
CA PHE B 1565 -9.66 -19.17 -36.28
C PHE B 1565 -9.31 -18.60 -37.65
N THR B 1566 -8.12 -18.92 -38.17
CA THR B 1566 -7.74 -18.43 -39.49
C THR B 1566 -8.65 -19.01 -40.57
N CYS B 1567 -9.04 -20.27 -40.44
CA CYS B 1567 -9.94 -20.89 -41.40
C CYS B 1567 -11.31 -20.23 -41.37
N GLU B 1568 -11.82 -19.92 -40.18
CA GLU B 1568 -13.07 -19.19 -40.09
C GLU B 1568 -12.95 -17.81 -40.73
N CYS B 1569 -11.82 -17.13 -40.50
CA CYS B 1569 -11.61 -15.81 -41.08
C CYS B 1569 -11.60 -15.87 -42.59
N VAL B 1570 -10.86 -16.82 -43.17
CA VAL B 1570 -10.80 -16.92 -44.63
C VAL B 1570 -12.12 -17.39 -45.20
N LEU B 1571 -12.89 -18.19 -44.46
CA LEU B 1571 -14.23 -18.55 -44.91
C LEU B 1571 -15.12 -17.31 -45.01
N LYS B 1572 -15.04 -16.44 -44.01
CA LYS B 1572 -15.86 -15.22 -44.06
C LYS B 1572 -15.35 -14.27 -45.13
N MET B 1573 -14.05 -14.27 -45.42
CA MET B 1573 -13.53 -13.50 -46.54
C MET B 1573 -14.08 -14.01 -47.87
N PHE B 1574 -14.00 -15.31 -48.11
CA PHE B 1574 -14.60 -15.88 -49.31
C PHE B 1574 -16.09 -15.60 -49.37
N ALA B 1575 -16.74 -15.52 -48.21
CA ALA B 1575 -18.15 -15.17 -48.17
C ALA B 1575 -18.38 -13.76 -48.71
N LEU B 1576 -17.89 -12.74 -47.98
CA LEU B 1576 -17.95 -11.36 -48.48
C LEU B 1576 -16.81 -10.55 -47.85
N ARG B 1577 -15.67 -10.51 -48.54
CA ARG B 1577 -14.55 -9.70 -48.07
C ARG B 1577 -14.92 -8.22 -47.92
N HIS B 1578 -15.51 -7.63 -48.96
CA HIS B 1578 -15.69 -6.18 -48.97
C HIS B 1578 -16.72 -5.73 -47.92
N TYR B 1579 -17.77 -6.51 -47.71
CA TYR B 1579 -18.76 -6.18 -46.70
C TYR B 1579 -18.45 -6.75 -45.33
N TYR B 1580 -17.42 -7.58 -45.19
CA TYR B 1580 -16.97 -7.96 -43.86
C TYR B 1580 -15.78 -7.14 -43.40
N PHE B 1581 -15.23 -6.30 -44.27
CA PHE B 1581 -14.34 -5.23 -43.81
C PHE B 1581 -15.10 -3.98 -43.40
N THR B 1582 -16.37 -4.10 -43.03
CA THR B 1582 -17.19 -2.95 -42.67
C THR B 1582 -17.37 -2.76 -41.18
N ILE B 1583 -17.48 -3.83 -40.39
CA ILE B 1583 -17.67 -3.73 -38.95
C ILE B 1583 -16.31 -3.81 -38.27
N GLY B 1584 -16.10 -2.93 -37.29
CA GLY B 1584 -14.81 -2.87 -36.62
C GLY B 1584 -14.47 -4.15 -35.87
N TRP B 1585 -15.48 -4.86 -35.39
CA TRP B 1585 -15.23 -6.13 -34.70
C TRP B 1585 -14.53 -7.12 -35.63
N ASN B 1586 -14.99 -7.20 -36.87
CA ASN B 1586 -14.32 -8.08 -37.83
C ASN B 1586 -12.88 -7.64 -38.06
N ILE B 1587 -12.64 -6.32 -38.13
CA ILE B 1587 -11.29 -5.81 -38.32
C ILE B 1587 -10.40 -6.23 -37.16
N PHE B 1588 -10.92 -6.13 -35.94
CA PHE B 1588 -10.19 -6.64 -34.78
C PHE B 1588 -9.87 -8.12 -34.94
N ASP B 1589 -10.85 -8.89 -35.43
CA ASP B 1589 -10.60 -10.30 -35.68
C ASP B 1589 -9.46 -10.51 -36.67
N PHE B 1590 -9.45 -9.73 -37.75
CA PHE B 1590 -8.44 -9.95 -38.78
C PHE B 1590 -7.06 -9.58 -38.26
N VAL B 1591 -6.97 -8.47 -37.52
CA VAL B 1591 -5.66 -8.07 -37.01
C VAL B 1591 -5.15 -9.09 -35.99
N VAL B 1592 -6.04 -9.61 -35.14
CA VAL B 1592 -5.56 -10.58 -34.14
C VAL B 1592 -5.15 -11.89 -34.81
N VAL B 1593 -5.90 -12.33 -35.83
CA VAL B 1593 -5.53 -13.60 -36.45
C VAL B 1593 -4.22 -13.46 -37.24
N ILE B 1594 -4.05 -12.35 -37.97
CA ILE B 1594 -2.82 -12.18 -38.71
C ILE B 1594 -1.63 -11.99 -37.77
N LEU B 1595 -1.86 -11.33 -36.62
CA LEU B 1595 -0.76 -11.13 -35.69
C LEU B 1595 -0.42 -12.41 -34.94
N SER B 1596 -1.40 -13.26 -34.68
CA SER B 1596 -1.11 -14.59 -34.13
C SER B 1596 -0.35 -15.43 -35.14
N ILE B 1597 -0.71 -15.33 -36.43
CA ILE B 1597 0.03 -16.04 -37.47
C ILE B 1597 1.47 -15.54 -37.52
N VAL B 1598 1.66 -14.22 -37.39
CA VAL B 1598 3.00 -13.66 -37.30
C VAL B 1598 3.74 -14.25 -36.11
N GLY B 1599 3.07 -14.34 -34.97
CA GLY B 1599 3.71 -14.91 -33.78
C GLY B 1599 4.16 -16.34 -34.00
N MET B 1600 3.33 -17.15 -34.62
CA MET B 1600 3.67 -18.57 -34.78
C MET B 1600 4.73 -18.77 -35.87
N PHE B 1601 4.62 -18.03 -36.99
CA PHE B 1601 5.69 -18.03 -37.98
C PHE B 1601 7.03 -17.63 -37.37
N LEU B 1602 7.03 -16.59 -36.52
CA LEU B 1602 8.29 -16.16 -35.93
C LEU B 1602 8.76 -17.11 -34.85
N ALA B 1603 7.83 -17.83 -34.21
CA ALA B 1603 8.23 -18.93 -33.34
C ALA B 1603 8.99 -19.99 -34.12
N ASP B 1604 8.49 -20.32 -35.32
CA ASP B 1604 9.17 -21.32 -36.15
C ASP B 1604 10.49 -20.78 -36.68
N ILE B 1605 10.56 -19.50 -37.02
CA ILE B 1605 11.69 -18.93 -37.74
C ILE B 1605 12.50 -17.97 -36.86
N ILE B 1606 12.47 -18.17 -35.54
CA ILE B 1606 13.33 -17.41 -34.63
C ILE B 1606 14.79 -17.61 -35.00
N GLU B 1607 15.07 -18.66 -35.79
CA GLU B 1607 16.41 -18.92 -36.29
C GLU B 1607 16.72 -17.90 -37.38
N LYS B 1608 17.10 -16.70 -36.95
CA LYS B 1608 17.46 -15.62 -37.85
C LYS B 1608 18.46 -14.72 -37.12
N TYR B 1609 18.69 -13.54 -37.69
CA TYR B 1609 19.63 -12.57 -37.11
C TYR B 1609 18.97 -11.64 -36.10
N PHE B 1610 17.68 -11.80 -35.83
CA PHE B 1610 16.91 -10.86 -35.02
C PHE B 1610 16.20 -11.62 -33.88
N VAL B 1611 16.97 -12.43 -33.15
CA VAL B 1611 16.43 -13.22 -32.04
C VAL B 1611 16.05 -12.28 -30.90
N SER B 1612 14.75 -12.16 -30.63
CA SER B 1612 14.25 -11.26 -29.60
C SER B 1612 13.19 -11.96 -28.76
N PRO B 1613 13.56 -12.51 -27.60
CA PRO B 1613 12.56 -13.15 -26.74
C PRO B 1613 11.47 -12.22 -26.24
N THR B 1614 11.80 -10.95 -25.97
CA THR B 1614 10.82 -10.05 -25.36
C THR B 1614 9.73 -9.68 -26.35
N LEU B 1615 10.11 -9.28 -27.57
CA LEU B 1615 9.13 -9.05 -28.62
C LEU B 1615 8.33 -10.31 -28.88
N PHE B 1616 8.93 -11.48 -28.65
CA PHE B 1616 8.24 -12.74 -28.89
C PHE B 1616 7.17 -12.98 -27.82
N ARG B 1617 7.48 -12.67 -26.56
CA ARG B 1617 6.44 -12.75 -25.54
C ARG B 1617 5.34 -11.73 -25.78
N VAL B 1618 5.69 -10.55 -26.30
CA VAL B 1618 4.66 -9.56 -26.58
C VAL B 1618 3.73 -10.02 -27.71
N ILE B 1619 4.31 -10.57 -28.78
CA ILE B 1619 3.47 -11.09 -29.85
C ILE B 1619 2.74 -12.36 -29.42
N ARG B 1620 3.18 -13.02 -28.34
CA ARG B 1620 2.35 -14.05 -27.71
C ARG B 1620 1.17 -13.43 -26.98
N LEU B 1621 1.42 -12.36 -26.21
CA LEU B 1621 0.35 -11.60 -25.58
C LEU B 1621 -0.69 -11.20 -26.61
N ALA B 1622 -0.25 -11.03 -27.85
CA ALA B 1622 -1.18 -10.70 -28.93
C ALA B 1622 -2.30 -11.73 -29.08
N ARG B 1623 -2.07 -12.97 -28.65
CA ARG B 1623 -3.13 -13.98 -28.72
C ARG B 1623 -4.31 -13.59 -27.82
N ILE B 1624 -4.03 -12.89 -26.72
CA ILE B 1624 -5.05 -12.55 -25.74
C ILE B 1624 -6.15 -11.69 -26.35
N GLY B 1625 -5.84 -10.94 -27.41
CA GLY B 1625 -6.85 -10.08 -28.01
C GLY B 1625 -8.09 -10.82 -28.47
N ARG B 1626 -7.96 -12.11 -28.80
CA ARG B 1626 -9.11 -12.87 -29.28
C ARG B 1626 -10.13 -13.10 -28.18
N ILE B 1627 -9.68 -13.32 -26.93
CA ILE B 1627 -10.64 -13.50 -25.85
C ILE B 1627 -11.37 -12.23 -25.50
N LEU B 1628 -10.92 -11.08 -26.03
CA LEU B 1628 -11.67 -9.85 -25.86
C LEU B 1628 -12.91 -9.81 -26.73
N ARG B 1629 -13.09 -10.76 -27.65
CA ARG B 1629 -14.31 -10.79 -28.47
C ARG B 1629 -15.52 -11.25 -27.68
N LEU B 1630 -15.32 -11.82 -26.49
CA LEU B 1630 -16.45 -12.27 -25.69
C LEU B 1630 -17.36 -11.12 -25.27
N ILE B 1631 -16.80 -9.90 -25.16
CA ILE B 1631 -17.61 -8.77 -24.74
C ILE B 1631 -18.64 -8.40 -25.79
N LYS B 1632 -18.43 -8.83 -27.04
CA LYS B 1632 -19.42 -8.56 -28.09
C LYS B 1632 -20.75 -9.24 -27.77
N GLY B 1633 -20.70 -10.48 -27.28
CA GLY B 1633 -21.89 -11.18 -26.87
C GLY B 1633 -22.52 -10.69 -25.59
N ALA B 1634 -21.88 -9.75 -24.90
CA ALA B 1634 -22.40 -9.14 -23.70
C ALA B 1634 -23.07 -7.81 -24.04
N LYS B 1635 -23.97 -7.37 -23.17
CA LYS B 1635 -24.72 -6.14 -23.36
C LYS B 1635 -24.43 -5.09 -22.29
N GLY B 1636 -24.54 -5.45 -21.01
CA GLY B 1636 -24.22 -4.50 -19.95
C GLY B 1636 -22.76 -4.18 -19.89
N ILE B 1637 -21.91 -5.19 -20.12
CA ILE B 1637 -20.46 -4.96 -20.17
C ILE B 1637 -20.13 -4.03 -21.33
N ARG B 1638 -20.79 -4.21 -22.47
CA ARG B 1638 -20.59 -3.29 -23.59
C ARG B 1638 -21.03 -1.88 -23.23
N THR B 1639 -22.15 -1.74 -22.52
CA THR B 1639 -22.60 -0.42 -22.12
C THR B 1639 -21.61 0.23 -21.14
N LEU B 1640 -21.05 -0.55 -20.24
CA LEU B 1640 -20.10 -0.02 -19.27
C LEU B 1640 -18.79 0.38 -19.92
N LEU B 1641 -18.32 -0.41 -20.90
CA LEU B 1641 -17.15 -0.01 -21.68
C LEU B 1641 -17.45 1.24 -22.50
N PHE B 1642 -18.67 1.36 -23.02
CA PHE B 1642 -19.10 2.61 -23.63
C PHE B 1642 -19.04 3.77 -22.66
N ALA B 1643 -19.40 3.54 -21.40
CA ALA B 1643 -19.29 4.59 -20.40
C ALA B 1643 -17.85 5.03 -20.20
N LEU B 1644 -16.92 4.07 -20.14
CA LEU B 1644 -15.51 4.43 -20.05
C LEU B 1644 -15.06 5.21 -21.28
N MET B 1645 -15.43 4.74 -22.47
CA MET B 1645 -15.09 5.44 -23.70
C MET B 1645 -15.62 6.86 -23.70
N MET B 1646 -16.85 7.04 -23.24
CA MET B 1646 -17.50 8.34 -23.25
C MET B 1646 -16.90 9.26 -22.19
N SER B 1647 -16.37 8.70 -21.10
CA SER B 1647 -15.77 9.49 -20.04
C SER B 1647 -14.27 9.68 -20.19
N LEU B 1648 -13.66 9.10 -21.21
CA LEU B 1648 -12.21 9.28 -21.40
C LEU B 1648 -11.73 10.73 -21.42
N PRO B 1649 -12.33 11.66 -22.16
CA PRO B 1649 -11.68 12.99 -22.31
C PRO B 1649 -11.41 13.71 -21.00
N ALA B 1650 -12.32 13.64 -20.04
CA ALA B 1650 -12.06 14.24 -18.73
C ALA B 1650 -10.89 13.55 -18.05
N LEU B 1651 -10.85 12.22 -18.13
CA LEU B 1651 -9.71 11.47 -17.61
C LEU B 1651 -8.42 11.92 -18.28
N PHE B 1652 -8.47 12.27 -19.56
CA PHE B 1652 -7.27 12.67 -20.28
C PHE B 1652 -6.79 14.04 -19.82
N ASN B 1653 -7.71 14.98 -19.63
CA ASN B 1653 -7.31 16.30 -19.12
C ASN B 1653 -6.71 16.19 -17.72
N ILE B 1654 -7.39 15.43 -16.84
CA ILE B 1654 -6.85 15.25 -15.50
C ILE B 1654 -5.54 14.47 -15.55
N GLY B 1655 -5.38 13.59 -16.53
CA GLY B 1655 -4.12 12.88 -16.66
C GLY B 1655 -2.98 13.78 -17.07
N LEU B 1656 -3.23 14.71 -18.00
CA LEU B 1656 -2.23 15.72 -18.31
C LEU B 1656 -1.85 16.53 -17.08
N LEU B 1657 -2.85 16.96 -16.30
CA LEU B 1657 -2.54 17.73 -15.10
C LEU B 1657 -1.71 16.90 -14.11
N LEU B 1658 -2.11 15.65 -13.90
CA LEU B 1658 -1.40 14.80 -12.95
C LEU B 1658 0.01 14.51 -13.41
N PHE B 1659 0.19 14.28 -14.71
CA PHE B 1659 1.53 14.04 -15.26
C PHE B 1659 2.41 15.27 -15.11
N LEU B 1660 1.84 16.46 -15.34
CA LEU B 1660 2.62 17.69 -15.20
C LEU B 1660 3.03 17.92 -13.75
N VAL B 1661 2.13 17.61 -12.81
CA VAL B 1661 2.47 17.68 -11.39
C VAL B 1661 3.56 16.68 -11.06
N MET B 1662 3.44 15.45 -11.59
CA MET B 1662 4.48 14.45 -11.43
C MET B 1662 5.81 14.97 -11.97
N PHE B 1663 5.76 15.68 -13.09
CA PHE B 1663 6.99 16.20 -13.68
C PHE B 1663 7.66 17.24 -12.76
N ILE B 1664 6.87 18.20 -12.25
CA ILE B 1664 7.45 19.22 -11.38
C ILE B 1664 8.05 18.57 -10.14
N PHE B 1665 7.29 17.67 -9.51
CA PHE B 1665 7.78 17.06 -8.29
C PHE B 1665 8.95 16.13 -8.56
N SER B 1666 8.98 15.51 -9.74
CA SER B 1666 10.11 14.65 -10.10
C SER B 1666 11.38 15.47 -10.29
N ILE B 1667 11.27 16.64 -10.92
CA ILE B 1667 12.44 17.51 -11.03
C ILE B 1667 12.89 17.99 -9.67
N PHE B 1668 11.95 18.29 -8.78
CA PHE B 1668 12.31 18.68 -7.42
C PHE B 1668 13.03 17.54 -6.71
N GLY B 1669 12.57 16.30 -6.90
CA GLY B 1669 13.24 15.16 -6.31
C GLY B 1669 14.63 14.94 -6.88
N MET B 1670 14.75 15.05 -8.19
CA MET B 1670 16.05 14.94 -8.83
C MET B 1670 17.03 15.96 -8.25
N SER B 1671 16.56 17.17 -7.99
CA SER B 1671 17.44 18.20 -7.45
C SER B 1671 17.78 17.96 -5.98
N ASN B 1672 16.79 17.65 -5.15
CA ASN B 1672 17.00 17.61 -3.70
C ASN B 1672 17.30 16.21 -3.18
N PHE B 1673 16.46 15.24 -3.53
CA PHE B 1673 16.47 13.91 -2.95
C PHE B 1673 17.29 12.91 -3.74
N ALA B 1674 18.11 13.38 -4.69
CA ALA B 1674 19.22 12.56 -5.13
C ALA B 1674 20.28 12.58 -4.05
N TYR B 1675 21.18 11.60 -4.09
CA TYR B 1675 22.27 11.49 -3.14
C TYR B 1675 21.79 11.28 -1.70
N VAL B 1676 20.55 10.80 -1.52
CA VAL B 1676 20.07 10.48 -0.18
C VAL B 1676 20.42 9.04 0.12
N LYS B 1677 20.51 8.71 1.41
CA LYS B 1677 20.86 7.35 1.80
C LYS B 1677 19.81 6.37 1.29
N HIS B 1678 20.27 5.21 0.85
CA HIS B 1678 19.39 4.14 0.39
C HIS B 1678 19.04 3.31 1.62
N GLU B 1679 17.93 3.63 2.28
CA GLU B 1679 17.65 3.10 3.60
C GLU B 1679 16.45 2.17 3.62
N ALA B 1680 15.26 2.65 3.26
CA ALA B 1680 14.06 1.84 3.36
C ALA B 1680 13.03 2.41 2.38
N GLY B 1681 12.81 1.73 1.27
CA GLY B 1681 11.95 2.22 0.23
C GLY B 1681 12.65 3.01 -0.83
N ILE B 1682 13.88 3.45 -0.58
CA ILE B 1682 14.76 4.00 -1.58
C ILE B 1682 15.95 3.06 -1.66
N ASP B 1683 16.08 2.37 -2.80
CA ASP B 1683 17.06 1.31 -2.97
C ASP B 1683 18.03 1.72 -4.08
N ASP B 1684 18.89 0.78 -4.49
CA ASP B 1684 19.73 1.01 -5.66
C ASP B 1684 18.90 1.39 -6.87
N MET B 1685 17.61 1.08 -6.83
CA MET B 1685 16.65 1.44 -7.86
C MET B 1685 15.36 1.82 -7.14
N PHE B 1686 14.44 2.44 -7.88
CA PHE B 1686 13.30 3.15 -7.28
C PHE B 1686 13.79 4.23 -6.33
N ASN B 1687 14.65 5.11 -6.85
CA ASN B 1687 15.18 6.25 -6.12
C ASN B 1687 14.95 7.51 -6.91
N PHE B 1688 15.59 8.61 -6.51
CA PHE B 1688 15.41 9.89 -7.18
C PHE B 1688 16.63 10.30 -8.00
N GLU B 1689 17.54 9.36 -8.25
CA GLU B 1689 18.80 9.66 -8.92
C GLU B 1689 18.67 9.89 -10.42
N THR B 1690 17.49 9.71 -10.99
CA THR B 1690 17.31 9.86 -12.43
C THR B 1690 15.84 10.17 -12.68
N PHE B 1691 15.56 10.76 -13.85
CA PHE B 1691 14.18 11.06 -14.19
C PHE B 1691 13.34 9.80 -14.26
N GLY B 1692 13.89 8.71 -14.80
CA GLY B 1692 13.14 7.47 -14.85
C GLY B 1692 12.76 6.97 -13.47
N ASN B 1693 13.76 6.83 -12.59
CA ASN B 1693 13.49 6.34 -11.25
C ASN B 1693 12.61 7.31 -10.47
N SER B 1694 12.78 8.61 -10.71
CA SER B 1694 11.99 9.59 -9.99
C SER B 1694 10.53 9.52 -10.42
N MET B 1695 10.26 9.38 -11.71
CA MET B 1695 8.87 9.22 -12.16
C MET B 1695 8.30 7.89 -11.68
N ILE B 1696 9.14 6.85 -11.57
CA ILE B 1696 8.69 5.61 -10.97
C ILE B 1696 8.18 5.85 -9.56
N CYS B 1697 8.99 6.54 -8.75
CA CYS B 1697 8.61 6.79 -7.36
C CYS B 1697 7.38 7.68 -7.28
N LEU B 1698 7.29 8.72 -8.11
CA LEU B 1698 6.13 9.59 -8.08
C LEU B 1698 4.86 8.86 -8.49
N PHE B 1699 4.93 7.97 -9.48
CA PHE B 1699 3.74 7.23 -9.83
C PHE B 1699 3.35 6.26 -8.73
N GLN B 1700 4.33 5.69 -8.02
CA GLN B 1700 4.00 4.87 -6.87
C GLN B 1700 3.29 5.68 -5.79
N ILE B 1701 3.79 6.89 -5.53
CA ILE B 1701 3.21 7.75 -4.50
C ILE B 1701 1.85 8.30 -4.90
N THR B 1702 1.57 8.45 -6.19
CA THR B 1702 0.30 9.02 -6.64
C THR B 1702 -0.89 8.28 -6.04
N THR B 1703 -0.75 6.96 -5.86
CA THR B 1703 -1.75 6.18 -5.16
C THR B 1703 -1.44 6.03 -3.68
N SER B 1704 -0.62 6.92 -3.13
CA SER B 1704 -0.25 6.98 -1.71
C SER B 1704 0.49 5.75 -1.24
N ALA B 1705 0.81 4.81 -2.13
CA ALA B 1705 1.36 3.52 -1.72
C ALA B 1705 2.79 3.70 -1.23
N GLY B 1706 3.02 3.34 0.04
CA GLY B 1706 4.37 3.33 0.57
C GLY B 1706 5.08 4.66 0.52
N TRP B 1707 4.38 5.76 0.73
CA TRP B 1707 5.05 7.07 0.73
C TRP B 1707 5.79 7.30 2.03
N ASP B 1708 5.43 6.58 3.09
CA ASP B 1708 6.26 6.56 4.29
C ASP B 1708 7.65 6.03 3.97
N GLY B 1709 7.73 5.01 3.11
CA GLY B 1709 9.02 4.45 2.76
C GLY B 1709 9.91 5.47 2.09
N LEU B 1710 9.38 6.19 1.11
CA LEU B 1710 10.16 7.22 0.46
C LEU B 1710 10.53 8.33 1.43
N LEU B 1711 9.60 8.74 2.29
CA LEU B 1711 9.88 9.85 3.19
C LEU B 1711 10.95 9.50 4.22
N LEU B 1712 10.94 8.25 4.73
CA LEU B 1712 11.77 7.92 5.89
C LEU B 1712 13.26 8.16 5.72
N PRO B 1713 13.91 7.83 4.60
CA PRO B 1713 15.35 8.10 4.51
C PRO B 1713 15.69 9.58 4.41
N ILE B 1714 14.71 10.41 4.08
CA ILE B 1714 14.96 11.86 4.06
C ILE B 1714 15.08 12.41 5.47
N LEU B 1715 14.21 11.96 6.36
CA LEU B 1715 14.10 12.52 7.71
C LEU B 1715 15.29 12.21 8.61
N ASN B 1716 16.31 11.49 8.15
CA ASN B 1716 17.40 11.17 9.05
C ASN B 1716 18.39 12.33 9.11
N ARG B 1717 19.26 12.28 10.11
CA ARG B 1717 20.11 13.41 10.46
C ARG B 1717 21.57 12.98 10.48
N PRO B 1718 22.52 13.92 10.47
CA PRO B 1718 23.95 13.55 10.41
C PRO B 1718 24.37 12.59 11.51
N PRO B 1719 23.74 12.59 12.69
CA PRO B 1719 23.99 11.47 13.61
C PRO B 1719 23.73 10.11 13.00
N ASP B 1720 22.69 9.98 12.16
CA ASP B 1720 22.40 8.75 11.45
C ASP B 1720 22.69 8.87 9.96
N CYS B 1721 23.75 9.58 9.60
CA CYS B 1721 24.09 9.84 8.21
C CYS B 1721 25.60 9.96 8.10
N SER B 1722 26.07 10.48 6.97
CA SER B 1722 27.43 10.98 6.84
C SER B 1722 27.32 12.33 6.15
N LEU B 1723 27.71 13.39 6.86
CA LEU B 1723 27.51 14.73 6.32
C LEU B 1723 28.54 15.07 5.24
N ASP B 1724 29.65 14.34 5.21
CA ASP B 1724 30.67 14.49 4.18
C ASP B 1724 30.97 13.10 3.62
N LYS B 1725 30.20 12.70 2.61
CA LYS B 1725 30.39 11.41 1.97
C LYS B 1725 31.24 11.57 0.72
N GLU B 1726 31.86 10.48 0.29
CA GLU B 1726 32.80 10.54 -0.82
C GLU B 1726 32.08 10.89 -2.13
N HIS B 1727 31.02 10.15 -2.45
CA HIS B 1727 30.25 10.34 -3.68
C HIS B 1727 31.15 10.39 -4.91
N PRO B 1728 31.71 9.26 -5.33
CA PRO B 1728 32.62 9.28 -6.47
C PRO B 1728 31.92 9.70 -7.76
N GLY B 1729 32.67 10.34 -8.64
CA GLY B 1729 32.15 10.76 -9.91
C GLY B 1729 31.34 12.03 -9.90
N SER B 1730 31.24 12.70 -8.75
CA SER B 1730 30.48 13.95 -8.66
C SER B 1730 31.00 14.76 -7.49
N GLY B 1731 31.14 16.07 -7.70
CA GLY B 1731 31.59 16.94 -6.63
C GLY B 1731 30.59 17.13 -5.51
N PHE B 1732 29.33 16.75 -5.73
CA PHE B 1732 28.31 16.87 -4.69
C PHE B 1732 28.68 16.00 -3.50
N LYS B 1733 28.44 16.52 -2.30
CA LYS B 1733 28.75 15.82 -1.06
C LYS B 1733 27.53 15.83 -0.16
N GLY B 1734 27.61 15.04 0.91
CA GLY B 1734 26.48 14.90 1.81
C GLY B 1734 25.58 13.73 1.45
N ASP B 1735 25.23 12.92 2.44
CA ASP B 1735 24.52 11.66 2.21
C ASP B 1735 23.02 11.74 2.41
N CYS B 1736 22.50 12.74 3.13
CA CYS B 1736 21.06 12.83 3.29
C CYS B 1736 20.62 14.28 3.19
N GLY B 1737 19.35 14.45 2.80
CA GLY B 1737 18.80 15.75 2.46
C GLY B 1737 18.21 16.49 3.64
N ASN B 1738 17.38 17.48 3.30
CA ASN B 1738 16.83 18.39 4.30
C ASN B 1738 15.49 17.86 4.78
N PRO B 1739 15.33 17.54 6.07
CA PRO B 1739 14.05 17.00 6.54
C PRO B 1739 12.86 17.89 6.25
N SER B 1740 13.00 19.21 6.43
CA SER B 1740 11.87 20.11 6.30
C SER B 1740 11.30 20.10 4.89
N VAL B 1741 12.14 20.23 3.88
CA VAL B 1741 11.65 20.13 2.51
C VAL B 1741 11.22 18.71 2.17
N GLY B 1742 11.76 17.71 2.86
CA GLY B 1742 11.28 16.35 2.67
C GLY B 1742 9.82 16.19 3.05
N ILE B 1743 9.45 16.75 4.21
CA ILE B 1743 8.07 16.67 4.67
C ILE B 1743 7.17 17.51 3.78
N PHE B 1744 7.65 18.69 3.37
CA PHE B 1744 6.84 19.54 2.51
C PHE B 1744 6.67 18.92 1.13
N PHE B 1745 7.69 18.22 0.64
CA PHE B 1745 7.60 17.60 -0.68
C PHE B 1745 6.52 16.52 -0.71
N PHE B 1746 6.45 15.71 0.34
CA PHE B 1746 5.57 14.54 0.32
C PHE B 1746 4.17 14.86 0.83
N VAL B 1747 4.06 15.69 1.86
CA VAL B 1747 2.73 16.10 2.32
C VAL B 1747 2.00 16.87 1.24
N SER B 1748 2.70 17.77 0.54
CA SER B 1748 2.04 18.55 -0.49
C SER B 1748 1.75 17.73 -1.73
N TYR B 1749 2.53 16.68 -1.97
CA TYR B 1749 2.18 15.79 -3.08
C TYR B 1749 1.00 14.91 -2.73
N ILE B 1750 0.94 14.41 -1.49
CA ILE B 1750 -0.19 13.58 -1.08
C ILE B 1750 -1.48 14.37 -1.17
N ILE B 1751 -1.46 15.62 -0.70
CA ILE B 1751 -2.65 16.46 -0.80
C ILE B 1751 -3.00 16.75 -2.25
N ILE B 1752 -2.01 17.19 -3.04
CA ILE B 1752 -2.28 17.54 -4.43
C ILE B 1752 -2.74 16.32 -5.21
N SER B 1753 -2.02 15.20 -5.05
CA SER B 1753 -2.43 13.98 -5.75
C SER B 1753 -3.81 13.53 -5.30
N PHE B 1754 -4.10 13.63 -4.00
CA PHE B 1754 -5.42 13.24 -3.51
C PHE B 1754 -6.51 14.07 -4.17
N LEU B 1755 -6.32 15.39 -4.26
CA LEU B 1755 -7.31 16.23 -4.89
C LEU B 1755 -7.43 15.96 -6.39
N ILE B 1756 -6.36 15.49 -7.01
CA ILE B 1756 -6.41 15.15 -8.44
C ILE B 1756 -7.13 13.82 -8.64
N VAL B 1757 -6.69 12.78 -7.93
CA VAL B 1757 -7.26 11.46 -8.13
C VAL B 1757 -8.72 11.43 -7.71
N VAL B 1758 -9.10 12.24 -6.71
CA VAL B 1758 -10.51 12.35 -6.36
C VAL B 1758 -11.34 12.82 -7.54
N ASN B 1759 -10.88 13.88 -8.22
CA ASN B 1759 -11.62 14.38 -9.38
C ASN B 1759 -11.66 13.35 -10.49
N MET B 1760 -10.66 12.47 -10.56
CA MET B 1760 -10.75 11.33 -11.48
C MET B 1760 -11.91 10.43 -11.09
N TYR B 1761 -12.06 10.15 -9.80
CA TYR B 1761 -13.18 9.34 -9.35
C TYR B 1761 -14.51 10.00 -9.67
N ILE B 1762 -14.64 11.30 -9.36
CA ILE B 1762 -15.89 12.00 -9.59
C ILE B 1762 -16.22 12.05 -11.08
N ALA B 1763 -15.22 12.34 -11.91
CA ALA B 1763 -15.45 12.34 -13.35
C ALA B 1763 -15.87 10.98 -13.86
N ILE B 1764 -15.54 9.92 -13.13
CA ILE B 1764 -15.97 8.57 -13.50
C ILE B 1764 -17.30 8.24 -12.86
N ILE B 1765 -17.43 8.50 -11.55
CA ILE B 1765 -18.63 8.10 -10.83
C ILE B 1765 -19.85 8.85 -11.36
N LEU B 1766 -19.74 10.17 -11.48
CA LEU B 1766 -20.90 10.95 -11.91
C LEU B 1766 -21.28 10.63 -13.34
N GLU B 1767 -20.30 10.34 -14.20
CA GLU B 1767 -20.62 9.95 -15.57
C GLU B 1767 -21.42 8.65 -15.60
N ASN B 1768 -21.07 7.70 -14.74
CA ASN B 1768 -21.80 6.44 -14.70
C ASN B 1768 -23.24 6.66 -14.29
N PHE B 1769 -23.48 7.56 -13.34
CA PHE B 1769 -24.84 7.90 -12.95
C PHE B 1769 -25.63 8.46 -14.13
N SER B 1770 -25.02 9.34 -14.92
CA SER B 1770 -25.72 9.98 -16.02
C SER B 1770 -26.06 9.03 -17.16
N VAL B 1771 -25.47 7.84 -17.18
CA VAL B 1771 -25.80 6.86 -18.22
C VAL B 1771 -27.26 6.44 -18.10
N ALA B 1772 -27.72 6.16 -16.88
CA ALA B 1772 -29.10 5.76 -16.65
C ALA B 1772 -29.76 6.67 -15.63
N SER C 29 3.02 -29.74 26.30
CA SER C 29 4.00 -30.68 25.74
C SER C 29 3.93 -30.72 24.22
N MET C 30 3.88 -31.93 23.67
CA MET C 30 3.77 -32.12 22.24
C MET C 30 2.47 -32.85 21.91
N GLU C 31 1.89 -32.49 20.79
CA GLU C 31 0.64 -33.11 20.37
C GLU C 31 0.92 -34.54 19.92
N VAL C 32 0.97 -35.46 20.88
CA VAL C 32 1.27 -36.87 20.64
C VAL C 32 0.07 -37.70 21.07
N THR C 33 -0.40 -38.56 20.18
CA THR C 33 -1.53 -39.44 20.46
C THR C 33 -1.03 -40.87 20.56
N VAL C 34 -1.50 -41.58 21.59
CA VAL C 34 -1.09 -42.96 21.84
C VAL C 34 -2.31 -43.76 22.27
N PRO C 35 -2.27 -45.08 22.08
CA PRO C 35 -3.29 -45.93 22.70
C PRO C 35 -3.22 -45.86 24.21
N ALA C 36 -4.31 -45.43 24.85
CA ALA C 36 -4.28 -45.21 26.29
C ALA C 36 -3.97 -46.49 27.06
N THR C 37 -4.58 -47.60 26.67
CA THR C 37 -4.34 -48.88 27.32
C THR C 37 -4.50 -49.99 26.28
N LEU C 38 -3.51 -50.87 26.20
CA LEU C 38 -3.53 -51.97 25.25
C LEU C 38 -3.30 -53.28 25.98
N ASN C 39 -4.00 -54.32 25.53
CA ASN C 39 -3.89 -55.66 26.09
C ASN C 39 -3.26 -56.59 25.08
N VAL C 40 -2.33 -57.42 25.55
CA VAL C 40 -1.58 -58.32 24.69
C VAL C 40 -1.61 -59.72 25.28
N LEU C 41 -1.75 -60.72 24.42
CA LEU C 41 -1.73 -62.11 24.85
C LEU C 41 -0.32 -62.55 25.20
N ASN C 42 -0.23 -63.67 25.93
CA ASN C 42 1.05 -64.21 26.36
C ASN C 42 1.93 -64.58 25.17
N GLY C 43 3.05 -63.87 24.99
CA GLY C 43 3.98 -64.17 23.93
C GLY C 43 3.53 -63.73 22.55
N SER C 44 2.46 -62.95 22.45
CA SER C 44 1.95 -62.51 21.15
C SER C 44 2.52 -61.12 20.80
N ASP C 45 2.28 -60.72 19.56
CA ASP C 45 2.79 -59.44 19.08
C ASP C 45 2.06 -58.27 19.73
N ALA C 46 2.79 -57.19 19.97
CA ALA C 46 2.23 -55.95 20.50
C ALA C 46 2.94 -54.77 19.87
N ARG C 47 2.19 -53.90 19.20
CA ARG C 47 2.73 -52.69 18.58
C ARG C 47 2.12 -51.50 19.30
N LEU C 48 2.95 -50.75 20.02
CA LEU C 48 2.48 -49.59 20.79
C LEU C 48 3.07 -48.33 20.18
N PRO C 49 2.30 -47.57 19.42
CA PRO C 49 2.86 -46.44 18.67
C PRO C 49 2.76 -45.11 19.43
N CYS C 50 3.53 -44.13 18.94
CA CYS C 50 3.42 -42.74 19.34
C CYS C 50 3.23 -41.92 18.07
N THR C 51 1.98 -41.71 17.68
CA THR C 51 1.69 -40.83 16.56
C THR C 51 1.59 -39.39 17.07
N PHE C 52 2.04 -38.46 16.23
CA PHE C 52 2.15 -37.05 16.63
C PHE C 52 1.89 -36.20 15.41
N ASN C 53 1.22 -35.07 15.60
CA ASN C 53 1.01 -34.11 14.51
C ASN C 53 1.60 -32.77 14.93
N SER C 54 2.47 -32.21 14.08
CA SER C 54 3.11 -30.94 14.40
C SER C 54 3.19 -30.12 13.11
N CYS C 55 3.62 -28.86 13.25
CA CYS C 55 4.04 -28.08 12.11
C CYS C 55 5.42 -28.59 11.65
N TYR C 56 5.91 -28.05 10.53
CA TYR C 56 7.28 -28.34 10.08
C TYR C 56 7.49 -29.84 9.88
N THR C 57 6.84 -30.35 8.83
CA THR C 57 6.96 -31.76 8.44
C THR C 57 8.37 -32.28 8.66
N VAL C 58 8.46 -33.46 9.27
CA VAL C 58 9.67 -33.90 9.94
C VAL C 58 10.81 -34.08 8.95
N ASN C 59 11.96 -33.49 9.26
CA ASN C 59 13.20 -33.76 8.54
C ASN C 59 13.92 -34.91 9.24
N HIS C 60 15.02 -35.38 8.66
CA HIS C 60 15.68 -36.59 9.15
C HIS C 60 16.95 -36.31 9.95
N LYS C 61 17.62 -35.19 9.65
CA LYS C 61 18.94 -34.97 10.25
C LYS C 61 18.86 -34.29 11.62
N GLN C 62 18.20 -33.14 11.70
CA GLN C 62 18.19 -32.39 12.96
C GLN C 62 17.13 -32.94 13.91
N PHE C 63 16.23 -33.77 13.41
CA PHE C 63 15.19 -34.36 14.23
C PHE C 63 15.76 -35.32 15.28
N SER C 64 15.03 -35.47 16.38
CA SER C 64 15.41 -36.39 17.44
C SER C 64 14.14 -37.01 18.05
N LEU C 65 14.18 -38.32 18.27
CA LEU C 65 13.13 -39.01 19.01
C LEU C 65 13.79 -39.86 20.08
N ASN C 66 13.15 -39.94 21.25
CA ASN C 66 13.66 -40.72 22.35
C ASN C 66 12.57 -41.68 22.83
N TRP C 67 12.99 -42.80 23.39
CA TRP C 67 12.06 -43.79 23.94
C TRP C 67 12.58 -44.24 25.29
N THR C 68 11.79 -44.03 26.34
CA THR C 68 12.13 -44.50 27.68
C THR C 68 11.08 -45.50 28.15
N TYR C 69 11.56 -46.55 28.81
CA TYR C 69 10.69 -47.58 29.34
C TYR C 69 10.89 -47.68 30.85
N GLN C 70 9.78 -47.91 31.57
CA GLN C 70 9.79 -48.08 33.00
C GLN C 70 9.14 -49.41 33.34
N GLU C 71 9.82 -50.24 34.14
CA GLU C 71 9.23 -51.50 34.55
C GLU C 71 8.07 -51.32 35.53
N CYS C 72 7.91 -50.13 36.10
CA CYS C 72 6.71 -49.79 36.87
C CYS C 72 6.68 -48.27 37.03
N ASN C 73 5.62 -47.77 37.67
CA ASN C 73 5.40 -46.34 37.74
C ASN C 73 6.48 -45.64 38.57
N ASN C 74 6.77 -46.13 39.78
CA ASN C 74 7.62 -45.44 40.73
C ASN C 74 9.05 -45.95 40.73
N CYS C 75 9.40 -46.85 39.82
CA CYS C 75 10.75 -47.39 39.75
C CYS C 75 11.55 -46.67 38.67
N SER C 76 12.74 -47.18 38.38
CA SER C 76 13.71 -46.50 37.53
C SER C 76 13.24 -46.44 36.08
N GLU C 77 13.61 -45.37 35.40
CA GLU C 77 13.39 -45.19 33.97
C GLU C 77 14.64 -45.59 33.20
N GLU C 78 14.45 -46.19 32.02
CA GLU C 78 15.56 -46.79 31.28
C GLU C 78 15.49 -46.35 29.83
N MET C 79 16.58 -45.77 29.34
CA MET C 79 16.72 -45.44 27.92
C MET C 79 16.99 -46.71 27.11
N PHE C 80 16.22 -46.92 26.05
CA PHE C 80 16.42 -48.08 25.19
C PHE C 80 16.38 -47.78 23.70
N LEU C 81 15.94 -46.60 23.27
CA LEU C 81 15.85 -46.32 21.85
C LEU C 81 16.10 -44.84 21.59
N GLN C 82 17.05 -44.56 20.71
CA GLN C 82 17.41 -43.21 20.31
C GLN C 82 17.24 -43.08 18.80
N PHE C 83 17.05 -41.85 18.35
CA PHE C 83 17.25 -41.52 16.94
C PHE C 83 17.85 -40.12 16.90
N ARG C 84 19.18 -40.06 16.92
CA ARG C 84 19.93 -38.82 16.81
C ARG C 84 20.67 -38.93 15.48
N MET C 85 20.13 -38.25 14.46
CA MET C 85 20.60 -38.18 13.07
C MET C 85 20.63 -39.57 12.43
N LYS C 86 20.23 -40.59 13.18
CA LYS C 86 20.21 -41.98 12.73
C LYS C 86 19.55 -42.82 13.80
N ILE C 87 19.07 -43.99 13.42
CA ILE C 87 18.44 -44.91 14.35
C ILE C 87 19.51 -45.46 15.29
N ILE C 88 19.29 -45.29 16.60
CA ILE C 88 20.24 -45.72 17.61
C ILE C 88 19.46 -46.49 18.67
N ASN C 89 19.60 -47.80 18.70
CA ASN C 89 18.94 -48.63 19.71
C ASN C 89 19.95 -49.01 20.80
N LEU C 90 19.57 -48.77 22.05
CA LEU C 90 20.47 -49.07 23.17
C LEU C 90 20.56 -50.57 23.45
N LYS C 91 19.54 -51.34 23.07
CA LYS C 91 19.56 -52.80 23.18
C LYS C 91 19.74 -53.24 24.63
N LEU C 92 18.80 -52.83 25.48
CA LEU C 92 18.87 -53.19 26.89
C LEU C 92 18.59 -54.68 27.08
N GLU C 93 18.93 -55.18 28.27
CA GLU C 93 18.69 -56.58 28.58
C GLU C 93 17.20 -56.91 28.62
N ARG C 94 16.35 -55.92 28.89
CA ARG C 94 14.91 -56.14 28.85
C ARG C 94 14.39 -56.25 27.42
N PHE C 95 15.03 -55.54 26.48
CA PHE C 95 14.60 -55.44 25.09
C PHE C 95 15.77 -55.70 24.15
N GLN C 96 16.47 -56.82 24.38
CA GLN C 96 17.69 -57.12 23.63
C GLN C 96 17.43 -57.10 22.12
N ASP C 97 16.58 -58.00 21.65
CA ASP C 97 16.25 -58.06 20.23
C ASP C 97 14.75 -58.26 20.01
N ARG C 98 13.92 -57.66 20.85
CA ARG C 98 12.48 -57.80 20.75
C ARG C 98 11.79 -56.51 20.34
N VAL C 99 12.13 -55.37 20.96
CA VAL C 99 11.57 -54.10 20.52
C VAL C 99 12.25 -53.66 19.24
N GLU C 100 11.46 -53.43 18.20
CA GLU C 100 11.98 -53.01 16.91
C GLU C 100 11.19 -51.80 16.44
N PHE C 101 11.91 -50.85 15.85
CA PHE C 101 11.32 -49.61 15.36
C PHE C 101 11.07 -49.75 13.87
N SER C 102 9.81 -49.92 13.49
CA SER C 102 9.40 -50.03 12.11
C SER C 102 8.37 -48.97 11.76
N GLY C 103 8.49 -47.81 12.40
CA GLY C 103 7.59 -46.70 12.17
C GLY C 103 8.02 -45.84 10.99
N ASN C 104 7.47 -44.63 10.94
CA ASN C 104 7.78 -43.72 9.85
C ASN C 104 7.75 -42.29 10.36
N PRO C 105 8.89 -41.71 10.73
CA PRO C 105 8.90 -40.32 11.21
C PRO C 105 8.31 -39.34 10.23
N SER C 106 8.53 -39.54 8.92
CA SER C 106 7.91 -38.66 7.93
C SER C 106 6.39 -38.79 7.97
N LYS C 107 5.87 -40.01 8.12
CA LYS C 107 4.45 -40.24 8.31
C LYS C 107 4.04 -40.09 9.78
N TYR C 108 4.91 -39.49 10.60
CA TYR C 108 4.57 -39.12 11.98
C TYR C 108 4.31 -40.34 12.84
N ASP C 109 5.15 -41.37 12.68
CA ASP C 109 5.03 -42.62 13.42
C ASP C 109 6.40 -43.02 13.92
N VAL C 110 6.54 -43.11 15.25
CA VAL C 110 7.80 -43.52 15.87
C VAL C 110 7.54 -44.81 16.64
N SER C 111 6.65 -45.64 16.09
CA SER C 111 6.12 -46.79 16.81
C SER C 111 7.20 -47.79 17.17
N VAL C 112 7.01 -48.45 18.31
CA VAL C 112 7.83 -49.58 18.74
C VAL C 112 6.93 -50.79 18.89
N MET C 113 7.37 -51.92 18.37
CA MET C 113 6.63 -53.17 18.49
C MET C 113 7.43 -54.14 19.36
N LEU C 114 6.75 -54.79 20.30
CA LEU C 114 7.37 -55.73 21.23
C LEU C 114 6.89 -57.13 20.92
N ARG C 115 7.76 -57.94 20.33
CA ARG C 115 7.46 -59.34 20.07
C ARG C 115 7.87 -60.19 21.27
N ASN C 116 7.10 -61.26 21.49
CA ASN C 116 7.28 -62.14 22.64
C ASN C 116 7.21 -61.35 23.95
N VAL C 117 6.04 -60.75 24.18
CA VAL C 117 5.83 -59.96 25.38
C VAL C 117 5.95 -60.85 26.62
N GLN C 118 6.58 -60.31 27.65
CA GLN C 118 6.76 -61.02 28.90
C GLN C 118 6.26 -60.19 30.07
N PRO C 119 5.63 -60.82 31.07
CA PRO C 119 4.81 -60.07 32.04
C PRO C 119 5.58 -59.01 32.82
N GLU C 120 6.90 -59.18 32.99
CA GLU C 120 7.69 -58.13 33.61
C GLU C 120 7.96 -56.96 32.67
N ASP C 121 7.37 -56.96 31.47
CA ASP C 121 7.32 -55.76 30.65
C ASP C 121 6.18 -54.83 31.03
N GLU C 122 5.27 -55.28 31.90
CA GLU C 122 4.17 -54.43 32.34
C GLU C 122 4.72 -53.19 33.02
N GLY C 123 4.46 -52.03 32.43
CA GLY C 123 5.00 -50.78 32.94
C GLY C 123 4.57 -49.60 32.09
N ILE C 124 5.50 -48.68 31.84
CA ILE C 124 5.18 -47.45 31.10
C ILE C 124 6.16 -47.27 29.96
N TYR C 125 5.63 -47.14 28.75
CA TYR C 125 6.38 -46.64 27.61
C TYR C 125 6.26 -45.12 27.57
N ASN C 126 7.40 -44.45 27.51
CA ASN C 126 7.43 -43.00 27.32
C ASN C 126 8.29 -42.68 26.11
N CYS C 127 7.71 -42.00 25.15
CA CYS C 127 8.40 -41.58 23.94
C CYS C 127 8.65 -40.08 24.01
N TYR C 128 9.90 -39.68 23.78
CA TYR C 128 10.29 -38.27 23.87
C TYR C 128 10.63 -37.79 22.47
N ILE C 129 10.04 -36.68 22.05
CA ILE C 129 10.18 -36.22 20.68
C ILE C 129 10.51 -34.72 20.68
N MET C 130 11.23 -34.30 19.65
CA MET C 130 11.54 -32.89 19.43
C MET C 130 11.57 -32.63 17.94
N ASN C 131 10.58 -31.88 17.45
CA ASN C 131 10.51 -31.47 16.06
C ASN C 131 11.46 -30.30 15.89
N PRO C 132 12.41 -30.37 14.96
CA PRO C 132 13.58 -29.46 14.99
C PRO C 132 13.17 -27.99 14.95
N PRO C 133 12.47 -27.55 13.91
CA PRO C 133 12.26 -26.14 13.76
C PRO C 133 11.27 -25.48 14.73
N ASP C 134 10.28 -26.20 15.25
CA ASP C 134 9.51 -25.72 16.40
C ASP C 134 10.31 -25.99 17.68
N ARG C 135 9.89 -25.39 18.80
CA ARG C 135 10.48 -25.70 20.10
C ARG C 135 9.42 -26.21 21.06
N HIS C 136 8.31 -26.74 20.54
CA HIS C 136 7.24 -27.31 21.35
C HIS C 136 7.67 -28.71 21.77
N ARG C 137 8.78 -28.77 22.50
CA ARG C 137 9.31 -30.03 23.00
C ARG C 137 8.29 -30.64 23.95
N GLY C 138 8.03 -31.94 23.79
CA GLY C 138 6.96 -32.57 24.51
C GLY C 138 7.32 -33.98 24.94
N HIS C 139 6.31 -34.72 25.37
CA HIS C 139 6.50 -35.97 26.07
C HIS C 139 5.51 -37.00 25.53
N GLY C 140 5.49 -38.17 26.16
CA GLY C 140 4.56 -39.22 25.81
C GLY C 140 4.44 -40.25 26.91
N LYS C 141 3.24 -40.79 27.11
CA LYS C 141 3.00 -41.81 28.12
C LYS C 141 2.16 -42.94 27.55
N ILE C 142 2.63 -44.17 27.72
CA ILE C 142 1.92 -45.37 27.31
C ILE C 142 1.98 -46.38 28.45
N HIS C 143 0.85 -46.95 28.79
CA HIS C 143 0.75 -47.96 29.84
C HIS C 143 0.43 -49.31 29.21
N LEU C 144 1.34 -50.26 29.35
CA LEU C 144 1.19 -51.59 28.76
C LEU C 144 1.10 -52.62 29.88
N GLN C 145 0.15 -53.55 29.75
CA GLN C 145 -0.01 -54.64 30.69
C GLN C 145 -0.20 -55.93 29.91
N VAL C 146 0.29 -57.03 30.49
CA VAL C 146 0.25 -58.34 29.87
C VAL C 146 -0.70 -59.24 30.65
N LEU C 147 -1.60 -59.91 29.95
CA LEU C 147 -2.60 -60.77 30.57
C LEU C 147 -2.02 -62.16 30.79
N MET C 148 -2.42 -62.78 31.91
CA MET C 148 -2.00 -64.14 32.22
C MET C 148 -2.73 -65.15 31.34
#